data_3GYH
# 
_entry.id   3GYH 
# 
_audit_conform.dict_name       mmcif_pdbx.dic 
_audit_conform.dict_version    5.387 
_audit_conform.dict_location   http://mmcif.pdb.org/dictionaries/ascii/mmcif_pdbx.dic 
# 
loop_
_database_2.database_id 
_database_2.database_code 
_database_2.pdbx_database_accession 
_database_2.pdbx_DOI 
PDB   3GYH         pdb_00003gyh 10.2210/pdb3gyh/pdb 
NDB   PD1293       ?            ?                   
RCSB  RCSB052464   ?            ?                   
WWPDB D_1000052464 ?            ?                   
# 
loop_
_pdbx_audit_revision_history.ordinal 
_pdbx_audit_revision_history.data_content_type 
_pdbx_audit_revision_history.major_revision 
_pdbx_audit_revision_history.minor_revision 
_pdbx_audit_revision_history.revision_date 
1 'Structure model' 1 0 2009-06-16 
2 'Structure model' 1 1 2011-07-13 
3 'Structure model' 1 2 2024-02-21 
# 
_pdbx_audit_revision_details.ordinal             1 
_pdbx_audit_revision_details.revision_ordinal    1 
_pdbx_audit_revision_details.data_content_type   'Structure model' 
_pdbx_audit_revision_details.provider            repository 
_pdbx_audit_revision_details.type                'Initial release' 
_pdbx_audit_revision_details.description         ? 
_pdbx_audit_revision_details.details             ? 
# 
loop_
_pdbx_audit_revision_group.ordinal 
_pdbx_audit_revision_group.revision_ordinal 
_pdbx_audit_revision_group.data_content_type 
_pdbx_audit_revision_group.group 
1 2 'Structure model' Advisory                    
2 2 'Structure model' 'Refinement description'    
3 2 'Structure model' 'Version format compliance' 
4 3 'Structure model' 'Data collection'           
5 3 'Structure model' 'Database references'       
6 3 'Structure model' 'Derived calculations'      
# 
loop_
_pdbx_audit_revision_category.ordinal 
_pdbx_audit_revision_category.revision_ordinal 
_pdbx_audit_revision_category.data_content_type 
_pdbx_audit_revision_category.category 
1 3 'Structure model' chem_comp_atom     
2 3 'Structure model' chem_comp_bond     
3 3 'Structure model' database_2         
4 3 'Structure model' struct_conn        
5 3 'Structure model' struct_ref_seq_dif 
6 3 'Structure model' struct_site        
# 
loop_
_pdbx_audit_revision_item.ordinal 
_pdbx_audit_revision_item.revision_ordinal 
_pdbx_audit_revision_item.data_content_type 
_pdbx_audit_revision_item.item 
1  3 'Structure model' '_database_2.pdbx_DOI'                
2  3 'Structure model' '_database_2.pdbx_database_accession' 
3  3 'Structure model' '_struct_conn.pdbx_leaving_atom_flag' 
4  3 'Structure model' '_struct_conn.ptnr1_auth_comp_id'     
5  3 'Structure model' '_struct_conn.ptnr1_auth_seq_id'      
6  3 'Structure model' '_struct_conn.ptnr1_label_asym_id'    
7  3 'Structure model' '_struct_conn.ptnr1_label_atom_id'    
8  3 'Structure model' '_struct_conn.ptnr1_label_comp_id'    
9  3 'Structure model' '_struct_conn.ptnr1_label_seq_id'     
10 3 'Structure model' '_struct_conn.ptnr2_auth_comp_id'     
11 3 'Structure model' '_struct_conn.ptnr2_auth_seq_id'      
12 3 'Structure model' '_struct_conn.ptnr2_label_asym_id'    
13 3 'Structure model' '_struct_conn.ptnr2_label_atom_id'    
14 3 'Structure model' '_struct_conn.ptnr2_label_comp_id'    
15 3 'Structure model' '_struct_conn.ptnr2_label_seq_id'     
16 3 'Structure model' '_struct_ref_seq_dif.details'         
17 3 'Structure model' '_struct_site.pdbx_auth_asym_id'      
18 3 'Structure model' '_struct_site.pdbx_auth_comp_id'      
19 3 'Structure model' '_struct_site.pdbx_auth_seq_id'       
# 
_pdbx_database_status.entry_id                        3GYH 
_pdbx_database_status.deposit_site                    RCSB 
_pdbx_database_status.process_site                    RCSB 
_pdbx_database_status.recvd_initial_deposition_date   2009-04-03 
_pdbx_database_status.status_code                     REL 
_pdbx_database_status.status_code_sf                  REL 
_pdbx_database_status.status_code_mr                  ? 
_pdbx_database_status.SG_entry                        ? 
_pdbx_database_status.pdb_format_compatible           Y 
_pdbx_database_status.status_code_cs                  ? 
_pdbx_database_status.status_code_nmr_data            ? 
_pdbx_database_status.methods_development_category    ? 
# 
loop_
_pdbx_database_related.db_name 
_pdbx_database_related.db_id 
_pdbx_database_related.details 
_pdbx_database_related.content_type 
PDB 3GVA 'Same protein without DNA' unspecified 
PDB 3GX4 'Same protein with DNA'    unspecified 
# 
loop_
_audit_author.name 
_audit_author.pdbx_ordinal 
'Tubbs, J.L.'  1 
'Arvai, A.S.'  2 
'Tainer, J.A.' 3 
'Shin, D.S.'   4 
# 
_citation.id                        primary 
_citation.title                     'Flipping of alkylated DNA damage bridges base and nucleotide excision repair.' 
_citation.journal_abbrev            Nature 
_citation.journal_volume            459 
_citation.page_first                808 
_citation.page_last                 813 
_citation.year                      2009 
_citation.journal_id_ASTM           NATUAS 
_citation.country                   UK 
_citation.journal_id_ISSN           0028-0836 
_citation.journal_id_CSD            0006 
_citation.book_publisher            ? 
_citation.pdbx_database_id_PubMed   19516334 
_citation.pdbx_database_id_DOI      10.1038/nature08076 
# 
loop_
_citation_author.citation_id 
_citation_author.name 
_citation_author.ordinal 
_citation_author.identifier_ORCID 
primary 'Tubbs, J.L.'            1  ? 
primary 'Latypov, V.'            2  ? 
primary 'Kanugula, S.'           3  ? 
primary 'Butt, A.'               4  ? 
primary 'Melikishvili, M.'       5  ? 
primary 'Kraehenbuehl, R.'       6  ? 
primary 'Fleck, O.'              7  ? 
primary 'Marriott, A.'           8  ? 
primary 'Watson, A.J.'           9  ? 
primary 'Verbeek, B.'            10 ? 
primary 'McGown, G.'             11 ? 
primary 'Thorncroft, M.'         12 ? 
primary 'Santibanez-Koref, M.F.' 13 ? 
primary 'Millington, C.'         14 ? 
primary 'Arvai, A.S.'            15 ? 
primary 'Kroeger, M.D.'          16 ? 
primary 'Peterson, L.A.'         17 ? 
primary 'Williams, D.M.'         18 ? 
primary 'Fried, M.G.'            19 ? 
primary 'Margison, G.P.'         20 ? 
primary 'Pegg, A.E.'             21 ? 
primary 'Tainer, J.A.'           22 ? 
# 
loop_
_entity.id 
_entity.type 
_entity.src_method 
_entity.pdbx_description 
_entity.formula_weight 
_entity.pdbx_number_of_molecules 
_entity.pdbx_ec 
_entity.pdbx_mutation 
_entity.pdbx_fragment 
_entity.details 
1 polymer     man 'Alkyltransferase-like protein 1'                       13662.412 1 ? ? ? ? 
2 polymer     syn 
;DNA (5'-D(*GP*CP*CP*AP*TP*GP*GP*CP*TP*AP*GP*TP*A)-3')
;
3991.610  1 ? ? ? ? 
3 polymer     syn 
;DNA (5'-D(*CP*TP*AP*CP*TP*AP*GP*CP*CP*AP*TP*GP*G)-3')
;
3951.586  1 ? ? ? ? 
4 non-polymer syn 1-PYRIDIN-3-YLBUTAN-1-ONE                               149.190   1 ? ? ? ? 
5 water       nat water                                                   18.015    2 ? ? ? ? 
# 
loop_
_entity_poly.entity_id 
_entity_poly.type 
_entity_poly.nstd_linkage 
_entity_poly.nstd_monomer 
_entity_poly.pdbx_seq_one_letter_code 
_entity_poly.pdbx_seq_one_letter_code_can 
_entity_poly.pdbx_strand_id 
_entity_poly.pdbx_target_identifier 
1 'polypeptide(L)'        no no 
;MRMDEFYTKVYDAVCEIPYGKVSTYGEIARYVGMPSYARQVGQAMKHLHPETHVPWHRVINSRGTISKRDISAGEQRQKD
RLEEEGVEIYQTSLGEYKLNLPEYMWKPGSHHHHHH
;
;MRMDEFYTKVYDAVCEIPYGKVSTYGEIARYVGMPSYARQVGQAMKHLHPETHVPWHRVINSRGTISKRDISAGEQRQKD
RLEEEGVEIYQTSLGEYKLNLPEYMWKPGSHHHHHH
;
X ? 
2 polydeoxyribonucleotide no no '(DG)(DC)(DC)(DA)(DT)(DG)(DG)(DC)(DT)(DA)(DG)(DT)(DA)' GCCATGGCTAGTA Y ? 
3 polydeoxyribonucleotide no no '(DC)(DT)(DA)(DC)(DT)(DA)(DG)(DC)(DC)(DA)(DT)(DG)(DG)' CTACTAGCCATGG Z ? 
# 
loop_
_pdbx_entity_nonpoly.entity_id 
_pdbx_entity_nonpoly.name 
_pdbx_entity_nonpoly.comp_id 
4 1-PYRIDIN-3-YLBUTAN-1-ONE PBO 
5 water                     HOH 
# 
loop_
_entity_poly_seq.entity_id 
_entity_poly_seq.num 
_entity_poly_seq.mon_id 
_entity_poly_seq.hetero 
1 1   MET n 
1 2   ARG n 
1 3   MET n 
1 4   ASP n 
1 5   GLU n 
1 6   PHE n 
1 7   TYR n 
1 8   THR n 
1 9   LYS n 
1 10  VAL n 
1 11  TYR n 
1 12  ASP n 
1 13  ALA n 
1 14  VAL n 
1 15  CYS n 
1 16  GLU n 
1 17  ILE n 
1 18  PRO n 
1 19  TYR n 
1 20  GLY n 
1 21  LYS n 
1 22  VAL n 
1 23  SER n 
1 24  THR n 
1 25  TYR n 
1 26  GLY n 
1 27  GLU n 
1 28  ILE n 
1 29  ALA n 
1 30  ARG n 
1 31  TYR n 
1 32  VAL n 
1 33  GLY n 
1 34  MET n 
1 35  PRO n 
1 36  SER n 
1 37  TYR n 
1 38  ALA n 
1 39  ARG n 
1 40  GLN n 
1 41  VAL n 
1 42  GLY n 
1 43  GLN n 
1 44  ALA n 
1 45  MET n 
1 46  LYS n 
1 47  HIS n 
1 48  LEU n 
1 49  HIS n 
1 50  PRO n 
1 51  GLU n 
1 52  THR n 
1 53  HIS n 
1 54  VAL n 
1 55  PRO n 
1 56  TRP n 
1 57  HIS n 
1 58  ARG n 
1 59  VAL n 
1 60  ILE n 
1 61  ASN n 
1 62  SER n 
1 63  ARG n 
1 64  GLY n 
1 65  THR n 
1 66  ILE n 
1 67  SER n 
1 68  LYS n 
1 69  ARG n 
1 70  ASP n 
1 71  ILE n 
1 72  SER n 
1 73  ALA n 
1 74  GLY n 
1 75  GLU n 
1 76  GLN n 
1 77  ARG n 
1 78  GLN n 
1 79  LYS n 
1 80  ASP n 
1 81  ARG n 
1 82  LEU n 
1 83  GLU n 
1 84  GLU n 
1 85  GLU n 
1 86  GLY n 
1 87  VAL n 
1 88  GLU n 
1 89  ILE n 
1 90  TYR n 
1 91  GLN n 
1 92  THR n 
1 93  SER n 
1 94  LEU n 
1 95  GLY n 
1 96  GLU n 
1 97  TYR n 
1 98  LYS n 
1 99  LEU n 
1 100 ASN n 
1 101 LEU n 
1 102 PRO n 
1 103 GLU n 
1 104 TYR n 
1 105 MET n 
1 106 TRP n 
1 107 LYS n 
1 108 PRO n 
1 109 GLY n 
1 110 SER n 
1 111 HIS n 
1 112 HIS n 
1 113 HIS n 
1 114 HIS n 
1 115 HIS n 
1 116 HIS n 
2 1   DG  n 
2 2   DC  n 
2 3   DC  n 
2 4   DA  n 
2 5   DT  n 
2 6   DG  n 
2 7   DG  n 
2 8   DC  n 
2 9   DT  n 
2 10  DA  n 
2 11  DG  n 
2 12  DT  n 
2 13  DA  n 
3 1   DC  n 
3 2   DT  n 
3 3   DA  n 
3 4   DC  n 
3 5   DT  n 
3 6   DA  n 
3 7   DG  n 
3 8   DC  n 
3 9   DC  n 
3 10  DA  n 
3 11  DT  n 
3 12  DG  n 
3 13  DG  n 
# 
_entity_src_gen.entity_id                          1 
_entity_src_gen.pdbx_src_id                        1 
_entity_src_gen.pdbx_alt_source_flag               sample 
_entity_src_gen.pdbx_seq_type                      ? 
_entity_src_gen.pdbx_beg_seq_num                   ? 
_entity_src_gen.pdbx_end_seq_num                   ? 
_entity_src_gen.gene_src_common_name               'Fission yeast' 
_entity_src_gen.gene_src_genus                     ? 
_entity_src_gen.pdbx_gene_src_gene                 'atl1, SPAC1250.04c' 
_entity_src_gen.gene_src_species                   ? 
_entity_src_gen.gene_src_strain                    ? 
_entity_src_gen.gene_src_tissue                    ? 
_entity_src_gen.gene_src_tissue_fraction           ? 
_entity_src_gen.gene_src_details                   ? 
_entity_src_gen.pdbx_gene_src_fragment             ? 
_entity_src_gen.pdbx_gene_src_scientific_name      'Schizosaccharomyces pombe' 
_entity_src_gen.pdbx_gene_src_ncbi_taxonomy_id     4896 
_entity_src_gen.pdbx_gene_src_variant              ? 
_entity_src_gen.pdbx_gene_src_cell_line            ? 
_entity_src_gen.pdbx_gene_src_atcc                 ? 
_entity_src_gen.pdbx_gene_src_organ                ? 
_entity_src_gen.pdbx_gene_src_organelle            ? 
_entity_src_gen.pdbx_gene_src_cell                 ? 
_entity_src_gen.pdbx_gene_src_cellular_location    ? 
_entity_src_gen.host_org_common_name               ? 
_entity_src_gen.pdbx_host_org_scientific_name      'Escherichia coli' 
_entity_src_gen.pdbx_host_org_ncbi_taxonomy_id     562 
_entity_src_gen.host_org_genus                     ? 
_entity_src_gen.pdbx_host_org_gene                 ? 
_entity_src_gen.pdbx_host_org_organ                ? 
_entity_src_gen.host_org_species                   ? 
_entity_src_gen.pdbx_host_org_tissue               ? 
_entity_src_gen.pdbx_host_org_tissue_fraction      ? 
_entity_src_gen.pdbx_host_org_strain               ? 
_entity_src_gen.pdbx_host_org_variant              ? 
_entity_src_gen.pdbx_host_org_cell_line            ? 
_entity_src_gen.pdbx_host_org_atcc                 ? 
_entity_src_gen.pdbx_host_org_culture_collection   ? 
_entity_src_gen.pdbx_host_org_cell                 ? 
_entity_src_gen.pdbx_host_org_organelle            ? 
_entity_src_gen.pdbx_host_org_cellular_location    ? 
_entity_src_gen.pdbx_host_org_vector_type          ? 
_entity_src_gen.pdbx_host_org_vector               ? 
_entity_src_gen.host_org_details                   ? 
_entity_src_gen.expression_system_id               ? 
_entity_src_gen.plasmid_name                       ? 
_entity_src_gen.plasmid_details                    ? 
_entity_src_gen.pdbx_description                   ? 
# 
loop_
_chem_comp.id 
_chem_comp.type 
_chem_comp.mon_nstd_flag 
_chem_comp.name 
_chem_comp.pdbx_synonyms 
_chem_comp.formula 
_chem_comp.formula_weight 
ALA 'L-peptide linking' y ALANINE                              ? 'C3 H7 N O2'      89.093  
ARG 'L-peptide linking' y ARGININE                             ? 'C6 H15 N4 O2 1'  175.209 
ASN 'L-peptide linking' y ASPARAGINE                           ? 'C4 H8 N2 O3'     132.118 
ASP 'L-peptide linking' y 'ASPARTIC ACID'                      ? 'C4 H7 N O4'      133.103 
CYS 'L-peptide linking' y CYSTEINE                             ? 'C3 H7 N O2 S'    121.158 
DA  'DNA linking'       y "2'-DEOXYADENOSINE-5'-MONOPHOSPHATE" ? 'C10 H14 N5 O6 P' 331.222 
DC  'DNA linking'       y "2'-DEOXYCYTIDINE-5'-MONOPHOSPHATE"  ? 'C9 H14 N3 O7 P'  307.197 
DG  'DNA linking'       y "2'-DEOXYGUANOSINE-5'-MONOPHOSPHATE" ? 'C10 H14 N5 O7 P' 347.221 
DT  'DNA linking'       y "THYMIDINE-5'-MONOPHOSPHATE"         ? 'C10 H15 N2 O8 P' 322.208 
GLN 'L-peptide linking' y GLUTAMINE                            ? 'C5 H10 N2 O3'    146.144 
GLU 'L-peptide linking' y 'GLUTAMIC ACID'                      ? 'C5 H9 N O4'      147.129 
GLY 'peptide linking'   y GLYCINE                              ? 'C2 H5 N O2'      75.067  
HIS 'L-peptide linking' y HISTIDINE                            ? 'C6 H10 N3 O2 1'  156.162 
HOH non-polymer         . WATER                                ? 'H2 O'            18.015  
ILE 'L-peptide linking' y ISOLEUCINE                           ? 'C6 H13 N O2'     131.173 
LEU 'L-peptide linking' y LEUCINE                              ? 'C6 H13 N O2'     131.173 
LYS 'L-peptide linking' y LYSINE                               ? 'C6 H15 N2 O2 1'  147.195 
MET 'L-peptide linking' y METHIONINE                           ? 'C5 H11 N O2 S'   149.211 
PBO non-polymer         . 1-PYRIDIN-3-YLBUTAN-1-ONE            ? 'C9 H11 N O'      149.190 
PHE 'L-peptide linking' y PHENYLALANINE                        ? 'C9 H11 N O2'     165.189 
PRO 'L-peptide linking' y PROLINE                              ? 'C5 H9 N O2'      115.130 
SER 'L-peptide linking' y SERINE                               ? 'C3 H7 N O3'      105.093 
THR 'L-peptide linking' y THREONINE                            ? 'C4 H9 N O3'      119.119 
TRP 'L-peptide linking' y TRYPTOPHAN                           ? 'C11 H12 N2 O2'   204.225 
TYR 'L-peptide linking' y TYROSINE                             ? 'C9 H11 N O3'     181.189 
VAL 'L-peptide linking' y VALINE                               ? 'C5 H11 N O2'     117.146 
# 
loop_
_pdbx_poly_seq_scheme.asym_id 
_pdbx_poly_seq_scheme.entity_id 
_pdbx_poly_seq_scheme.seq_id 
_pdbx_poly_seq_scheme.mon_id 
_pdbx_poly_seq_scheme.ndb_seq_num 
_pdbx_poly_seq_scheme.pdb_seq_num 
_pdbx_poly_seq_scheme.auth_seq_num 
_pdbx_poly_seq_scheme.pdb_mon_id 
_pdbx_poly_seq_scheme.auth_mon_id 
_pdbx_poly_seq_scheme.pdb_strand_id 
_pdbx_poly_seq_scheme.pdb_ins_code 
_pdbx_poly_seq_scheme.hetero 
A 1 1   MET 1   1   1   MET MET X . n 
A 1 2   ARG 2   2   2   ARG ARG X . n 
A 1 3   MET 3   3   3   MET MET X . n 
A 1 4   ASP 4   4   4   ASP ASP X . n 
A 1 5   GLU 5   5   5   GLU GLU X . n 
A 1 6   PHE 6   6   6   PHE PHE X . n 
A 1 7   TYR 7   7   7   TYR TYR X . n 
A 1 8   THR 8   8   8   THR THR X . n 
A 1 9   LYS 9   9   9   LYS LYS X . n 
A 1 10  VAL 10  10  10  VAL VAL X . n 
A 1 11  TYR 11  11  11  TYR TYR X . n 
A 1 12  ASP 12  12  12  ASP ASP X . n 
A 1 13  ALA 13  13  13  ALA ALA X . n 
A 1 14  VAL 14  14  14  VAL VAL X . n 
A 1 15  CYS 15  15  15  CYS CYS X . n 
A 1 16  GLU 16  16  16  GLU GLU X . n 
A 1 17  ILE 17  17  17  ILE ILE X . n 
A 1 18  PRO 18  18  18  PRO PRO X . n 
A 1 19  TYR 19  19  19  TYR TYR X . n 
A 1 20  GLY 20  20  20  GLY GLY X . n 
A 1 21  LYS 21  21  21  LYS LYS X . n 
A 1 22  VAL 22  22  22  VAL VAL X . n 
A 1 23  SER 23  23  23  SER SER X . n 
A 1 24  THR 24  24  24  THR THR X . n 
A 1 25  TYR 25  25  25  TYR TYR X . n 
A 1 26  GLY 26  26  26  GLY GLY X . n 
A 1 27  GLU 27  27  27  GLU GLU X . n 
A 1 28  ILE 28  28  28  ILE ILE X . n 
A 1 29  ALA 29  29  29  ALA ALA X . n 
A 1 30  ARG 30  30  30  ARG ARG X . n 
A 1 31  TYR 31  31  31  TYR TYR X . n 
A 1 32  VAL 32  32  32  VAL VAL X . n 
A 1 33  GLY 33  33  33  GLY GLY X . n 
A 1 34  MET 34  34  34  MET MET X . n 
A 1 35  PRO 35  35  35  PRO PRO X . n 
A 1 36  SER 36  36  36  SER SER X . n 
A 1 37  TYR 37  37  37  TYR TYR X . n 
A 1 38  ALA 38  38  38  ALA ALA X . n 
A 1 39  ARG 39  39  39  ARG ARG X . n 
A 1 40  GLN 40  40  40  GLN GLN X . n 
A 1 41  VAL 41  41  41  VAL VAL X . n 
A 1 42  GLY 42  42  42  GLY GLY X . n 
A 1 43  GLN 43  43  43  GLN GLN X . n 
A 1 44  ALA 44  44  44  ALA ALA X . n 
A 1 45  MET 45  45  45  MET MET X . n 
A 1 46  LYS 46  46  46  LYS LYS X . n 
A 1 47  HIS 47  47  47  HIS HIS X . n 
A 1 48  LEU 48  48  48  LEU LEU X . n 
A 1 49  HIS 49  49  49  HIS HIS X . n 
A 1 50  PRO 50  50  50  PRO PRO X . n 
A 1 51  GLU 51  51  51  GLU GLU X . n 
A 1 52  THR 52  52  52  THR THR X . n 
A 1 53  HIS 53  53  53  HIS HIS X . n 
A 1 54  VAL 54  54  54  VAL VAL X . n 
A 1 55  PRO 55  55  55  PRO PRO X . n 
A 1 56  TRP 56  56  56  TRP TRP X . n 
A 1 57  HIS 57  57  57  HIS HIS X . n 
A 1 58  ARG 58  58  58  ARG ARG X . n 
A 1 59  VAL 59  59  59  VAL VAL X . n 
A 1 60  ILE 60  60  60  ILE ILE X . n 
A 1 61  ASN 61  61  61  ASN ASN X . n 
A 1 62  SER 62  62  62  SER SER X . n 
A 1 63  ARG 63  63  63  ARG ARG X . n 
A 1 64  GLY 64  64  64  GLY GLY X . n 
A 1 65  THR 65  65  65  THR THR X . n 
A 1 66  ILE 66  66  66  ILE ILE X . n 
A 1 67  SER 67  67  67  SER SER X . n 
A 1 68  LYS 68  68  68  LYS LYS X . n 
A 1 69  ARG 69  69  69  ARG ARG X . n 
A 1 70  ASP 70  70  70  ASP ASP X . n 
A 1 71  ILE 71  71  71  ILE ILE X . n 
A 1 72  SER 72  72  72  SER SER X . n 
A 1 73  ALA 73  73  73  ALA ALA X . n 
A 1 74  GLY 74  74  74  GLY GLY X . n 
A 1 75  GLU 75  75  75  GLU GLU X . n 
A 1 76  GLN 76  76  76  GLN GLN X . n 
A 1 77  ARG 77  77  77  ARG ARG X . n 
A 1 78  GLN 78  78  78  GLN GLN X . n 
A 1 79  LYS 79  79  79  LYS LYS X . n 
A 1 80  ASP 80  80  80  ASP ASP X . n 
A 1 81  ARG 81  81  81  ARG ARG X . n 
A 1 82  LEU 82  82  82  LEU LEU X . n 
A 1 83  GLU 83  83  83  GLU GLU X . n 
A 1 84  GLU 84  84  84  GLU GLU X . n 
A 1 85  GLU 85  85  85  GLU GLU X . n 
A 1 86  GLY 86  86  86  GLY GLY X . n 
A 1 87  VAL 87  87  87  VAL VAL X . n 
A 1 88  GLU 88  88  88  GLU GLU X . n 
A 1 89  ILE 89  89  89  ILE ILE X . n 
A 1 90  TYR 90  90  90  TYR TYR X . n 
A 1 91  GLN 91  91  91  GLN GLN X . n 
A 1 92  THR 92  92  92  THR THR X . n 
A 1 93  SER 93  93  93  SER SER X . n 
A 1 94  LEU 94  94  94  LEU LEU X . n 
A 1 95  GLY 95  95  95  GLY GLY X . n 
A 1 96  GLU 96  96  96  GLU GLU X . n 
A 1 97  TYR 97  97  97  TYR TYR X . n 
A 1 98  LYS 98  98  98  LYS LYS X . n 
A 1 99  LEU 99  99  99  LEU LEU X . n 
A 1 100 ASN 100 100 100 ASN ASN X . n 
A 1 101 LEU 101 101 101 LEU LEU X . n 
A 1 102 PRO 102 102 102 PRO PRO X . n 
A 1 103 GLU 103 103 103 GLU GLU X . n 
A 1 104 TYR 104 104 104 TYR TYR X . n 
A 1 105 MET 105 105 105 MET MET X . n 
A 1 106 TRP 106 106 106 TRP TRP X . n 
A 1 107 LYS 107 107 107 LYS LYS X . n 
A 1 108 PRO 108 108 108 PRO PRO X . n 
A 1 109 GLY 109 109 ?   ?   ?   X . n 
A 1 110 SER 110 110 ?   ?   ?   X . n 
A 1 111 HIS 111 111 ?   ?   ?   X . n 
A 1 112 HIS 112 112 ?   ?   ?   X . n 
A 1 113 HIS 113 113 ?   ?   ?   X . n 
A 1 114 HIS 114 114 ?   ?   ?   X . n 
A 1 115 HIS 115 115 ?   ?   ?   X . n 
A 1 116 HIS 116 116 ?   ?   ?   X . n 
B 2 1   DG  1   201 201 DG  DG  Y . n 
B 2 2   DC  2   202 202 DC  DC  Y . n 
B 2 3   DC  3   203 203 DC  DC  Y . n 
B 2 4   DA  4   204 204 DA  DA  Y . n 
B 2 5   DT  5   205 205 DT  DT  Y . n 
B 2 6   DG  6   206 206 DG  DG  Y . n 
B 2 7   DG  7   207 207 DG  DG  Y . n 
B 2 8   DC  8   208 208 DC  DC  Y . n 
B 2 9   DT  9   209 209 DT  DT  Y . n 
B 2 10  DA  10  210 210 DA  DA  Y . n 
B 2 11  DG  11  211 211 DG  DG  Y . n 
B 2 12  DT  12  212 212 DT  DT  Y . n 
B 2 13  DA  13  213 213 DA  DA  Y . n 
C 3 1   DC  1   214 214 DC  DC  Z . n 
C 3 2   DT  2   215 215 DT  DT  Z . n 
C 3 3   DA  3   216 216 DA  DA  Z . n 
C 3 4   DC  4   217 217 DC  DC  Z . n 
C 3 5   DT  5   218 218 DT  DT  Z . n 
C 3 6   DA  6   219 219 DA  DA  Z . n 
C 3 7   DG  7   220 220 DG  DG  Z . n 
C 3 8   DC  8   221 221 DC  DC  Z . n 
C 3 9   DC  9   222 222 DC  DC  Z . n 
C 3 10  DA  10  223 223 DA  DA  Z . n 
C 3 11  DT  11  224 224 DT  DT  Z . n 
C 3 12  DG  12  225 225 DG  DG  Z . n 
C 3 13  DG  13  226 226 DG  DG  Z . n 
# 
loop_
_pdbx_nonpoly_scheme.asym_id 
_pdbx_nonpoly_scheme.entity_id 
_pdbx_nonpoly_scheme.mon_id 
_pdbx_nonpoly_scheme.ndb_seq_num 
_pdbx_nonpoly_scheme.pdb_seq_num 
_pdbx_nonpoly_scheme.auth_seq_num 
_pdbx_nonpoly_scheme.pdb_mon_id 
_pdbx_nonpoly_scheme.auth_mon_id 
_pdbx_nonpoly_scheme.pdb_strand_id 
_pdbx_nonpoly_scheme.pdb_ins_code 
D 4 PBO 1 200 200 PBO PBO Y . 
E 5 HOH 1 301 301 HOH HOH X . 
E 5 HOH 2 302 302 HOH HOH X . 
# 
loop_
_software.name 
_software.version 
_software.date 
_software.type 
_software.contact_author 
_software.contact_author_email 
_software.classification 
_software.location 
_software.language 
_software.citation_id 
_software.pdbx_ordinal 
REFMAC      5.2.0019 ?               program 'Garib N. Murshudov' garib@ysbl.york.ac.uk refinement        
http://www.ccp4.ac.uk/dist/html/refmac5.html Fortran_77 ? 1 
PDB_EXTRACT 3.006    'June 11, 2008' package PDB                  help@deposit.rcsb.org 'data extraction' 
http://sw-tools.pdb.org/apps/PDB_EXTRACT/    C++        ? 2 
# 
_cell.length_a           60.180 
_cell.length_b           60.180 
_cell.length_c           235.546 
_cell.angle_alpha        90.000 
_cell.angle_beta         90.000 
_cell.angle_gamma        120.000 
_cell.entry_id           3GYH 
_cell.pdbx_unique_axis   ? 
_cell.Z_PDB              12 
_cell.length_a_esd       ? 
_cell.length_b_esd       ? 
_cell.length_c_esd       ? 
_cell.angle_alpha_esd    ? 
_cell.angle_beta_esd     ? 
_cell.angle_gamma_esd    ? 
# 
_symmetry.space_group_name_H-M             'P 61 2 2' 
_symmetry.entry_id                         3GYH 
_symmetry.pdbx_full_space_group_name_H-M   ? 
_symmetry.Int_Tables_number                178 
_symmetry.cell_setting                     ? 
_symmetry.space_group_name_Hall            ? 
# 
_exptl.crystals_number   1 
_exptl.entry_id          3GYH 
_exptl.method            'X-RAY DIFFRACTION' 
# 
_exptl_crystal.id                    1 
_exptl_crystal.density_Matthews      2.85 
_exptl_crystal.density_meas          ? 
_exptl_crystal.density_percent_sol   56.83 
_exptl_crystal.description           ? 
_exptl_crystal.F_000                 ? 
_exptl_crystal.preparation           ? 
# 
_diffrn.id                     1 
_diffrn.ambient_temp           ? 
_diffrn.ambient_temp_details   ? 
_diffrn.crystal_id             1 
# 
_diffrn_detector.diffrn_id              1 
_diffrn_detector.detector               ? 
_diffrn_detector.type                   ? 
_diffrn_detector.pdbx_collection_date   2008-05-30 
_diffrn_detector.details                ? 
# 
_diffrn_radiation.diffrn_id                        1 
_diffrn_radiation.pdbx_diffrn_protocol             'SINGLE WAVELENGTH' 
_diffrn_radiation.monochromator                    ? 
_diffrn_radiation.wavelength_id                    1 
_diffrn_radiation.pdbx_monochromatic_or_laue_m_l   M 
_diffrn_radiation.pdbx_scattering_type             x-ray 
# 
_diffrn_radiation_wavelength.id           1 
_diffrn_radiation_wavelength.wavelength   . 
_diffrn_radiation_wavelength.wt           1.0 
# 
_diffrn_source.diffrn_id                   1 
_diffrn_source.source                      SYNCHROTRON 
_diffrn_source.type                        'SSRL BEAMLINE BL11-1' 
_diffrn_source.pdbx_wavelength_list        ? 
_diffrn_source.pdbx_wavelength             ? 
_diffrn_source.pdbx_synchrotron_site       SSRL 
_diffrn_source.pdbx_synchrotron_beamline   BL11-1 
# 
_reflns.entry_id                     3GYH 
_reflns.observed_criterion_sigma_F   ? 
_reflns.observed_criterion_sigma_I   ? 
_reflns.d_resolution_high            2.8 
_reflns.d_resolution_low             35 
_reflns.number_all                   ? 
_reflns.number_obs                   6078 
_reflns.percent_possible_obs         ? 
_reflns.pdbx_Rmerge_I_obs            ? 
_reflns.pdbx_Rsym_value              ? 
_reflns.pdbx_netI_over_sigmaI        ? 
_reflns.B_iso_Wilson_estimate        ? 
_reflns.pdbx_redundancy              ? 
_reflns.R_free_details               ? 
_reflns.limit_h_max                  ? 
_reflns.limit_h_min                  ? 
_reflns.limit_k_max                  ? 
_reflns.limit_k_min                  ? 
_reflns.limit_l_max                  ? 
_reflns.limit_l_min                  ? 
_reflns.observed_criterion_F_max     ? 
_reflns.observed_criterion_F_min     ? 
_reflns.pdbx_chi_squared             ? 
_reflns.pdbx_scaling_rejects         ? 
_reflns.pdbx_ordinal                 1 
_reflns.pdbx_diffrn_id               1 
# 
_refine.entry_id                                 3GYH 
_refine.pdbx_refine_id                           'X-RAY DIFFRACTION' 
_refine.ls_d_res_high                            2.800 
_refine.ls_d_res_low                             34.940 
_refine.pdbx_ls_sigma_F                          0.00 
_refine.pdbx_data_cutoff_high_absF               ? 
_refine.pdbx_data_cutoff_low_absF                ? 
_refine.ls_percent_reflns_obs                    93.930 
_refine.ls_number_reflns_obs                     6078 
_refine.ls_number_reflns_all                     ? 
_refine.pdbx_ls_cross_valid_method               THROUGHOUT 
_refine.ls_matrix_type                           ? 
_refine.pdbx_R_Free_selection_details            RANDOM 
_refine.details                                  'HYDROGENS HAVE BEEN ADDED IN THE RIDING POSITIONS U VALUES: RESIDUAL ONLY' 
_refine.ls_R_factor_all                          ? 
_refine.ls_R_factor_obs                          0.243 
_refine.ls_R_factor_R_work                       0.240 
_refine.ls_wR_factor_R_work                      ? 
_refine.ls_R_factor_R_free                       0.285 
_refine.ls_wR_factor_R_free                      ? 
_refine.ls_percent_reflns_R_free                 5.600 
_refine.ls_number_reflns_R_free                  341 
_refine.ls_number_reflns_R_work                  5738 
_refine.ls_R_factor_R_free_error                 ? 
_refine.B_iso_mean                               84.271 
_refine.solvent_model_param_bsol                 ? 
_refine.solvent_model_param_ksol                 ? 
_refine.pdbx_isotropic_thermal_model             ? 
_refine.aniso_B[1][1]                            5.590 
_refine.aniso_B[2][2]                            5.590 
_refine.aniso_B[3][3]                            -8.380 
_refine.aniso_B[1][2]                            2.790 
_refine.aniso_B[1][3]                            0.000 
_refine.aniso_B[2][3]                            0.000 
_refine.correlation_coeff_Fo_to_Fc               0.935 
_refine.correlation_coeff_Fo_to_Fc_free          0.903 
_refine.overall_SU_R_Cruickshank_DPI             ? 
_refine.overall_SU_R_free                        ? 
_refine.pdbx_overall_ESU_R                       6.232 
_refine.pdbx_overall_ESU_R_Free                  0.414 
_refine.overall_SU_ML                            0.352 
_refine.overall_SU_B                             42.393 
_refine.solvent_model_details                    MASK 
_refine.pdbx_solvent_vdw_probe_radii             1.400 
_refine.pdbx_solvent_ion_probe_radii             0.800 
_refine.pdbx_solvent_shrinkage_radii             0.800 
_refine.ls_number_parameters                     ? 
_refine.ls_number_restraints                     ? 
_refine.pdbx_starting_model                      ? 
_refine.pdbx_method_to_determine_struct          ? 
_refine.pdbx_stereochemistry_target_values       'MAXIMUM LIKELIHOOD' 
_refine.pdbx_stereochem_target_val_spec_case     ? 
_refine.overall_FOM_work_R_set                   ? 
_refine.B_iso_max                                120.16 
_refine.B_iso_min                                44.71 
_refine.pdbx_overall_phase_error                 ? 
_refine.occupancy_max                            1.00 
_refine.occupancy_min                            1.00 
_refine.pdbx_ls_sigma_I                          ? 
_refine.ls_redundancy_reflns_obs                 ? 
_refine.ls_R_factor_R_free_error_details         ? 
_refine.pdbx_data_cutoff_high_rms_absF           ? 
_refine.overall_FOM_free_R_set                   ? 
_refine.pdbx_TLS_residual_ADP_flag               'LIKELY RESIDUAL' 
_refine.pdbx_diffrn_id                           1 
_refine.pdbx_overall_SU_R_free_Cruickshank_DPI   ? 
_refine.pdbx_overall_SU_R_Blow_DPI               ? 
_refine.pdbx_overall_SU_R_free_Blow_DPI          ? 
# 
_refine_hist.pdbx_refine_id                   'X-RAY DIFFRACTION' 
_refine_hist.cycle_id                         LAST 
_refine_hist.pdbx_number_atoms_protein        890 
_refine_hist.pdbx_number_atoms_nucleic_acid   527 
_refine_hist.pdbx_number_atoms_ligand         11 
_refine_hist.number_atoms_solvent             2 
_refine_hist.number_atoms_total               1430 
_refine_hist.d_res_high                       2.800 
_refine_hist.d_res_low                        34.940 
# 
loop_
_refine_ls_restr.pdbx_refine_id 
_refine_ls_restr.type 
_refine_ls_restr.number 
_refine_ls_restr.dev_ideal 
_refine_ls_restr.dev_ideal_target 
_refine_ls_restr.weight 
_refine_ls_restr.pdbx_restraint_function 
'X-RAY DIFFRACTION' r_bond_refined_d       1515 0.008  0.021  ? ? 
'X-RAY DIFFRACTION' r_angle_refined_deg    2146 1.308  2.398  ? ? 
'X-RAY DIFFRACTION' r_dihedral_angle_1_deg 107  9.552  5.000  ? ? 
'X-RAY DIFFRACTION' r_dihedral_angle_2_deg 46   39.370 23.043 ? ? 
'X-RAY DIFFRACTION' r_dihedral_angle_3_deg 163  24.108 15.000 ? ? 
'X-RAY DIFFRACTION' r_dihedral_angle_4_deg 8    22.091 15.000 ? ? 
'X-RAY DIFFRACTION' r_chiral_restr         225  0.082  0.200  ? ? 
'X-RAY DIFFRACTION' r_gen_planes_refined   987  0.004  0.021  ? ? 
'X-RAY DIFFRACTION' r_mcbond_it            537  1.000  1.500  ? ? 
'X-RAY DIFFRACTION' r_mcangle_it           869  1.951  2.000  ? ? 
'X-RAY DIFFRACTION' r_scbond_it            978  2.840  3.000  ? ? 
'X-RAY DIFFRACTION' r_scangle_it           1277 4.494  4.500  ? ? 
# 
_refine_ls_shell.d_res_high                       2.8 
_refine_ls_shell.d_res_low                        2.868 
_refine_ls_shell.pdbx_total_number_of_bins_used   20 
_refine_ls_shell.percent_reflns_obs               73.100 
_refine_ls_shell.number_reflns_R_work             225 
_refine_ls_shell.R_factor_all                     ? 
_refine_ls_shell.R_factor_R_work                  0.445 
_refine_ls_shell.R_factor_R_free                  0.638 
_refine_ls_shell.percent_reflns_R_free            ? 
_refine_ls_shell.number_reflns_R_free             6 
_refine_ls_shell.R_factor_R_free_error            ? 
_refine_ls_shell.number_reflns_all                231 
_refine_ls_shell.number_reflns_obs                ? 
_refine_ls_shell.redundancy_reflns_obs            ? 
_refine_ls_shell.pdbx_refine_id                   'X-RAY DIFFRACTION' 
# 
_struct.entry_id                  3GYH 
_struct.title                     'Crystal Structure Analysis of S. Pombe ATL in complex with damaged DNA containing POB' 
_struct.pdbx_model_details        ? 
_struct.pdbx_CASP_flag            ? 
_struct.pdbx_model_type_details   ? 
# 
_struct_keywords.entry_id        3GYH 
_struct_keywords.text            'DNA damage, DNA repair, DNA-binding, DNA BINDING PROTEIN-DNA COMPLEX' 
_struct_keywords.pdbx_keywords   'DNA BINDING PROTEIN/DNA' 
# 
loop_
_struct_asym.id 
_struct_asym.pdbx_blank_PDB_chainid_flag 
_struct_asym.pdbx_modified 
_struct_asym.entity_id 
_struct_asym.details 
A N N 1 ? 
B N N 2 ? 
C N N 3 ? 
D N N 4 ? 
E N N 5 ? 
# 
loop_
_struct_ref.id 
_struct_ref.db_name 
_struct_ref.db_code 
_struct_ref.pdbx_db_accession 
_struct_ref.entity_id 
_struct_ref.pdbx_seq_one_letter_code 
_struct_ref.pdbx_align_begin 
_struct_ref.pdbx_db_isoform 
1 UNP ATL1_SCHPO Q9UTN9 1 
;MRMDEFYTKVYDAVCEIPYGKVSTYGEIARYVGMPSYARQVGQAMKHLHPETHVPWHRVINSRGTISKRDISAGEQRQKD
RLEEEGVEIYQTSLGEYKLNLPEYMWKP
;
1 ? 
2 PDB 3GYH       3GYH   2 ? ? ? 
3 PDB 3GYH       3GYH   3 ? ? ? 
# 
loop_
_struct_ref_seq.align_id 
_struct_ref_seq.ref_id 
_struct_ref_seq.pdbx_PDB_id_code 
_struct_ref_seq.pdbx_strand_id 
_struct_ref_seq.seq_align_beg 
_struct_ref_seq.pdbx_seq_align_beg_ins_code 
_struct_ref_seq.seq_align_end 
_struct_ref_seq.pdbx_seq_align_end_ins_code 
_struct_ref_seq.pdbx_db_accession 
_struct_ref_seq.db_align_beg 
_struct_ref_seq.pdbx_db_align_beg_ins_code 
_struct_ref_seq.db_align_end 
_struct_ref_seq.pdbx_db_align_end_ins_code 
_struct_ref_seq.pdbx_auth_seq_align_beg 
_struct_ref_seq.pdbx_auth_seq_align_end 
1 1 3GYH X 1 ? 108 ? Q9UTN9 1   ? 108 ? 1   108 
2 2 3GYH Y 1 ? 13  ? 3GYH   201 ? 213 ? 201 213 
3 3 3GYH Z 1 ? 13  ? 3GYH   214 ? 226 ? 214 226 
# 
loop_
_struct_ref_seq_dif.align_id 
_struct_ref_seq_dif.pdbx_pdb_id_code 
_struct_ref_seq_dif.mon_id 
_struct_ref_seq_dif.pdbx_pdb_strand_id 
_struct_ref_seq_dif.seq_num 
_struct_ref_seq_dif.pdbx_pdb_ins_code 
_struct_ref_seq_dif.pdbx_seq_db_name 
_struct_ref_seq_dif.pdbx_seq_db_accession_code 
_struct_ref_seq_dif.db_mon_id 
_struct_ref_seq_dif.pdbx_seq_db_seq_num 
_struct_ref_seq_dif.details 
_struct_ref_seq_dif.pdbx_auth_seq_num 
_struct_ref_seq_dif.pdbx_ordinal 
1 3GYH GLY X 109 ? UNP Q9UTN9 ? ? 'expression tag' 109 1 
1 3GYH SER X 110 ? UNP Q9UTN9 ? ? 'expression tag' 110 2 
1 3GYH HIS X 111 ? UNP Q9UTN9 ? ? 'expression tag' 111 3 
1 3GYH HIS X 112 ? UNP Q9UTN9 ? ? 'expression tag' 112 4 
1 3GYH HIS X 113 ? UNP Q9UTN9 ? ? 'expression tag' 113 5 
1 3GYH HIS X 114 ? UNP Q9UTN9 ? ? 'expression tag' 114 6 
1 3GYH HIS X 115 ? UNP Q9UTN9 ? ? 'expression tag' 115 7 
1 3GYH HIS X 116 ? UNP Q9UTN9 ? ? 'expression tag' 116 8 
# 
_pdbx_struct_assembly.id                   1 
_pdbx_struct_assembly.details              author_and_software_defined_assembly 
_pdbx_struct_assembly.method_details       PISA 
_pdbx_struct_assembly.oligomeric_details   trimeric 
_pdbx_struct_assembly.oligomeric_count     3 
# 
loop_
_pdbx_struct_assembly_prop.biol_id 
_pdbx_struct_assembly_prop.type 
_pdbx_struct_assembly_prop.value 
_pdbx_struct_assembly_prop.details 
1 'ABSA (A^2)' 3530 ? 
1 MORE         -15  ? 
1 'SSA (A^2)'  9650 ? 
# 
_pdbx_struct_assembly_gen.assembly_id       1 
_pdbx_struct_assembly_gen.oper_expression   1 
_pdbx_struct_assembly_gen.asym_id_list      A,B,C,D,E 
# 
_pdbx_struct_oper_list.id                   1 
_pdbx_struct_oper_list.type                 'identity operation' 
_pdbx_struct_oper_list.name                 1_555 
_pdbx_struct_oper_list.symmetry_operation   x,y,z 
_pdbx_struct_oper_list.matrix[1][1]         1.0000000000 
_pdbx_struct_oper_list.matrix[1][2]         0.0000000000 
_pdbx_struct_oper_list.matrix[1][3]         0.0000000000 
_pdbx_struct_oper_list.vector[1]            0.0000000000 
_pdbx_struct_oper_list.matrix[2][1]         0.0000000000 
_pdbx_struct_oper_list.matrix[2][2]         1.0000000000 
_pdbx_struct_oper_list.matrix[2][3]         0.0000000000 
_pdbx_struct_oper_list.vector[2]            0.0000000000 
_pdbx_struct_oper_list.matrix[3][1]         0.0000000000 
_pdbx_struct_oper_list.matrix[3][2]         0.0000000000 
_pdbx_struct_oper_list.matrix[3][3]         1.0000000000 
_pdbx_struct_oper_list.vector[3]            0.0000000000 
# 
_struct_biol.id        1 
_struct_biol.details   ? 
# 
loop_
_struct_conf.conf_type_id 
_struct_conf.id 
_struct_conf.pdbx_PDB_helix_id 
_struct_conf.beg_label_comp_id 
_struct_conf.beg_label_asym_id 
_struct_conf.beg_label_seq_id 
_struct_conf.pdbx_beg_PDB_ins_code 
_struct_conf.end_label_comp_id 
_struct_conf.end_label_asym_id 
_struct_conf.end_label_seq_id 
_struct_conf.pdbx_end_PDB_ins_code 
_struct_conf.beg_auth_comp_id 
_struct_conf.beg_auth_asym_id 
_struct_conf.beg_auth_seq_id 
_struct_conf.end_auth_comp_id 
_struct_conf.end_auth_asym_id 
_struct_conf.end_auth_seq_id 
_struct_conf.pdbx_PDB_helix_class 
_struct_conf.details 
_struct_conf.pdbx_PDB_helix_length 
HELX_P HELX_P1 1 ARG A 2  ? CYS A 15 ? ARG X 2  CYS X 15 1 ? 14 
HELX_P HELX_P2 2 TYR A 25 ? VAL A 32 ? TYR X 25 VAL X 32 1 ? 8  
HELX_P HELX_P3 3 TYR A 37 ? HIS A 47 ? TYR X 37 HIS X 47 1 ? 11 
HELX_P HELX_P4 4 PRO A 55 ? HIS A 57 ? PRO X 55 HIS X 57 5 ? 3  
HELX_P HELX_P5 5 SER A 72 ? GLY A 74 ? SER X 72 GLY X 74 5 ? 3  
HELX_P HELX_P6 6 GLU A 75 ? GLY A 86 ? GLU X 75 GLY X 86 1 ? 12 
# 
_struct_conf_type.id          HELX_P 
_struct_conf_type.criteria    ? 
_struct_conf_type.reference   ? 
# 
loop_
_struct_conn.id 
_struct_conn.conn_type_id 
_struct_conn.pdbx_leaving_atom_flag 
_struct_conn.pdbx_PDB_id 
_struct_conn.ptnr1_label_asym_id 
_struct_conn.ptnr1_label_comp_id 
_struct_conn.ptnr1_label_seq_id 
_struct_conn.ptnr1_label_atom_id 
_struct_conn.pdbx_ptnr1_label_alt_id 
_struct_conn.pdbx_ptnr1_PDB_ins_code 
_struct_conn.pdbx_ptnr1_standard_comp_id 
_struct_conn.ptnr1_symmetry 
_struct_conn.ptnr2_label_asym_id 
_struct_conn.ptnr2_label_comp_id 
_struct_conn.ptnr2_label_seq_id 
_struct_conn.ptnr2_label_atom_id 
_struct_conn.pdbx_ptnr2_label_alt_id 
_struct_conn.pdbx_ptnr2_PDB_ins_code 
_struct_conn.ptnr1_auth_asym_id 
_struct_conn.ptnr1_auth_comp_id 
_struct_conn.ptnr1_auth_seq_id 
_struct_conn.ptnr2_auth_asym_id 
_struct_conn.ptnr2_auth_comp_id 
_struct_conn.ptnr2_auth_seq_id 
_struct_conn.ptnr2_symmetry 
_struct_conn.pdbx_ptnr3_label_atom_id 
_struct_conn.pdbx_ptnr3_label_seq_id 
_struct_conn.pdbx_ptnr3_label_comp_id 
_struct_conn.pdbx_ptnr3_label_asym_id 
_struct_conn.pdbx_ptnr3_label_alt_id 
_struct_conn.pdbx_ptnr3_PDB_ins_code 
_struct_conn.details 
_struct_conn.pdbx_dist_value 
_struct_conn.pdbx_value_order 
_struct_conn.pdbx_role 
covale1  covale none ? D PBO .  C10 ? ? ? 1_555 B DG 7  O6 ? ? Y PBO 200 Y DG 207 1_555 ? ? ? ? ? ? ?            1.433 ? ? 
hydrog1  hydrog ?    ? B DC  2  N3  ? ? ? 1_555 C DG 13 N1 ? ? Y DC  202 Z DG 226 1_555 ? ? ? ? ? ? WATSON-CRICK ?     ? ? 
hydrog2  hydrog ?    ? B DC  2  N4  ? ? ? 1_555 C DG 13 O6 ? ? Y DC  202 Z DG 226 1_555 ? ? ? ? ? ? WATSON-CRICK ?     ? ? 
hydrog3  hydrog ?    ? B DC  2  O2  ? ? ? 1_555 C DG 13 N2 ? ? Y DC  202 Z DG 226 1_555 ? ? ? ? ? ? WATSON-CRICK ?     ? ? 
hydrog4  hydrog ?    ? B DC  3  N3  ? ? ? 1_555 C DG 12 N1 ? ? Y DC  203 Z DG 225 1_555 ? ? ? ? ? ? WATSON-CRICK ?     ? ? 
hydrog5  hydrog ?    ? B DC  3  N4  ? ? ? 1_555 C DG 12 O6 ? ? Y DC  203 Z DG 225 1_555 ? ? ? ? ? ? WATSON-CRICK ?     ? ? 
hydrog6  hydrog ?    ? B DC  3  O2  ? ? ? 1_555 C DG 12 N2 ? ? Y DC  203 Z DG 225 1_555 ? ? ? ? ? ? WATSON-CRICK ?     ? ? 
hydrog7  hydrog ?    ? B DA  4  N1  ? ? ? 1_555 C DT 11 N3 ? ? Y DA  204 Z DT 224 1_555 ? ? ? ? ? ? WATSON-CRICK ?     ? ? 
hydrog8  hydrog ?    ? B DA  4  N6  ? ? ? 1_555 C DT 11 O4 ? ? Y DA  204 Z DT 224 1_555 ? ? ? ? ? ? WATSON-CRICK ?     ? ? 
hydrog9  hydrog ?    ? B DT  5  N3  ? ? ? 1_555 C DA 10 N1 ? ? Y DT  205 Z DA 223 1_555 ? ? ? ? ? ? WATSON-CRICK ?     ? ? 
hydrog10 hydrog ?    ? B DT  5  O4  ? ? ? 1_555 C DA 10 N6 ? ? Y DT  205 Z DA 223 1_555 ? ? ? ? ? ? WATSON-CRICK ?     ? ? 
hydrog11 hydrog ?    ? B DG  6  N1  ? ? ? 1_555 C DC 9  N3 ? ? Y DG  206 Z DC 222 1_555 ? ? ? ? ? ? WATSON-CRICK ?     ? ? 
hydrog12 hydrog ?    ? B DG  6  N2  ? ? ? 1_555 C DC 9  O2 ? ? Y DG  206 Z DC 222 1_555 ? ? ? ? ? ? WATSON-CRICK ?     ? ? 
hydrog13 hydrog ?    ? B DG  6  O6  ? ? ? 1_555 C DC 9  N4 ? ? Y DG  206 Z DC 222 1_555 ? ? ? ? ? ? WATSON-CRICK ?     ? ? 
hydrog14 hydrog ?    ? B DC  8  N3  ? ? ? 1_555 C DG 7  N1 ? ? Y DC  208 Z DG 220 1_555 ? ? ? ? ? ? WATSON-CRICK ?     ? ? 
hydrog15 hydrog ?    ? B DC  8  N4  ? ? ? 1_555 C DG 7  O6 ? ? Y DC  208 Z DG 220 1_555 ? ? ? ? ? ? WATSON-CRICK ?     ? ? 
hydrog16 hydrog ?    ? B DC  8  O2  ? ? ? 1_555 C DG 7  N2 ? ? Y DC  208 Z DG 220 1_555 ? ? ? ? ? ? WATSON-CRICK ?     ? ? 
hydrog17 hydrog ?    ? B DT  9  O4  ? ? ? 1_555 C DA 6  N6 ? ? Y DT  209 Z DA 219 1_555 ? ? ? ? ? ? 'DT-DA PAIR' ?     ? ? 
hydrog18 hydrog ?    ? B DA  10 N1  ? ? ? 1_555 C DT 5  N3 ? ? Y DA  210 Z DT 218 1_555 ? ? ? ? ? ? WATSON-CRICK ?     ? ? 
hydrog19 hydrog ?    ? B DA  10 N6  ? ? ? 1_555 C DT 5  O4 ? ? Y DA  210 Z DT 218 1_555 ? ? ? ? ? ? WATSON-CRICK ?     ? ? 
hydrog20 hydrog ?    ? B DG  11 N1  ? ? ? 1_555 C DC 4  N3 ? ? Y DG  211 Z DC 217 1_555 ? ? ? ? ? ? WATSON-CRICK ?     ? ? 
hydrog21 hydrog ?    ? B DG  11 N2  ? ? ? 1_555 C DC 4  O2 ? ? Y DG  211 Z DC 217 1_555 ? ? ? ? ? ? WATSON-CRICK ?     ? ? 
hydrog22 hydrog ?    ? B DG  11 O6  ? ? ? 1_555 C DC 4  N4 ? ? Y DG  211 Z DC 217 1_555 ? ? ? ? ? ? WATSON-CRICK ?     ? ? 
hydrog23 hydrog ?    ? B DT  12 N3  ? ? ? 1_555 C DA 3  N1 ? ? Y DT  212 Z DA 216 1_555 ? ? ? ? ? ? WATSON-CRICK ?     ? ? 
hydrog24 hydrog ?    ? B DT  12 O4  ? ? ? 1_555 C DA 3  N6 ? ? Y DT  212 Z DA 216 1_555 ? ? ? ? ? ? WATSON-CRICK ?     ? ? 
hydrog25 hydrog ?    ? B DA  13 N1  ? ? ? 1_555 C DT 2  N3 ? ? Y DA  213 Z DT 215 1_555 ? ? ? ? ? ? WATSON-CRICK ?     ? ? 
hydrog26 hydrog ?    ? B DA  13 N6  ? ? ? 1_555 C DT 2  O4 ? ? Y DA  213 Z DT 215 1_555 ? ? ? ? ? ? WATSON-CRICK ?     ? ? 
# 
loop_
_struct_conn_type.id 
_struct_conn_type.criteria 
_struct_conn_type.reference 
covale ? ? 
hydrog ? ? 
# 
_struct_sheet.id               A 
_struct_sheet.type             ? 
_struct_sheet.number_strands   2 
_struct_sheet.details          ? 
# 
_struct_sheet_order.sheet_id     A 
_struct_sheet_order.range_id_1   1 
_struct_sheet_order.range_id_2   2 
_struct_sheet_order.offset       ? 
_struct_sheet_order.sense        parallel 
# 
loop_
_struct_sheet_range.sheet_id 
_struct_sheet_range.id 
_struct_sheet_range.beg_label_comp_id 
_struct_sheet_range.beg_label_asym_id 
_struct_sheet_range.beg_label_seq_id 
_struct_sheet_range.pdbx_beg_PDB_ins_code 
_struct_sheet_range.end_label_comp_id 
_struct_sheet_range.end_label_asym_id 
_struct_sheet_range.end_label_seq_id 
_struct_sheet_range.pdbx_end_PDB_ins_code 
_struct_sheet_range.beg_auth_comp_id 
_struct_sheet_range.beg_auth_asym_id 
_struct_sheet_range.beg_auth_seq_id 
_struct_sheet_range.end_auth_comp_id 
_struct_sheet_range.end_auth_asym_id 
_struct_sheet_range.end_auth_seq_id 
A 1 SER A 23 ? THR A 24 ? SER X 23 THR X 24 
A 2 VAL A 59 ? ILE A 60 ? VAL X 59 ILE X 60 
# 
_pdbx_struct_sheet_hbond.sheet_id                A 
_pdbx_struct_sheet_hbond.range_id_1              1 
_pdbx_struct_sheet_hbond.range_id_2              2 
_pdbx_struct_sheet_hbond.range_1_label_atom_id   N 
_pdbx_struct_sheet_hbond.range_1_label_comp_id   SER 
_pdbx_struct_sheet_hbond.range_1_label_asym_id   A 
_pdbx_struct_sheet_hbond.range_1_label_seq_id    23 
_pdbx_struct_sheet_hbond.range_1_PDB_ins_code    ? 
_pdbx_struct_sheet_hbond.range_1_auth_atom_id    N 
_pdbx_struct_sheet_hbond.range_1_auth_comp_id    SER 
_pdbx_struct_sheet_hbond.range_1_auth_asym_id    X 
_pdbx_struct_sheet_hbond.range_1_auth_seq_id     23 
_pdbx_struct_sheet_hbond.range_2_label_atom_id   O 
_pdbx_struct_sheet_hbond.range_2_label_comp_id   ILE 
_pdbx_struct_sheet_hbond.range_2_label_asym_id   A 
_pdbx_struct_sheet_hbond.range_2_label_seq_id    60 
_pdbx_struct_sheet_hbond.range_2_PDB_ins_code    ? 
_pdbx_struct_sheet_hbond.range_2_auth_atom_id    O 
_pdbx_struct_sheet_hbond.range_2_auth_comp_id    ILE 
_pdbx_struct_sheet_hbond.range_2_auth_asym_id    X 
_pdbx_struct_sheet_hbond.range_2_auth_seq_id     60 
# 
_struct_site.id                   AC1 
_struct_site.pdbx_evidence_code   Software 
_struct_site.pdbx_auth_asym_id    Y 
_struct_site.pdbx_auth_comp_id    PBO 
_struct_site.pdbx_auth_seq_id     200 
_struct_site.pdbx_auth_ins_code   ? 
_struct_site.pdbx_num_residues    8 
_struct_site.details              'BINDING SITE FOR RESIDUE PBO Y 200' 
# 
loop_
_struct_site_gen.id 
_struct_site_gen.site_id 
_struct_site_gen.pdbx_num_res 
_struct_site_gen.label_comp_id 
_struct_site_gen.label_asym_id 
_struct_site_gen.label_seq_id 
_struct_site_gen.pdbx_auth_ins_code 
_struct_site_gen.auth_comp_id 
_struct_site_gen.auth_asym_id 
_struct_site_gen.auth_seq_id 
_struct_site_gen.label_atom_id 
_struct_site_gen.label_alt_id 
_struct_site_gen.symmetry 
_struct_site_gen.details 
1 AC1 8 MET A 45 ? MET X 45  . ? 1_555 ? 
2 AC1 8 LEU A 48 ? LEU X 48  . ? 1_555 ? 
3 AC1 8 PRO A 50 ? PRO X 50  . ? 1_555 ? 
4 AC1 8 TRP A 56 ? TRP X 56  . ? 1_555 ? 
5 AC1 8 ARG A 77 ? ARG X 77  . ? 1_555 ? 
6 AC1 8 ARG A 81 ? ARG X 81  . ? 1_555 ? 
7 AC1 8 DG  B 7  ? DG  Y 207 . ? 1_555 ? 
8 AC1 8 DG  B 11 ? DG  Y 211 . ? 8_445 ? 
# 
_pdbx_validate_close_contact.id               1 
_pdbx_validate_close_contact.PDB_model_num    1 
_pdbx_validate_close_contact.auth_atom_id_1   NH2 
_pdbx_validate_close_contact.auth_asym_id_1   X 
_pdbx_validate_close_contact.auth_comp_id_1   ARG 
_pdbx_validate_close_contact.auth_seq_id_1    39 
_pdbx_validate_close_contact.PDB_ins_code_1   ? 
_pdbx_validate_close_contact.label_alt_id_1   ? 
_pdbx_validate_close_contact.auth_atom_id_2   N3 
_pdbx_validate_close_contact.auth_asym_id_2   Z 
_pdbx_validate_close_contact.auth_comp_id_2   DC 
_pdbx_validate_close_contact.auth_seq_id_2    221 
_pdbx_validate_close_contact.PDB_ins_code_2   ? 
_pdbx_validate_close_contact.label_alt_id_2   ? 
_pdbx_validate_close_contact.dist             2.17 
# 
_pdbx_validate_symm_contact.id                1 
_pdbx_validate_symm_contact.PDB_model_num     1 
_pdbx_validate_symm_contact.auth_atom_id_1    NH2 
_pdbx_validate_symm_contact.auth_asym_id_1    X 
_pdbx_validate_symm_contact.auth_comp_id_1    ARG 
_pdbx_validate_symm_contact.auth_seq_id_1     2 
_pdbx_validate_symm_contact.PDB_ins_code_1    ? 
_pdbx_validate_symm_contact.label_alt_id_1    ? 
_pdbx_validate_symm_contact.site_symmetry_1   1_555 
_pdbx_validate_symm_contact.auth_atom_id_2    OD2 
_pdbx_validate_symm_contact.auth_asym_id_2    X 
_pdbx_validate_symm_contact.auth_comp_id_2    ASP 
_pdbx_validate_symm_contact.auth_seq_id_2     12 
_pdbx_validate_symm_contact.PDB_ins_code_2    ? 
_pdbx_validate_symm_contact.label_alt_id_2    ? 
_pdbx_validate_symm_contact.site_symmetry_2   12_545 
_pdbx_validate_symm_contact.dist              2.11 
# 
loop_
_pdbx_validate_rmsd_bond.id 
_pdbx_validate_rmsd_bond.PDB_model_num 
_pdbx_validate_rmsd_bond.auth_atom_id_1 
_pdbx_validate_rmsd_bond.auth_asym_id_1 
_pdbx_validate_rmsd_bond.auth_comp_id_1 
_pdbx_validate_rmsd_bond.auth_seq_id_1 
_pdbx_validate_rmsd_bond.PDB_ins_code_1 
_pdbx_validate_rmsd_bond.label_alt_id_1 
_pdbx_validate_rmsd_bond.auth_atom_id_2 
_pdbx_validate_rmsd_bond.auth_asym_id_2 
_pdbx_validate_rmsd_bond.auth_comp_id_2 
_pdbx_validate_rmsd_bond.auth_seq_id_2 
_pdbx_validate_rmsd_bond.PDB_ins_code_2 
_pdbx_validate_rmsd_bond.label_alt_id_2 
_pdbx_validate_rmsd_bond.bond_value 
_pdbx_validate_rmsd_bond.bond_target_value 
_pdbx_validate_rmsd_bond.bond_deviation 
_pdbx_validate_rmsd_bond.bond_standard_deviation 
_pdbx_validate_rmsd_bond.linker_flag 
1 1 C6 Y DG 207 ? ? N1 Y DG 207 ? ? 1.346 1.391 -0.045 0.007 N 
2 1 C5 Y DG 207 ? ? N7 Y DG 207 ? ? 1.350 1.388 -0.038 0.006 N 
3 1 N7 Y DG 207 ? ? C8 Y DG 207 ? ? 1.360 1.305 0.055  0.006 N 
4 1 C6 Y DG 207 ? ? O6 Y DG 207 ? ? 1.372 1.237 0.135  0.009 N 
# 
loop_
_pdbx_validate_rmsd_angle.id 
_pdbx_validate_rmsd_angle.PDB_model_num 
_pdbx_validate_rmsd_angle.auth_atom_id_1 
_pdbx_validate_rmsd_angle.auth_asym_id_1 
_pdbx_validate_rmsd_angle.auth_comp_id_1 
_pdbx_validate_rmsd_angle.auth_seq_id_1 
_pdbx_validate_rmsd_angle.PDB_ins_code_1 
_pdbx_validate_rmsd_angle.label_alt_id_1 
_pdbx_validate_rmsd_angle.auth_atom_id_2 
_pdbx_validate_rmsd_angle.auth_asym_id_2 
_pdbx_validate_rmsd_angle.auth_comp_id_2 
_pdbx_validate_rmsd_angle.auth_seq_id_2 
_pdbx_validate_rmsd_angle.PDB_ins_code_2 
_pdbx_validate_rmsd_angle.label_alt_id_2 
_pdbx_validate_rmsd_angle.auth_atom_id_3 
_pdbx_validate_rmsd_angle.auth_asym_id_3 
_pdbx_validate_rmsd_angle.auth_comp_id_3 
_pdbx_validate_rmsd_angle.auth_seq_id_3 
_pdbx_validate_rmsd_angle.PDB_ins_code_3 
_pdbx_validate_rmsd_angle.label_alt_id_3 
_pdbx_validate_rmsd_angle.angle_value 
_pdbx_validate_rmsd_angle.angle_target_value 
_pdbx_validate_rmsd_angle.angle_deviation 
_pdbx_validate_rmsd_angle.angle_standard_deviation 
_pdbx_validate_rmsd_angle.linker_flag 
1  1 "O4'" Y DT 205 ? ? "C1'" Y DT 205 ? ? N1    Y DT 205 ? ? 103.79 108.00 -4.21  0.70 N 
2  1 "C3'" Y DG 206 ? ? "O3'" Y DG 206 ? ? P     Y DG 207 ? ? 111.36 119.70 -8.34  1.20 Y 
3  1 "O3'" Y DG 206 ? ? P     Y DG 207 ? ? OP2   Y DG 207 ? ? 139.15 110.50 28.65  1.10 Y 
4  1 "O3'" Y DG 206 ? ? P     Y DG 207 ? ? OP1   Y DG 207 ? ? 77.81  105.20 -27.39 2.20 Y 
5  1 "O4'" Y DG 207 ? ? "C1'" Y DG 207 ? ? N9    Y DG 207 ? ? 110.59 108.30 2.29   0.30 N 
6  1 C6    Y DG 207 ? ? N1    Y DG 207 ? ? C2    Y DG 207 ? ? 120.24 125.10 -4.86  0.60 N 
7  1 C2    Y DG 207 ? ? N3    Y DG 207 ? ? C4    Y DG 207 ? ? 119.71 111.90 7.81   0.50 N 
8  1 N3    Y DG 207 ? ? C4    Y DG 207 ? ? C5    Y DG 207 ? ? 119.42 128.60 -9.18  0.50 N 
9  1 C5    Y DG 207 ? ? C6    Y DG 207 ? ? N1    Y DG 207 ? ? 118.63 111.50 7.13   0.50 N 
10 1 C4    Y DG 207 ? ? C5    Y DG 207 ? ? N7    Y DG 207 ? ? 106.54 110.80 -4.26  0.40 N 
11 1 C5    Y DG 207 ? ? N7    Y DG 207 ? ? C8    Y DG 207 ? ? 107.93 104.30 3.63   0.50 N 
12 1 N7    Y DG 207 ? ? C8    Y DG 207 ? ? N9    Y DG 207 ? ? 108.65 113.10 -4.45  0.50 N 
13 1 N9    Y DG 207 ? ? C4    Y DG 207 ? ? C5    Y DG 207 ? ? 108.31 105.40 2.91   0.40 N 
14 1 N3    Y DG 207 ? ? C4    Y DG 207 ? ? N9    Y DG 207 ? ? 132.26 126.00 6.26   0.60 N 
15 1 C5    Y DG 207 ? ? C6    Y DG 207 ? ? O6    Y DG 207 ? ? 120.45 128.60 -8.15  0.60 N 
16 1 "C3'" Y DG 207 ? ? "O3'" Y DG 207 ? ? P     Y DC 208 ? ? 106.87 119.70 -12.83 1.20 Y 
17 1 "O3'" Y DG 207 ? ? P     Y DC 208 ? ? OP2   Y DC 208 ? ? 126.57 110.50 16.07  1.10 Y 
18 1 "O3'" Y DG 207 ? ? P     Y DC 208 ? ? OP1   Y DC 208 ? ? 89.26  105.20 -15.94 2.20 Y 
19 1 "O4'" Y DG 211 ? ? "C1'" Y DG 211 ? ? N9    Y DG 211 ? ? 112.16 108.30 3.86   0.30 N 
20 1 "O4'" Z DC 214 ? ? "C1'" Z DC 214 ? ? N1    Z DC 214 ? ? 110.84 108.30 2.54   0.30 N 
21 1 "O4'" Z DT 218 ? ? "C1'" Z DT 218 ? ? N1    Z DT 218 ? ? 112.57 108.30 4.27   0.30 N 
22 1 N3    Z DT 224 ? ? C4    Z DT 224 ? ? O4    Z DT 224 ? ? 123.99 119.90 4.09   0.60 N 
23 1 "O4'" Z DG 225 ? ? "C1'" Z DG 225 ? ? N9    Z DG 225 ? ? 111.06 108.30 2.76   0.30 N 
24 1 "O4'" Z DG 226 ? ? "C4'" Z DG 226 ? ? "C3'" Z DG 226 ? ? 101.70 104.50 -2.80  0.40 N 
# 
loop_
_pdbx_validate_torsion.id 
_pdbx_validate_torsion.PDB_model_num 
_pdbx_validate_torsion.auth_comp_id 
_pdbx_validate_torsion.auth_asym_id 
_pdbx_validate_torsion.auth_seq_id 
_pdbx_validate_torsion.PDB_ins_code 
_pdbx_validate_torsion.label_alt_id 
_pdbx_validate_torsion.phi 
_pdbx_validate_torsion.psi 
1  1 TYR X 25  ? ? -29.69  -64.48  
2  1 HIS X 47  ? ? -98.31  36.11   
3  1 HIS X 53  ? ? -104.84 47.22   
4  1 ILE X 60  ? ? -103.02 -163.58 
5  1 ILE X 71  ? ? -96.23  46.72   
6  1 SER X 72  ? ? 40.39   163.35  
7  1 THR X 92  ? ? -104.27 -144.18 
8  1 LEU X 94  ? ? -140.22 52.47   
9  1 GLU X 96  ? ? -7.11   76.52   
10 1 TYR X 97  ? ? -38.59  129.23  
11 1 GLU X 103 ? ? -54.45  -82.14  
12 1 LYS X 107 ? ? -156.40 85.65   
# 
_pdbx_validate_peptide_omega.id               1 
_pdbx_validate_peptide_omega.PDB_model_num    1 
_pdbx_validate_peptide_omega.auth_comp_id_1   SER 
_pdbx_validate_peptide_omega.auth_asym_id_1   X 
_pdbx_validate_peptide_omega.auth_seq_id_1    93 
_pdbx_validate_peptide_omega.PDB_ins_code_1   ? 
_pdbx_validate_peptide_omega.label_alt_id_1   ? 
_pdbx_validate_peptide_omega.auth_comp_id_2   LEU 
_pdbx_validate_peptide_omega.auth_asym_id_2   X 
_pdbx_validate_peptide_omega.auth_seq_id_2    94 
_pdbx_validate_peptide_omega.PDB_ins_code_2   ? 
_pdbx_validate_peptide_omega.label_alt_id_2   ? 
_pdbx_validate_peptide_omega.omega            123.74 
# 
loop_
_pdbx_refine_tls.pdbx_refine_id 
_pdbx_refine_tls.id 
_pdbx_refine_tls.details 
_pdbx_refine_tls.method 
_pdbx_refine_tls.origin_x 
_pdbx_refine_tls.origin_y 
_pdbx_refine_tls.origin_z 
_pdbx_refine_tls.T[1][1] 
_pdbx_refine_tls.T[2][2] 
_pdbx_refine_tls.T[3][3] 
_pdbx_refine_tls.T[1][2] 
_pdbx_refine_tls.T[1][3] 
_pdbx_refine_tls.T[2][3] 
_pdbx_refine_tls.L[1][1] 
_pdbx_refine_tls.L[2][2] 
_pdbx_refine_tls.L[3][3] 
_pdbx_refine_tls.L[1][2] 
_pdbx_refine_tls.L[1][3] 
_pdbx_refine_tls.L[2][3] 
_pdbx_refine_tls.S[1][1] 
_pdbx_refine_tls.S[2][2] 
_pdbx_refine_tls.S[3][3] 
_pdbx_refine_tls.S[1][2] 
_pdbx_refine_tls.S[1][3] 
_pdbx_refine_tls.S[2][3] 
_pdbx_refine_tls.S[2][1] 
_pdbx_refine_tls.S[3][1] 
_pdbx_refine_tls.S[3][2] 
'X-RAY DIFFRACTION' 1 ? refined 0.0399  -0.0094 -0.2912 0.1940 0.3248 0.0633 -0.0120 0.0074 0.0304  4.5089 0.8739 2.6107 -0.9575 0.2095  0.0998 0.1088 0.0014  -0.1104 0.3021 -0.3080 0.1701  0.0675  -0.0983 -0.2124 
'X-RAY DIFFRACTION' 2 ? refined 12.2640 10.6098 7.0833  0.2587 0.2690 0.2185 -0.0306 0.1477 -0.0262 4.3841 5.2455 1.4542 -2.0401 -0.5430 1.3589 0.2843 -0.0209 -0.2634 0.0099 0.4977  0.1582  0.0178  -0.0068 0.1791  
'X-RAY DIFFRACTION' 3 ? refined 11.8853 11.2227 7.6455  0.1105 0.1839 0.0939 -0.0202 0.0152 0.0088  7.8175 2.3132 2.9045 -2.0811 -3.7303 1.3996 0.3911 0.0413  -0.4324 0.1237 0.6809  -0.3466 -0.1035 0.0583  -0.2940 
# 
loop_
_pdbx_refine_tls_group.pdbx_refine_id 
_pdbx_refine_tls_group.id 
_pdbx_refine_tls_group.refine_tls_id 
_pdbx_refine_tls_group.beg_auth_asym_id 
_pdbx_refine_tls_group.beg_auth_seq_id 
_pdbx_refine_tls_group.end_auth_asym_id 
_pdbx_refine_tls_group.end_auth_seq_id 
_pdbx_refine_tls_group.selection_details 
_pdbx_refine_tls_group.beg_label_asym_id 
_pdbx_refine_tls_group.beg_label_seq_id 
_pdbx_refine_tls_group.end_label_asym_id 
_pdbx_refine_tls_group.end_label_seq_id 
_pdbx_refine_tls_group.selection 
'X-RAY DIFFRACTION' 1 1 X 1   X 108 ? . . . . ? 
'X-RAY DIFFRACTION' 2 2 Y 201 Y 213 ? . . . . ? 
'X-RAY DIFFRACTION' 3 3 Z 214 Z 226 ? . . . . ? 
# 
loop_
_pdbx_unobs_or_zero_occ_residues.id 
_pdbx_unobs_or_zero_occ_residues.PDB_model_num 
_pdbx_unobs_or_zero_occ_residues.polymer_flag 
_pdbx_unobs_or_zero_occ_residues.occupancy_flag 
_pdbx_unobs_or_zero_occ_residues.auth_asym_id 
_pdbx_unobs_or_zero_occ_residues.auth_comp_id 
_pdbx_unobs_or_zero_occ_residues.auth_seq_id 
_pdbx_unobs_or_zero_occ_residues.PDB_ins_code 
_pdbx_unobs_or_zero_occ_residues.label_asym_id 
_pdbx_unobs_or_zero_occ_residues.label_comp_id 
_pdbx_unobs_or_zero_occ_residues.label_seq_id 
1 1 Y 1 X GLY 109 ? A GLY 109 
2 1 Y 1 X SER 110 ? A SER 110 
3 1 Y 1 X HIS 111 ? A HIS 111 
4 1 Y 1 X HIS 112 ? A HIS 112 
5 1 Y 1 X HIS 113 ? A HIS 113 
6 1 Y 1 X HIS 114 ? A HIS 114 
7 1 Y 1 X HIS 115 ? A HIS 115 
8 1 Y 1 X HIS 116 ? A HIS 116 
# 
loop_
_chem_comp_atom.comp_id 
_chem_comp_atom.atom_id 
_chem_comp_atom.type_symbol 
_chem_comp_atom.pdbx_aromatic_flag 
_chem_comp_atom.pdbx_stereo_config 
_chem_comp_atom.pdbx_ordinal 
ALA N      N N N 1   
ALA CA     C N S 2   
ALA C      C N N 3   
ALA O      O N N 4   
ALA CB     C N N 5   
ALA OXT    O N N 6   
ALA H      H N N 7   
ALA H2     H N N 8   
ALA HA     H N N 9   
ALA HB1    H N N 10  
ALA HB2    H N N 11  
ALA HB3    H N N 12  
ALA HXT    H N N 13  
ARG N      N N N 14  
ARG CA     C N S 15  
ARG C      C N N 16  
ARG O      O N N 17  
ARG CB     C N N 18  
ARG CG     C N N 19  
ARG CD     C N N 20  
ARG NE     N N N 21  
ARG CZ     C N N 22  
ARG NH1    N N N 23  
ARG NH2    N N N 24  
ARG OXT    O N N 25  
ARG H      H N N 26  
ARG H2     H N N 27  
ARG HA     H N N 28  
ARG HB2    H N N 29  
ARG HB3    H N N 30  
ARG HG2    H N N 31  
ARG HG3    H N N 32  
ARG HD2    H N N 33  
ARG HD3    H N N 34  
ARG HE     H N N 35  
ARG HH11   H N N 36  
ARG HH12   H N N 37  
ARG HH21   H N N 38  
ARG HH22   H N N 39  
ARG HXT    H N N 40  
ASN N      N N N 41  
ASN CA     C N S 42  
ASN C      C N N 43  
ASN O      O N N 44  
ASN CB     C N N 45  
ASN CG     C N N 46  
ASN OD1    O N N 47  
ASN ND2    N N N 48  
ASN OXT    O N N 49  
ASN H      H N N 50  
ASN H2     H N N 51  
ASN HA     H N N 52  
ASN HB2    H N N 53  
ASN HB3    H N N 54  
ASN HD21   H N N 55  
ASN HD22   H N N 56  
ASN HXT    H N N 57  
ASP N      N N N 58  
ASP CA     C N S 59  
ASP C      C N N 60  
ASP O      O N N 61  
ASP CB     C N N 62  
ASP CG     C N N 63  
ASP OD1    O N N 64  
ASP OD2    O N N 65  
ASP OXT    O N N 66  
ASP H      H N N 67  
ASP H2     H N N 68  
ASP HA     H N N 69  
ASP HB2    H N N 70  
ASP HB3    H N N 71  
ASP HD2    H N N 72  
ASP HXT    H N N 73  
CYS N      N N N 74  
CYS CA     C N R 75  
CYS C      C N N 76  
CYS O      O N N 77  
CYS CB     C N N 78  
CYS SG     S N N 79  
CYS OXT    O N N 80  
CYS H      H N N 81  
CYS H2     H N N 82  
CYS HA     H N N 83  
CYS HB2    H N N 84  
CYS HB3    H N N 85  
CYS HG     H N N 86  
CYS HXT    H N N 87  
DA  OP3    O N N 88  
DA  P      P N N 89  
DA  OP1    O N N 90  
DA  OP2    O N N 91  
DA  "O5'"  O N N 92  
DA  "C5'"  C N N 93  
DA  "C4'"  C N R 94  
DA  "O4'"  O N N 95  
DA  "C3'"  C N S 96  
DA  "O3'"  O N N 97  
DA  "C2'"  C N N 98  
DA  "C1'"  C N R 99  
DA  N9     N Y N 100 
DA  C8     C Y N 101 
DA  N7     N Y N 102 
DA  C5     C Y N 103 
DA  C6     C Y N 104 
DA  N6     N N N 105 
DA  N1     N Y N 106 
DA  C2     C Y N 107 
DA  N3     N Y N 108 
DA  C4     C Y N 109 
DA  HOP3   H N N 110 
DA  HOP2   H N N 111 
DA  "H5'"  H N N 112 
DA  "H5''" H N N 113 
DA  "H4'"  H N N 114 
DA  "H3'"  H N N 115 
DA  "HO3'" H N N 116 
DA  "H2'"  H N N 117 
DA  "H2''" H N N 118 
DA  "H1'"  H N N 119 
DA  H8     H N N 120 
DA  H61    H N N 121 
DA  H62    H N N 122 
DA  H2     H N N 123 
DC  OP3    O N N 124 
DC  P      P N N 125 
DC  OP1    O N N 126 
DC  OP2    O N N 127 
DC  "O5'"  O N N 128 
DC  "C5'"  C N N 129 
DC  "C4'"  C N R 130 
DC  "O4'"  O N N 131 
DC  "C3'"  C N S 132 
DC  "O3'"  O N N 133 
DC  "C2'"  C N N 134 
DC  "C1'"  C N R 135 
DC  N1     N N N 136 
DC  C2     C N N 137 
DC  O2     O N N 138 
DC  N3     N N N 139 
DC  C4     C N N 140 
DC  N4     N N N 141 
DC  C5     C N N 142 
DC  C6     C N N 143 
DC  HOP3   H N N 144 
DC  HOP2   H N N 145 
DC  "H5'"  H N N 146 
DC  "H5''" H N N 147 
DC  "H4'"  H N N 148 
DC  "H3'"  H N N 149 
DC  "HO3'" H N N 150 
DC  "H2'"  H N N 151 
DC  "H2''" H N N 152 
DC  "H1'"  H N N 153 
DC  H41    H N N 154 
DC  H42    H N N 155 
DC  H5     H N N 156 
DC  H6     H N N 157 
DG  OP3    O N N 158 
DG  P      P N N 159 
DG  OP1    O N N 160 
DG  OP2    O N N 161 
DG  "O5'"  O N N 162 
DG  "C5'"  C N N 163 
DG  "C4'"  C N R 164 
DG  "O4'"  O N N 165 
DG  "C3'"  C N S 166 
DG  "O3'"  O N N 167 
DG  "C2'"  C N N 168 
DG  "C1'"  C N R 169 
DG  N9     N Y N 170 
DG  C8     C Y N 171 
DG  N7     N Y N 172 
DG  C5     C Y N 173 
DG  C6     C N N 174 
DG  O6     O N N 175 
DG  N1     N N N 176 
DG  C2     C N N 177 
DG  N2     N N N 178 
DG  N3     N N N 179 
DG  C4     C Y N 180 
DG  HOP3   H N N 181 
DG  HOP2   H N N 182 
DG  "H5'"  H N N 183 
DG  "H5''" H N N 184 
DG  "H4'"  H N N 185 
DG  "H3'"  H N N 186 
DG  "HO3'" H N N 187 
DG  "H2'"  H N N 188 
DG  "H2''" H N N 189 
DG  "H1'"  H N N 190 
DG  H8     H N N 191 
DG  H1     H N N 192 
DG  H21    H N N 193 
DG  H22    H N N 194 
DT  OP3    O N N 195 
DT  P      P N N 196 
DT  OP1    O N N 197 
DT  OP2    O N N 198 
DT  "O5'"  O N N 199 
DT  "C5'"  C N N 200 
DT  "C4'"  C N R 201 
DT  "O4'"  O N N 202 
DT  "C3'"  C N S 203 
DT  "O3'"  O N N 204 
DT  "C2'"  C N N 205 
DT  "C1'"  C N R 206 
DT  N1     N N N 207 
DT  C2     C N N 208 
DT  O2     O N N 209 
DT  N3     N N N 210 
DT  C4     C N N 211 
DT  O4     O N N 212 
DT  C5     C N N 213 
DT  C7     C N N 214 
DT  C6     C N N 215 
DT  HOP3   H N N 216 
DT  HOP2   H N N 217 
DT  "H5'"  H N N 218 
DT  "H5''" H N N 219 
DT  "H4'"  H N N 220 
DT  "H3'"  H N N 221 
DT  "HO3'" H N N 222 
DT  "H2'"  H N N 223 
DT  "H2''" H N N 224 
DT  "H1'"  H N N 225 
DT  H3     H N N 226 
DT  H71    H N N 227 
DT  H72    H N N 228 
DT  H73    H N N 229 
DT  H6     H N N 230 
GLN N      N N N 231 
GLN CA     C N S 232 
GLN C      C N N 233 
GLN O      O N N 234 
GLN CB     C N N 235 
GLN CG     C N N 236 
GLN CD     C N N 237 
GLN OE1    O N N 238 
GLN NE2    N N N 239 
GLN OXT    O N N 240 
GLN H      H N N 241 
GLN H2     H N N 242 
GLN HA     H N N 243 
GLN HB2    H N N 244 
GLN HB3    H N N 245 
GLN HG2    H N N 246 
GLN HG3    H N N 247 
GLN HE21   H N N 248 
GLN HE22   H N N 249 
GLN HXT    H N N 250 
GLU N      N N N 251 
GLU CA     C N S 252 
GLU C      C N N 253 
GLU O      O N N 254 
GLU CB     C N N 255 
GLU CG     C N N 256 
GLU CD     C N N 257 
GLU OE1    O N N 258 
GLU OE2    O N N 259 
GLU OXT    O N N 260 
GLU H      H N N 261 
GLU H2     H N N 262 
GLU HA     H N N 263 
GLU HB2    H N N 264 
GLU HB3    H N N 265 
GLU HG2    H N N 266 
GLU HG3    H N N 267 
GLU HE2    H N N 268 
GLU HXT    H N N 269 
GLY N      N N N 270 
GLY CA     C N N 271 
GLY C      C N N 272 
GLY O      O N N 273 
GLY OXT    O N N 274 
GLY H      H N N 275 
GLY H2     H N N 276 
GLY HA2    H N N 277 
GLY HA3    H N N 278 
GLY HXT    H N N 279 
HIS N      N N N 280 
HIS CA     C N S 281 
HIS C      C N N 282 
HIS O      O N N 283 
HIS CB     C N N 284 
HIS CG     C Y N 285 
HIS ND1    N Y N 286 
HIS CD2    C Y N 287 
HIS CE1    C Y N 288 
HIS NE2    N Y N 289 
HIS OXT    O N N 290 
HIS H      H N N 291 
HIS H2     H N N 292 
HIS HA     H N N 293 
HIS HB2    H N N 294 
HIS HB3    H N N 295 
HIS HD1    H N N 296 
HIS HD2    H N N 297 
HIS HE1    H N N 298 
HIS HE2    H N N 299 
HIS HXT    H N N 300 
HOH O      O N N 301 
HOH H1     H N N 302 
HOH H2     H N N 303 
ILE N      N N N 304 
ILE CA     C N S 305 
ILE C      C N N 306 
ILE O      O N N 307 
ILE CB     C N S 308 
ILE CG1    C N N 309 
ILE CG2    C N N 310 
ILE CD1    C N N 311 
ILE OXT    O N N 312 
ILE H      H N N 313 
ILE H2     H N N 314 
ILE HA     H N N 315 
ILE HB     H N N 316 
ILE HG12   H N N 317 
ILE HG13   H N N 318 
ILE HG21   H N N 319 
ILE HG22   H N N 320 
ILE HG23   H N N 321 
ILE HD11   H N N 322 
ILE HD12   H N N 323 
ILE HD13   H N N 324 
ILE HXT    H N N 325 
LEU N      N N N 326 
LEU CA     C N S 327 
LEU C      C N N 328 
LEU O      O N N 329 
LEU CB     C N N 330 
LEU CG     C N N 331 
LEU CD1    C N N 332 
LEU CD2    C N N 333 
LEU OXT    O N N 334 
LEU H      H N N 335 
LEU H2     H N N 336 
LEU HA     H N N 337 
LEU HB2    H N N 338 
LEU HB3    H N N 339 
LEU HG     H N N 340 
LEU HD11   H N N 341 
LEU HD12   H N N 342 
LEU HD13   H N N 343 
LEU HD21   H N N 344 
LEU HD22   H N N 345 
LEU HD23   H N N 346 
LEU HXT    H N N 347 
LYS N      N N N 348 
LYS CA     C N S 349 
LYS C      C N N 350 
LYS O      O N N 351 
LYS CB     C N N 352 
LYS CG     C N N 353 
LYS CD     C N N 354 
LYS CE     C N N 355 
LYS NZ     N N N 356 
LYS OXT    O N N 357 
LYS H      H N N 358 
LYS H2     H N N 359 
LYS HA     H N N 360 
LYS HB2    H N N 361 
LYS HB3    H N N 362 
LYS HG2    H N N 363 
LYS HG3    H N N 364 
LYS HD2    H N N 365 
LYS HD3    H N N 366 
LYS HE2    H N N 367 
LYS HE3    H N N 368 
LYS HZ1    H N N 369 
LYS HZ2    H N N 370 
LYS HZ3    H N N 371 
LYS HXT    H N N 372 
MET N      N N N 373 
MET CA     C N S 374 
MET C      C N N 375 
MET O      O N N 376 
MET CB     C N N 377 
MET CG     C N N 378 
MET SD     S N N 379 
MET CE     C N N 380 
MET OXT    O N N 381 
MET H      H N N 382 
MET H2     H N N 383 
MET HA     H N N 384 
MET HB2    H N N 385 
MET HB3    H N N 386 
MET HG2    H N N 387 
MET HG3    H N N 388 
MET HE1    H N N 389 
MET HE2    H N N 390 
MET HE3    H N N 391 
MET HXT    H N N 392 
PBO C10    C N N 393 
PBO C11    C N N 394 
PBO C12    C N N 395 
PBO C13    C N N 396 
PBO C14    C Y N 397 
PBO C15    C Y N 398 
PBO C16    C Y N 399 
PBO C17    C Y N 400 
PBO "N1'"  N Y N 401 
PBO C18    C Y N 402 
PBO O13    O N N 403 
PBO H103   H N N 404 
PBO H101   H N N 405 
PBO H102   H N N 406 
PBO H111   H N N 407 
PBO H112   H N N 408 
PBO H121   H N N 409 
PBO H122   H N N 410 
PBO H15    H N N 411 
PBO H16    H N N 412 
PBO H17    H N N 413 
PBO H18    H N N 414 
PHE N      N N N 415 
PHE CA     C N S 416 
PHE C      C N N 417 
PHE O      O N N 418 
PHE CB     C N N 419 
PHE CG     C Y N 420 
PHE CD1    C Y N 421 
PHE CD2    C Y N 422 
PHE CE1    C Y N 423 
PHE CE2    C Y N 424 
PHE CZ     C Y N 425 
PHE OXT    O N N 426 
PHE H      H N N 427 
PHE H2     H N N 428 
PHE HA     H N N 429 
PHE HB2    H N N 430 
PHE HB3    H N N 431 
PHE HD1    H N N 432 
PHE HD2    H N N 433 
PHE HE1    H N N 434 
PHE HE2    H N N 435 
PHE HZ     H N N 436 
PHE HXT    H N N 437 
PRO N      N N N 438 
PRO CA     C N S 439 
PRO C      C N N 440 
PRO O      O N N 441 
PRO CB     C N N 442 
PRO CG     C N N 443 
PRO CD     C N N 444 
PRO OXT    O N N 445 
PRO H      H N N 446 
PRO HA     H N N 447 
PRO HB2    H N N 448 
PRO HB3    H N N 449 
PRO HG2    H N N 450 
PRO HG3    H N N 451 
PRO HD2    H N N 452 
PRO HD3    H N N 453 
PRO HXT    H N N 454 
SER N      N N N 455 
SER CA     C N S 456 
SER C      C N N 457 
SER O      O N N 458 
SER CB     C N N 459 
SER OG     O N N 460 
SER OXT    O N N 461 
SER H      H N N 462 
SER H2     H N N 463 
SER HA     H N N 464 
SER HB2    H N N 465 
SER HB3    H N N 466 
SER HG     H N N 467 
SER HXT    H N N 468 
THR N      N N N 469 
THR CA     C N S 470 
THR C      C N N 471 
THR O      O N N 472 
THR CB     C N R 473 
THR OG1    O N N 474 
THR CG2    C N N 475 
THR OXT    O N N 476 
THR H      H N N 477 
THR H2     H N N 478 
THR HA     H N N 479 
THR HB     H N N 480 
THR HG1    H N N 481 
THR HG21   H N N 482 
THR HG22   H N N 483 
THR HG23   H N N 484 
THR HXT    H N N 485 
TRP N      N N N 486 
TRP CA     C N S 487 
TRP C      C N N 488 
TRP O      O N N 489 
TRP CB     C N N 490 
TRP CG     C Y N 491 
TRP CD1    C Y N 492 
TRP CD2    C Y N 493 
TRP NE1    N Y N 494 
TRP CE2    C Y N 495 
TRP CE3    C Y N 496 
TRP CZ2    C Y N 497 
TRP CZ3    C Y N 498 
TRP CH2    C Y N 499 
TRP OXT    O N N 500 
TRP H      H N N 501 
TRP H2     H N N 502 
TRP HA     H N N 503 
TRP HB2    H N N 504 
TRP HB3    H N N 505 
TRP HD1    H N N 506 
TRP HE1    H N N 507 
TRP HE3    H N N 508 
TRP HZ2    H N N 509 
TRP HZ3    H N N 510 
TRP HH2    H N N 511 
TRP HXT    H N N 512 
TYR N      N N N 513 
TYR CA     C N S 514 
TYR C      C N N 515 
TYR O      O N N 516 
TYR CB     C N N 517 
TYR CG     C Y N 518 
TYR CD1    C Y N 519 
TYR CD2    C Y N 520 
TYR CE1    C Y N 521 
TYR CE2    C Y N 522 
TYR CZ     C Y N 523 
TYR OH     O N N 524 
TYR OXT    O N N 525 
TYR H      H N N 526 
TYR H2     H N N 527 
TYR HA     H N N 528 
TYR HB2    H N N 529 
TYR HB3    H N N 530 
TYR HD1    H N N 531 
TYR HD2    H N N 532 
TYR HE1    H N N 533 
TYR HE2    H N N 534 
TYR HH     H N N 535 
TYR HXT    H N N 536 
VAL N      N N N 537 
VAL CA     C N S 538 
VAL C      C N N 539 
VAL O      O N N 540 
VAL CB     C N N 541 
VAL CG1    C N N 542 
VAL CG2    C N N 543 
VAL OXT    O N N 544 
VAL H      H N N 545 
VAL H2     H N N 546 
VAL HA     H N N 547 
VAL HB     H N N 548 
VAL HG11   H N N 549 
VAL HG12   H N N 550 
VAL HG13   H N N 551 
VAL HG21   H N N 552 
VAL HG22   H N N 553 
VAL HG23   H N N 554 
VAL HXT    H N N 555 
# 
loop_
_chem_comp_bond.comp_id 
_chem_comp_bond.atom_id_1 
_chem_comp_bond.atom_id_2 
_chem_comp_bond.value_order 
_chem_comp_bond.pdbx_aromatic_flag 
_chem_comp_bond.pdbx_stereo_config 
_chem_comp_bond.pdbx_ordinal 
ALA N     CA     sing N N 1   
ALA N     H      sing N N 2   
ALA N     H2     sing N N 3   
ALA CA    C      sing N N 4   
ALA CA    CB     sing N N 5   
ALA CA    HA     sing N N 6   
ALA C     O      doub N N 7   
ALA C     OXT    sing N N 8   
ALA CB    HB1    sing N N 9   
ALA CB    HB2    sing N N 10  
ALA CB    HB3    sing N N 11  
ALA OXT   HXT    sing N N 12  
ARG N     CA     sing N N 13  
ARG N     H      sing N N 14  
ARG N     H2     sing N N 15  
ARG CA    C      sing N N 16  
ARG CA    CB     sing N N 17  
ARG CA    HA     sing N N 18  
ARG C     O      doub N N 19  
ARG C     OXT    sing N N 20  
ARG CB    CG     sing N N 21  
ARG CB    HB2    sing N N 22  
ARG CB    HB3    sing N N 23  
ARG CG    CD     sing N N 24  
ARG CG    HG2    sing N N 25  
ARG CG    HG3    sing N N 26  
ARG CD    NE     sing N N 27  
ARG CD    HD2    sing N N 28  
ARG CD    HD3    sing N N 29  
ARG NE    CZ     sing N N 30  
ARG NE    HE     sing N N 31  
ARG CZ    NH1    sing N N 32  
ARG CZ    NH2    doub N N 33  
ARG NH1   HH11   sing N N 34  
ARG NH1   HH12   sing N N 35  
ARG NH2   HH21   sing N N 36  
ARG NH2   HH22   sing N N 37  
ARG OXT   HXT    sing N N 38  
ASN N     CA     sing N N 39  
ASN N     H      sing N N 40  
ASN N     H2     sing N N 41  
ASN CA    C      sing N N 42  
ASN CA    CB     sing N N 43  
ASN CA    HA     sing N N 44  
ASN C     O      doub N N 45  
ASN C     OXT    sing N N 46  
ASN CB    CG     sing N N 47  
ASN CB    HB2    sing N N 48  
ASN CB    HB3    sing N N 49  
ASN CG    OD1    doub N N 50  
ASN CG    ND2    sing N N 51  
ASN ND2   HD21   sing N N 52  
ASN ND2   HD22   sing N N 53  
ASN OXT   HXT    sing N N 54  
ASP N     CA     sing N N 55  
ASP N     H      sing N N 56  
ASP N     H2     sing N N 57  
ASP CA    C      sing N N 58  
ASP CA    CB     sing N N 59  
ASP CA    HA     sing N N 60  
ASP C     O      doub N N 61  
ASP C     OXT    sing N N 62  
ASP CB    CG     sing N N 63  
ASP CB    HB2    sing N N 64  
ASP CB    HB3    sing N N 65  
ASP CG    OD1    doub N N 66  
ASP CG    OD2    sing N N 67  
ASP OD2   HD2    sing N N 68  
ASP OXT   HXT    sing N N 69  
CYS N     CA     sing N N 70  
CYS N     H      sing N N 71  
CYS N     H2     sing N N 72  
CYS CA    C      sing N N 73  
CYS CA    CB     sing N N 74  
CYS CA    HA     sing N N 75  
CYS C     O      doub N N 76  
CYS C     OXT    sing N N 77  
CYS CB    SG     sing N N 78  
CYS CB    HB2    sing N N 79  
CYS CB    HB3    sing N N 80  
CYS SG    HG     sing N N 81  
CYS OXT   HXT    sing N N 82  
DA  OP3   P      sing N N 83  
DA  OP3   HOP3   sing N N 84  
DA  P     OP1    doub N N 85  
DA  P     OP2    sing N N 86  
DA  P     "O5'"  sing N N 87  
DA  OP2   HOP2   sing N N 88  
DA  "O5'" "C5'"  sing N N 89  
DA  "C5'" "C4'"  sing N N 90  
DA  "C5'" "H5'"  sing N N 91  
DA  "C5'" "H5''" sing N N 92  
DA  "C4'" "O4'"  sing N N 93  
DA  "C4'" "C3'"  sing N N 94  
DA  "C4'" "H4'"  sing N N 95  
DA  "O4'" "C1'"  sing N N 96  
DA  "C3'" "O3'"  sing N N 97  
DA  "C3'" "C2'"  sing N N 98  
DA  "C3'" "H3'"  sing N N 99  
DA  "O3'" "HO3'" sing N N 100 
DA  "C2'" "C1'"  sing N N 101 
DA  "C2'" "H2'"  sing N N 102 
DA  "C2'" "H2''" sing N N 103 
DA  "C1'" N9     sing N N 104 
DA  "C1'" "H1'"  sing N N 105 
DA  N9    C8     sing Y N 106 
DA  N9    C4     sing Y N 107 
DA  C8    N7     doub Y N 108 
DA  C8    H8     sing N N 109 
DA  N7    C5     sing Y N 110 
DA  C5    C6     sing Y N 111 
DA  C5    C4     doub Y N 112 
DA  C6    N6     sing N N 113 
DA  C6    N1     doub Y N 114 
DA  N6    H61    sing N N 115 
DA  N6    H62    sing N N 116 
DA  N1    C2     sing Y N 117 
DA  C2    N3     doub Y N 118 
DA  C2    H2     sing N N 119 
DA  N3    C4     sing Y N 120 
DC  OP3   P      sing N N 121 
DC  OP3   HOP3   sing N N 122 
DC  P     OP1    doub N N 123 
DC  P     OP2    sing N N 124 
DC  P     "O5'"  sing N N 125 
DC  OP2   HOP2   sing N N 126 
DC  "O5'" "C5'"  sing N N 127 
DC  "C5'" "C4'"  sing N N 128 
DC  "C5'" "H5'"  sing N N 129 
DC  "C5'" "H5''" sing N N 130 
DC  "C4'" "O4'"  sing N N 131 
DC  "C4'" "C3'"  sing N N 132 
DC  "C4'" "H4'"  sing N N 133 
DC  "O4'" "C1'"  sing N N 134 
DC  "C3'" "O3'"  sing N N 135 
DC  "C3'" "C2'"  sing N N 136 
DC  "C3'" "H3'"  sing N N 137 
DC  "O3'" "HO3'" sing N N 138 
DC  "C2'" "C1'"  sing N N 139 
DC  "C2'" "H2'"  sing N N 140 
DC  "C2'" "H2''" sing N N 141 
DC  "C1'" N1     sing N N 142 
DC  "C1'" "H1'"  sing N N 143 
DC  N1    C2     sing N N 144 
DC  N1    C6     sing N N 145 
DC  C2    O2     doub N N 146 
DC  C2    N3     sing N N 147 
DC  N3    C4     doub N N 148 
DC  C4    N4     sing N N 149 
DC  C4    C5     sing N N 150 
DC  N4    H41    sing N N 151 
DC  N4    H42    sing N N 152 
DC  C5    C6     doub N N 153 
DC  C5    H5     sing N N 154 
DC  C6    H6     sing N N 155 
DG  OP3   P      sing N N 156 
DG  OP3   HOP3   sing N N 157 
DG  P     OP1    doub N N 158 
DG  P     OP2    sing N N 159 
DG  P     "O5'"  sing N N 160 
DG  OP2   HOP2   sing N N 161 
DG  "O5'" "C5'"  sing N N 162 
DG  "C5'" "C4'"  sing N N 163 
DG  "C5'" "H5'"  sing N N 164 
DG  "C5'" "H5''" sing N N 165 
DG  "C4'" "O4'"  sing N N 166 
DG  "C4'" "C3'"  sing N N 167 
DG  "C4'" "H4'"  sing N N 168 
DG  "O4'" "C1'"  sing N N 169 
DG  "C3'" "O3'"  sing N N 170 
DG  "C3'" "C2'"  sing N N 171 
DG  "C3'" "H3'"  sing N N 172 
DG  "O3'" "HO3'" sing N N 173 
DG  "C2'" "C1'"  sing N N 174 
DG  "C2'" "H2'"  sing N N 175 
DG  "C2'" "H2''" sing N N 176 
DG  "C1'" N9     sing N N 177 
DG  "C1'" "H1'"  sing N N 178 
DG  N9    C8     sing Y N 179 
DG  N9    C4     sing Y N 180 
DG  C8    N7     doub Y N 181 
DG  C8    H8     sing N N 182 
DG  N7    C5     sing Y N 183 
DG  C5    C6     sing N N 184 
DG  C5    C4     doub Y N 185 
DG  C6    O6     doub N N 186 
DG  C6    N1     sing N N 187 
DG  N1    C2     sing N N 188 
DG  N1    H1     sing N N 189 
DG  C2    N2     sing N N 190 
DG  C2    N3     doub N N 191 
DG  N2    H21    sing N N 192 
DG  N2    H22    sing N N 193 
DG  N3    C4     sing N N 194 
DT  OP3   P      sing N N 195 
DT  OP3   HOP3   sing N N 196 
DT  P     OP1    doub N N 197 
DT  P     OP2    sing N N 198 
DT  P     "O5'"  sing N N 199 
DT  OP2   HOP2   sing N N 200 
DT  "O5'" "C5'"  sing N N 201 
DT  "C5'" "C4'"  sing N N 202 
DT  "C5'" "H5'"  sing N N 203 
DT  "C5'" "H5''" sing N N 204 
DT  "C4'" "O4'"  sing N N 205 
DT  "C4'" "C3'"  sing N N 206 
DT  "C4'" "H4'"  sing N N 207 
DT  "O4'" "C1'"  sing N N 208 
DT  "C3'" "O3'"  sing N N 209 
DT  "C3'" "C2'"  sing N N 210 
DT  "C3'" "H3'"  sing N N 211 
DT  "O3'" "HO3'" sing N N 212 
DT  "C2'" "C1'"  sing N N 213 
DT  "C2'" "H2'"  sing N N 214 
DT  "C2'" "H2''" sing N N 215 
DT  "C1'" N1     sing N N 216 
DT  "C1'" "H1'"  sing N N 217 
DT  N1    C2     sing N N 218 
DT  N1    C6     sing N N 219 
DT  C2    O2     doub N N 220 
DT  C2    N3     sing N N 221 
DT  N3    C4     sing N N 222 
DT  N3    H3     sing N N 223 
DT  C4    O4     doub N N 224 
DT  C4    C5     sing N N 225 
DT  C5    C7     sing N N 226 
DT  C5    C6     doub N N 227 
DT  C7    H71    sing N N 228 
DT  C7    H72    sing N N 229 
DT  C7    H73    sing N N 230 
DT  C6    H6     sing N N 231 
GLN N     CA     sing N N 232 
GLN N     H      sing N N 233 
GLN N     H2     sing N N 234 
GLN CA    C      sing N N 235 
GLN CA    CB     sing N N 236 
GLN CA    HA     sing N N 237 
GLN C     O      doub N N 238 
GLN C     OXT    sing N N 239 
GLN CB    CG     sing N N 240 
GLN CB    HB2    sing N N 241 
GLN CB    HB3    sing N N 242 
GLN CG    CD     sing N N 243 
GLN CG    HG2    sing N N 244 
GLN CG    HG3    sing N N 245 
GLN CD    OE1    doub N N 246 
GLN CD    NE2    sing N N 247 
GLN NE2   HE21   sing N N 248 
GLN NE2   HE22   sing N N 249 
GLN OXT   HXT    sing N N 250 
GLU N     CA     sing N N 251 
GLU N     H      sing N N 252 
GLU N     H2     sing N N 253 
GLU CA    C      sing N N 254 
GLU CA    CB     sing N N 255 
GLU CA    HA     sing N N 256 
GLU C     O      doub N N 257 
GLU C     OXT    sing N N 258 
GLU CB    CG     sing N N 259 
GLU CB    HB2    sing N N 260 
GLU CB    HB3    sing N N 261 
GLU CG    CD     sing N N 262 
GLU CG    HG2    sing N N 263 
GLU CG    HG3    sing N N 264 
GLU CD    OE1    doub N N 265 
GLU CD    OE2    sing N N 266 
GLU OE2   HE2    sing N N 267 
GLU OXT   HXT    sing N N 268 
GLY N     CA     sing N N 269 
GLY N     H      sing N N 270 
GLY N     H2     sing N N 271 
GLY CA    C      sing N N 272 
GLY CA    HA2    sing N N 273 
GLY CA    HA3    sing N N 274 
GLY C     O      doub N N 275 
GLY C     OXT    sing N N 276 
GLY OXT   HXT    sing N N 277 
HIS N     CA     sing N N 278 
HIS N     H      sing N N 279 
HIS N     H2     sing N N 280 
HIS CA    C      sing N N 281 
HIS CA    CB     sing N N 282 
HIS CA    HA     sing N N 283 
HIS C     O      doub N N 284 
HIS C     OXT    sing N N 285 
HIS CB    CG     sing N N 286 
HIS CB    HB2    sing N N 287 
HIS CB    HB3    sing N N 288 
HIS CG    ND1    sing Y N 289 
HIS CG    CD2    doub Y N 290 
HIS ND1   CE1    doub Y N 291 
HIS ND1   HD1    sing N N 292 
HIS CD2   NE2    sing Y N 293 
HIS CD2   HD2    sing N N 294 
HIS CE1   NE2    sing Y N 295 
HIS CE1   HE1    sing N N 296 
HIS NE2   HE2    sing N N 297 
HIS OXT   HXT    sing N N 298 
HOH O     H1     sing N N 299 
HOH O     H2     sing N N 300 
ILE N     CA     sing N N 301 
ILE N     H      sing N N 302 
ILE N     H2     sing N N 303 
ILE CA    C      sing N N 304 
ILE CA    CB     sing N N 305 
ILE CA    HA     sing N N 306 
ILE C     O      doub N N 307 
ILE C     OXT    sing N N 308 
ILE CB    CG1    sing N N 309 
ILE CB    CG2    sing N N 310 
ILE CB    HB     sing N N 311 
ILE CG1   CD1    sing N N 312 
ILE CG1   HG12   sing N N 313 
ILE CG1   HG13   sing N N 314 
ILE CG2   HG21   sing N N 315 
ILE CG2   HG22   sing N N 316 
ILE CG2   HG23   sing N N 317 
ILE CD1   HD11   sing N N 318 
ILE CD1   HD12   sing N N 319 
ILE CD1   HD13   sing N N 320 
ILE OXT   HXT    sing N N 321 
LEU N     CA     sing N N 322 
LEU N     H      sing N N 323 
LEU N     H2     sing N N 324 
LEU CA    C      sing N N 325 
LEU CA    CB     sing N N 326 
LEU CA    HA     sing N N 327 
LEU C     O      doub N N 328 
LEU C     OXT    sing N N 329 
LEU CB    CG     sing N N 330 
LEU CB    HB2    sing N N 331 
LEU CB    HB3    sing N N 332 
LEU CG    CD1    sing N N 333 
LEU CG    CD2    sing N N 334 
LEU CG    HG     sing N N 335 
LEU CD1   HD11   sing N N 336 
LEU CD1   HD12   sing N N 337 
LEU CD1   HD13   sing N N 338 
LEU CD2   HD21   sing N N 339 
LEU CD2   HD22   sing N N 340 
LEU CD2   HD23   sing N N 341 
LEU OXT   HXT    sing N N 342 
LYS N     CA     sing N N 343 
LYS N     H      sing N N 344 
LYS N     H2     sing N N 345 
LYS CA    C      sing N N 346 
LYS CA    CB     sing N N 347 
LYS CA    HA     sing N N 348 
LYS C     O      doub N N 349 
LYS C     OXT    sing N N 350 
LYS CB    CG     sing N N 351 
LYS CB    HB2    sing N N 352 
LYS CB    HB3    sing N N 353 
LYS CG    CD     sing N N 354 
LYS CG    HG2    sing N N 355 
LYS CG    HG3    sing N N 356 
LYS CD    CE     sing N N 357 
LYS CD    HD2    sing N N 358 
LYS CD    HD3    sing N N 359 
LYS CE    NZ     sing N N 360 
LYS CE    HE2    sing N N 361 
LYS CE    HE3    sing N N 362 
LYS NZ    HZ1    sing N N 363 
LYS NZ    HZ2    sing N N 364 
LYS NZ    HZ3    sing N N 365 
LYS OXT   HXT    sing N N 366 
MET N     CA     sing N N 367 
MET N     H      sing N N 368 
MET N     H2     sing N N 369 
MET CA    C      sing N N 370 
MET CA    CB     sing N N 371 
MET CA    HA     sing N N 372 
MET C     O      doub N N 373 
MET C     OXT    sing N N 374 
MET CB    CG     sing N N 375 
MET CB    HB2    sing N N 376 
MET CB    HB3    sing N N 377 
MET CG    SD     sing N N 378 
MET CG    HG2    sing N N 379 
MET CG    HG3    sing N N 380 
MET SD    CE     sing N N 381 
MET CE    HE1    sing N N 382 
MET CE    HE2    sing N N 383 
MET CE    HE3    sing N N 384 
MET OXT   HXT    sing N N 385 
PBO C10   C11    sing N N 386 
PBO C10   H103   sing N N 387 
PBO C10   H101   sing N N 388 
PBO C10   H102   sing N N 389 
PBO C11   C12    sing N N 390 
PBO C11   H111   sing N N 391 
PBO C11   H112   sing N N 392 
PBO C12   C13    sing N N 393 
PBO C12   H121   sing N N 394 
PBO C12   H122   sing N N 395 
PBO C13   C14    sing N N 396 
PBO C13   O13    doub N N 397 
PBO C14   C15    doub Y N 398 
PBO C14   C18    sing Y N 399 
PBO C15   C16    sing Y N 400 
PBO C15   H15    sing N N 401 
PBO C16   C17    doub Y N 402 
PBO C16   H16    sing N N 403 
PBO C17   "N1'"  sing Y N 404 
PBO C17   H17    sing N N 405 
PBO "N1'" C18    doub Y N 406 
PBO C18   H18    sing N N 407 
PHE N     CA     sing N N 408 
PHE N     H      sing N N 409 
PHE N     H2     sing N N 410 
PHE CA    C      sing N N 411 
PHE CA    CB     sing N N 412 
PHE CA    HA     sing N N 413 
PHE C     O      doub N N 414 
PHE C     OXT    sing N N 415 
PHE CB    CG     sing N N 416 
PHE CB    HB2    sing N N 417 
PHE CB    HB3    sing N N 418 
PHE CG    CD1    doub Y N 419 
PHE CG    CD2    sing Y N 420 
PHE CD1   CE1    sing Y N 421 
PHE CD1   HD1    sing N N 422 
PHE CD2   CE2    doub Y N 423 
PHE CD2   HD2    sing N N 424 
PHE CE1   CZ     doub Y N 425 
PHE CE1   HE1    sing N N 426 
PHE CE2   CZ     sing Y N 427 
PHE CE2   HE2    sing N N 428 
PHE CZ    HZ     sing N N 429 
PHE OXT   HXT    sing N N 430 
PRO N     CA     sing N N 431 
PRO N     CD     sing N N 432 
PRO N     H      sing N N 433 
PRO CA    C      sing N N 434 
PRO CA    CB     sing N N 435 
PRO CA    HA     sing N N 436 
PRO C     O      doub N N 437 
PRO C     OXT    sing N N 438 
PRO CB    CG     sing N N 439 
PRO CB    HB2    sing N N 440 
PRO CB    HB3    sing N N 441 
PRO CG    CD     sing N N 442 
PRO CG    HG2    sing N N 443 
PRO CG    HG3    sing N N 444 
PRO CD    HD2    sing N N 445 
PRO CD    HD3    sing N N 446 
PRO OXT   HXT    sing N N 447 
SER N     CA     sing N N 448 
SER N     H      sing N N 449 
SER N     H2     sing N N 450 
SER CA    C      sing N N 451 
SER CA    CB     sing N N 452 
SER CA    HA     sing N N 453 
SER C     O      doub N N 454 
SER C     OXT    sing N N 455 
SER CB    OG     sing N N 456 
SER CB    HB2    sing N N 457 
SER CB    HB3    sing N N 458 
SER OG    HG     sing N N 459 
SER OXT   HXT    sing N N 460 
THR N     CA     sing N N 461 
THR N     H      sing N N 462 
THR N     H2     sing N N 463 
THR CA    C      sing N N 464 
THR CA    CB     sing N N 465 
THR CA    HA     sing N N 466 
THR C     O      doub N N 467 
THR C     OXT    sing N N 468 
THR CB    OG1    sing N N 469 
THR CB    CG2    sing N N 470 
THR CB    HB     sing N N 471 
THR OG1   HG1    sing N N 472 
THR CG2   HG21   sing N N 473 
THR CG2   HG22   sing N N 474 
THR CG2   HG23   sing N N 475 
THR OXT   HXT    sing N N 476 
TRP N     CA     sing N N 477 
TRP N     H      sing N N 478 
TRP N     H2     sing N N 479 
TRP CA    C      sing N N 480 
TRP CA    CB     sing N N 481 
TRP CA    HA     sing N N 482 
TRP C     O      doub N N 483 
TRP C     OXT    sing N N 484 
TRP CB    CG     sing N N 485 
TRP CB    HB2    sing N N 486 
TRP CB    HB3    sing N N 487 
TRP CG    CD1    doub Y N 488 
TRP CG    CD2    sing Y N 489 
TRP CD1   NE1    sing Y N 490 
TRP CD1   HD1    sing N N 491 
TRP CD2   CE2    doub Y N 492 
TRP CD2   CE3    sing Y N 493 
TRP NE1   CE2    sing Y N 494 
TRP NE1   HE1    sing N N 495 
TRP CE2   CZ2    sing Y N 496 
TRP CE3   CZ3    doub Y N 497 
TRP CE3   HE3    sing N N 498 
TRP CZ2   CH2    doub Y N 499 
TRP CZ2   HZ2    sing N N 500 
TRP CZ3   CH2    sing Y N 501 
TRP CZ3   HZ3    sing N N 502 
TRP CH2   HH2    sing N N 503 
TRP OXT   HXT    sing N N 504 
TYR N     CA     sing N N 505 
TYR N     H      sing N N 506 
TYR N     H2     sing N N 507 
TYR CA    C      sing N N 508 
TYR CA    CB     sing N N 509 
TYR CA    HA     sing N N 510 
TYR C     O      doub N N 511 
TYR C     OXT    sing N N 512 
TYR CB    CG     sing N N 513 
TYR CB    HB2    sing N N 514 
TYR CB    HB3    sing N N 515 
TYR CG    CD1    doub Y N 516 
TYR CG    CD2    sing Y N 517 
TYR CD1   CE1    sing Y N 518 
TYR CD1   HD1    sing N N 519 
TYR CD2   CE2    doub Y N 520 
TYR CD2   HD2    sing N N 521 
TYR CE1   CZ     doub Y N 522 
TYR CE1   HE1    sing N N 523 
TYR CE2   CZ     sing Y N 524 
TYR CE2   HE2    sing N N 525 
TYR CZ    OH     sing N N 526 
TYR OH    HH     sing N N 527 
TYR OXT   HXT    sing N N 528 
VAL N     CA     sing N N 529 
VAL N     H      sing N N 530 
VAL N     H2     sing N N 531 
VAL CA    C      sing N N 532 
VAL CA    CB     sing N N 533 
VAL CA    HA     sing N N 534 
VAL C     O      doub N N 535 
VAL C     OXT    sing N N 536 
VAL CB    CG1    sing N N 537 
VAL CB    CG2    sing N N 538 
VAL CB    HB     sing N N 539 
VAL CG1   HG11   sing N N 540 
VAL CG1   HG12   sing N N 541 
VAL CG1   HG13   sing N N 542 
VAL CG2   HG21   sing N N 543 
VAL CG2   HG22   sing N N 544 
VAL CG2   HG23   sing N N 545 
VAL OXT   HXT    sing N N 546 
# 
loop_
_ndb_struct_conf_na.entry_id 
_ndb_struct_conf_na.feature 
3GYH 'double helix'         
3GYH 'b-form double helix'  
3GYH 'mismatched base pair' 
# 
loop_
_ndb_struct_na_base_pair.model_number 
_ndb_struct_na_base_pair.i_label_asym_id 
_ndb_struct_na_base_pair.i_label_comp_id 
_ndb_struct_na_base_pair.i_label_seq_id 
_ndb_struct_na_base_pair.i_symmetry 
_ndb_struct_na_base_pair.j_label_asym_id 
_ndb_struct_na_base_pair.j_label_comp_id 
_ndb_struct_na_base_pair.j_label_seq_id 
_ndb_struct_na_base_pair.j_symmetry 
_ndb_struct_na_base_pair.shear 
_ndb_struct_na_base_pair.stretch 
_ndb_struct_na_base_pair.stagger 
_ndb_struct_na_base_pair.buckle 
_ndb_struct_na_base_pair.propeller 
_ndb_struct_na_base_pair.opening 
_ndb_struct_na_base_pair.pair_number 
_ndb_struct_na_base_pair.pair_name 
_ndb_struct_na_base_pair.i_auth_asym_id 
_ndb_struct_na_base_pair.i_auth_seq_id 
_ndb_struct_na_base_pair.i_PDB_ins_code 
_ndb_struct_na_base_pair.j_auth_asym_id 
_ndb_struct_na_base_pair.j_auth_seq_id 
_ndb_struct_na_base_pair.j_PDB_ins_code 
_ndb_struct_na_base_pair.hbond_type_28 
_ndb_struct_na_base_pair.hbond_type_12 
1 B DC 2  1_555 C DG 13 1_555 -0.558 -0.322 0.049  -7.085 0.990   -4.900   1  Y_DC202:DG226_Z Y 202 ? Z 226 ? 19 1 
1 B DC 3  1_555 C DG 12 1_555 0.330  -0.170 0.447  -5.699 -6.803  0.872    2  Y_DC203:DG225_Z Y 203 ? Z 225 ? 19 1 
1 B DA 4  1_555 C DT 11 1_555 0.197  -0.094 -0.056 1.830  -1.359  2.018    3  Y_DA204:DT224_Z Y 204 ? Z 224 ? 20 1 
1 B DT 5  1_555 C DA 10 1_555 -0.698 -0.384 -0.473 8.625  -8.850  -6.134   4  Y_DT205:DA223_Z Y 205 ? Z 223 ? 20 1 
1 B DG 6  1_555 C DC 9  1_555 -0.381 -0.365 -0.068 7.935  3.146   4.623    5  Y_DG206:DC222_Z Y 206 ? Z 222 ? 19 1 
1 B DC 8  1_555 C DG 7  1_555 -0.156 -0.290 0.002  -4.993 -1.430  1.402    6  Y_DC208:DG220_Z Y 208 ? Z 220 ? 19 1 
1 B DT 9  1_555 C DA 6  1_555 -0.413 2.465  -0.244 0.085  -1.163  -101.034 7  Y_DT209:DA219_Z Y 209 ? Z 219 ? ?  ? 
1 B DA 10 1_555 C DT 5  1_555 0.188  -0.419 0.590  6.283  -14.002 -2.573   8  Y_DA210:DT218_Z Y 210 ? Z 218 ? 20 1 
1 B DG 11 1_555 C DC 4  1_555 -0.095 -0.031 0.547  1.990  -12.781 -2.002   9  Y_DG211:DC217_Z Y 211 ? Z 217 ? 19 1 
1 B DT 12 1_555 C DA 3  1_555 -0.222 -0.283 -0.041 -0.117 2.693   0.017    10 Y_DT212:DA216_Z Y 212 ? Z 216 ? 20 1 
1 B DA 13 1_555 C DT 2  1_555 -0.641 -0.318 0.396  4.018  4.786   -1.642   11 Y_DA213:DT215_Z Y 213 ? Z 215 ? 20 1 
# 
loop_
_ndb_struct_na_base_pair_step.model_number 
_ndb_struct_na_base_pair_step.i_label_asym_id_1 
_ndb_struct_na_base_pair_step.i_label_comp_id_1 
_ndb_struct_na_base_pair_step.i_label_seq_id_1 
_ndb_struct_na_base_pair_step.i_symmetry_1 
_ndb_struct_na_base_pair_step.j_label_asym_id_1 
_ndb_struct_na_base_pair_step.j_label_comp_id_1 
_ndb_struct_na_base_pair_step.j_label_seq_id_1 
_ndb_struct_na_base_pair_step.j_symmetry_1 
_ndb_struct_na_base_pair_step.i_label_asym_id_2 
_ndb_struct_na_base_pair_step.i_label_comp_id_2 
_ndb_struct_na_base_pair_step.i_label_seq_id_2 
_ndb_struct_na_base_pair_step.i_symmetry_2 
_ndb_struct_na_base_pair_step.j_label_asym_id_2 
_ndb_struct_na_base_pair_step.j_label_comp_id_2 
_ndb_struct_na_base_pair_step.j_label_seq_id_2 
_ndb_struct_na_base_pair_step.j_symmetry_2 
_ndb_struct_na_base_pair_step.shift 
_ndb_struct_na_base_pair_step.slide 
_ndb_struct_na_base_pair_step.rise 
_ndb_struct_na_base_pair_step.tilt 
_ndb_struct_na_base_pair_step.roll 
_ndb_struct_na_base_pair_step.twist 
_ndb_struct_na_base_pair_step.x_displacement 
_ndb_struct_na_base_pair_step.y_displacement 
_ndb_struct_na_base_pair_step.helical_rise 
_ndb_struct_na_base_pair_step.inclination 
_ndb_struct_na_base_pair_step.tip 
_ndb_struct_na_base_pair_step.helical_twist 
_ndb_struct_na_base_pair_step.step_number 
_ndb_struct_na_base_pair_step.step_name 
_ndb_struct_na_base_pair_step.i_auth_asym_id_1 
_ndb_struct_na_base_pair_step.i_auth_seq_id_1 
_ndb_struct_na_base_pair_step.i_PDB_ins_code_1 
_ndb_struct_na_base_pair_step.j_auth_asym_id_1 
_ndb_struct_na_base_pair_step.j_auth_seq_id_1 
_ndb_struct_na_base_pair_step.j_PDB_ins_code_1 
_ndb_struct_na_base_pair_step.i_auth_asym_id_2 
_ndb_struct_na_base_pair_step.i_auth_seq_id_2 
_ndb_struct_na_base_pair_step.i_PDB_ins_code_2 
_ndb_struct_na_base_pair_step.j_auth_asym_id_2 
_ndb_struct_na_base_pair_step.j_auth_seq_id_2 
_ndb_struct_na_base_pair_step.j_PDB_ins_code_2 
1 B DC 2  1_555 C DG 13 1_555 B DC 3  1_555 C DG 12 1_555 0.728  -0.572 3.360 -2.329 4.229  38.265  -1.395  -1.394 3.233 6.420   
3.536   38.558  1  YY_DC202DC203:DG225DG226_ZZ Y 202 ? Z 226 ? Y 203 ? Z 225 ? 
1 B DC 3  1_555 C DG 12 1_555 B DA 4  1_555 C DT 11 1_555 -0.087 0.127  2.971 0.279  6.357  31.253  -0.825  0.204  2.938 11.649  
-0.511  31.879  2  YY_DC203DA204:DT224DG225_ZZ Y 203 ? Z 225 ? Y 204 ? Z 224 ? 
1 B DA 4  1_555 C DT 11 1_555 B DT 5  1_555 C DA 10 1_555 -0.640 -1.065 3.183 1.823  2.073  25.517  -2.956  1.932  3.036 4.677   
-4.111  25.664  3  YY_DA204DT205:DA223DT224_ZZ Y 204 ? Z 224 ? Y 205 ? Z 223 ? 
1 B DT 5  1_555 C DA 10 1_555 B DG 6  1_555 C DC 9  1_555 1.310  0.901  3.457 -0.173 5.462  37.535  0.636   -2.039 3.543 8.434   
0.267   37.916  4  YY_DT205DG206:DC222DA223_ZZ Y 205 ? Z 223 ? Y 206 ? Z 222 ? 
1 B DG 6  1_555 C DC 9  1_555 B DC 8  1_555 C DG 7  1_555 0.369  -1.594 6.886 -3.411 28.703 51.438  -4.664  -0.738 5.366 30.492  
3.623   58.518  5  YY_DG206DC208:DG220DC222_ZZ Y 206 ? Z 222 ? Y 208 ? Z 220 ? 
1 B DC 8  1_555 C DG 7  1_555 B DT 9  1_555 C DA 6  1_555 0.562  -1.850 3.279 5.002  1.489  80.488  -1.469  -0.304 3.275 1.151   
-3.867  80.628  6  YY_DC208DT209:DA219DG220_ZZ Y 208 ? Z 220 ? Y 209 ? Z 219 ? 
1 B DT 9  1_555 C DA 6  1_555 B DA 10 1_555 C DT 5  1_555 0.013  2.007  3.252 -1.865 4.735  -10.928 -14.861 -2.024 2.166 -23.279 
-9.167  -12.051 7  YY_DT209DA210:DT218DA219_ZZ Y 209 ? Z 219 ? Y 210 ? Z 218 ? 
1 B DA 10 1_555 C DT 5  1_555 B DG 11 1_555 C DC 4  1_555 0.144  -0.884 3.340 0.055  -2.229 31.825  -1.191  -0.251 3.393 -4.059  
-0.101  31.901  8  YY_DA210DG211:DC217DT218_ZZ Y 210 ? Z 218 ? Y 211 ? Z 217 ? 
1 B DG 11 1_555 C DC 4  1_555 B DT 12 1_555 C DA 3  1_555 0.126  -0.928 3.364 5.542  -0.071 31.623  -1.666  0.799  3.340 -0.129  
-10.072 32.093  9  YY_DG211DT212:DA216DC217_ZZ Y 211 ? Z 217 ? Y 212 ? Z 216 ? 
1 B DT 12 1_555 C DA 3  1_555 B DA 13 1_555 C DT 2  1_555 0.302  -0.598 3.049 -3.878 8.185  30.428  -2.456  -1.198 2.742 15.178  
7.191   31.716  10 YY_DT212DA213:DT215DA216_ZZ Y 212 ? Z 216 ? Y 213 ? Z 215 ? 
# 
_atom_sites.entry_id                    3GYH 
_atom_sites.fract_transf_matrix[1][1]   -0.00383683 
_atom_sites.fract_transf_matrix[1][2]   -0.01616098 
_atom_sites.fract_transf_matrix[1][3]   0.00960577 
_atom_sites.fract_transf_matrix[2][1]   -0.00876653 
_atom_sites.fract_transf_matrix[2][2]   -0.01458124 
_atom_sites.fract_transf_matrix[2][3]   -0.00886996 
_atom_sites.fract_transf_matrix[3][1]   0.00377342 
_atom_sites.fract_transf_matrix[3][2]   -0.00157431 
_atom_sites.fract_transf_matrix[3][3]   -0.00114143 
_atom_sites.fract_transf_vector[1]      0.276805 
_atom_sites.fract_transf_vector[2]      -0.411130 
_atom_sites.fract_transf_vector[3]      0.007201 
# 
loop_
_atom_type.symbol 
C 
N 
O 
P 
S 
# 
loop_
_atom_site.group_PDB 
_atom_site.id 
_atom_site.type_symbol 
_atom_site.label_atom_id 
_atom_site.label_alt_id 
_atom_site.label_comp_id 
_atom_site.label_asym_id 
_atom_site.label_entity_id 
_atom_site.label_seq_id 
_atom_site.pdbx_PDB_ins_code 
_atom_site.Cartn_x 
_atom_site.Cartn_y 
_atom_site.Cartn_z 
_atom_site.occupancy 
_atom_site.B_iso_or_equiv 
_atom_site.pdbx_formal_charge 
_atom_site.auth_seq_id 
_atom_site.auth_comp_id 
_atom_site.auth_asym_id 
_atom_site.auth_atom_id 
_atom_site.pdbx_PDB_model_num 
ATOM   1    N N     . MET A 1 1   ? 20.021  -10.842 4.575   1.00 85.58  ? 1   MET X N     1 
ATOM   2    C CA    . MET A 1 1   ? 18.964  -10.589 3.553   1.00 84.04  ? 1   MET X CA    1 
ATOM   3    C C     . MET A 1 1   ? 19.459  -9.538  2.570   1.00 82.71  ? 1   MET X C     1 
ATOM   4    O O     . MET A 1 1   ? 19.563  -8.368  2.917   1.00 82.46  ? 1   MET X O     1 
ATOM   5    C CB    . MET A 1 1   ? 17.691  -10.105 4.248   1.00 84.42  ? 1   MET X CB    1 
ATOM   6    C CG    . MET A 1 1   ? 16.469  -10.006 3.354   1.00 88.03  ? 1   MET X CG    1 
ATOM   7    S SD    . MET A 1 1   ? 14.972  -9.527  4.255   1.00 93.90  ? 1   MET X SD    1 
ATOM   8    C CE    . MET A 1 1   ? 14.459  -11.100 4.956   1.00 96.96  ? 1   MET X CE    1 
ATOM   9    N N     . ARG A 1 2   ? 19.777  -9.954  1.347   1.00 81.26  ? 2   ARG X N     1 
ATOM   10   C CA    . ARG A 1 2   ? 20.013  -9.004  0.262   1.00 79.41  ? 2   ARG X CA    1 
ATOM   11   C C     . ARG A 1 2   ? 18.743  -8.213  -0.072  1.00 78.92  ? 2   ARG X C     1 
ATOM   12   O O     . ARG A 1 2   ? 17.627  -8.643  0.224   1.00 79.87  ? 2   ARG X O     1 
ATOM   13   C CB    . ARG A 1 2   ? 20.528  -9.729  -0.980  1.00 79.06  ? 2   ARG X CB    1 
ATOM   14   C CG    . ARG A 1 2   ? 22.008  -10.061 -0.941  1.00 76.74  ? 2   ARG X CG    1 
ATOM   15   C CD    . ARG A 1 2   ? 22.433  -10.843 -2.178  1.00 71.59  ? 2   ARG X CD    1 
ATOM   16   N NE    . ARG A 1 2   ? 22.100  -12.265 -2.076  1.00 66.36  ? 2   ARG X NE    1 
ATOM   17   C CZ    . ARG A 1 2   ? 20.948  -12.798 -2.481  1.00 67.97  ? 2   ARG X CZ    1 
ATOM   18   N NH1   . ARG A 1 2   ? 20.000  -12.036 -3.023  1.00 62.69  ? 2   ARG X NH1   1 
ATOM   19   N NH2   . ARG A 1 2   ? 20.744  -14.102 -2.345  1.00 69.71  ? 2   ARG X NH2   1 
ATOM   20   N N     . MET A 1 3   ? 18.902  -7.053  -0.688  1.00 77.50  ? 3   MET X N     1 
ATOM   21   C CA    . MET A 1 3   ? 17.737  -6.249  -0.990  1.00 77.50  ? 3   MET X CA    1 
ATOM   22   C C     . MET A 1 3   ? 16.845  -6.957  -2.004  1.00 76.82  ? 3   MET X C     1 
ATOM   23   O O     . MET A 1 3   ? 15.632  -6.989  -1.848  1.00 76.32  ? 3   MET X O     1 
ATOM   24   C CB    . MET A 1 3   ? 18.141  -4.847  -1.461  1.00 77.86  ? 3   MET X CB    1 
ATOM   25   C CG    . MET A 1 3   ? 18.497  -3.875  -0.320  1.00 78.56  ? 3   MET X CG    1 
ATOM   26   S SD    . MET A 1 3   ? 17.170  -3.588  0.895   1.00 76.95  ? 3   MET X SD    1 
ATOM   27   C CE    . MET A 1 3   ? 16.119  -2.436  -0.002  1.00 78.34  ? 3   MET X CE    1 
ATOM   28   N N     . ASP A 1 4   ? 17.460  -7.542  -3.027  1.00 76.83  ? 4   ASP X N     1 
ATOM   29   C CA    . ASP A 1 4   ? 16.725  -8.263  -4.057  1.00 77.27  ? 4   ASP X CA    1 
ATOM   30   C C     . ASP A 1 4   ? 15.798  -9.266  -3.400  1.00 77.82  ? 4   ASP X C     1 
ATOM   31   O O     . ASP A 1 4   ? 14.753  -9.633  -3.961  1.00 76.66  ? 4   ASP X O     1 
ATOM   32   C CB    . ASP A 1 4   ? 17.682  -8.985  -5.015  1.00 77.22  ? 4   ASP X CB    1 
ATOM   33   C CG    . ASP A 1 4   ? 18.590  -9.975  -4.306  1.00 77.90  ? 4   ASP X CG    1 
ATOM   34   O OD1   . ASP A 1 4   ? 18.426  -11.196 -4.530  1.00 79.70  ? 4   ASP X OD1   1 
ATOM   35   O OD2   . ASP A 1 4   ? 19.473  -9.536  -3.535  1.00 75.29  ? 4   ASP X OD2   1 
ATOM   36   N N     . GLU A 1 5   ? 16.188  -9.695  -2.203  1.00 77.70  ? 5   GLU X N     1 
ATOM   37   C CA    . GLU A 1 5   ? 15.379  -10.598 -1.408  1.00 78.55  ? 5   GLU X CA    1 
ATOM   38   C C     . GLU A 1 5   ? 14.229  -9.855  -0.745  1.00 78.01  ? 5   GLU X C     1 
ATOM   39   O O     . GLU A 1 5   ? 13.061  -10.102 -1.071  1.00 79.00  ? 5   GLU X O     1 
ATOM   40   C CB    . GLU A 1 5   ? 16.241  -11.312 -0.374  1.00 79.27  ? 5   GLU X CB    1 
ATOM   41   C CG    . GLU A 1 5   ? 17.659  -11.564 -0.872  1.00 84.91  ? 5   GLU X CG    1 
ATOM   42   C CD    . GLU A 1 5   ? 18.365  -12.689 -0.130  1.00 90.81  ? 5   GLU X CD    1 
ATOM   43   O OE1   . GLU A 1 5   ? 17.705  -13.710 0.172   1.00 92.30  ? 5   GLU X OE1   1 
ATOM   44   O OE2   . GLU A 1 5   ? 19.581  -12.553 0.144   1.00 93.41  ? 5   GLU X OE2   1 
ATOM   45   N N     . PHE A 1 6   ? 14.553  -8.939  0.170   1.00 76.86  ? 6   PHE X N     1 
ATOM   46   C CA    . PHE A 1 6   ? 13.549  -8.035  0.751   1.00 74.20  ? 6   PHE X CA    1 
ATOM   47   C C     . PHE A 1 6   ? 12.461  -7.767  -0.278  1.00 74.43  ? 6   PHE X C     1 
ATOM   48   O O     . PHE A 1 6   ? 11.277  -8.028  -0.030  1.00 73.81  ? 6   PHE X O     1 
ATOM   49   C CB    . PHE A 1 6   ? 14.212  -6.723  1.177   1.00 74.10  ? 6   PHE X CB    1 
ATOM   50   C CG    . PHE A 1 6   ? 13.248  -5.642  1.642   1.00 70.98  ? 6   PHE X CG    1 
ATOM   51   C CD1   . PHE A 1 6   ? 12.453  -5.818  2.756   1.00 69.69  ? 6   PHE X CD1   1 
ATOM   52   C CD2   . PHE A 1 6   ? 13.195  -4.419  0.996   1.00 72.20  ? 6   PHE X CD2   1 
ATOM   53   C CE1   . PHE A 1 6   ? 11.596  -4.812  3.195   1.00 67.01  ? 6   PHE X CE1   1 
ATOM   54   C CE2   . PHE A 1 6   ? 12.328  -3.399  1.441   1.00 71.29  ? 6   PHE X CE2   1 
ATOM   55   C CZ    . PHE A 1 6   ? 11.535  -3.602  2.540   1.00 65.47  ? 6   PHE X CZ    1 
ATOM   56   N N     . TYR A 1 7   ? 12.878  -7.271  -1.443  1.00 73.31  ? 7   TYR X N     1 
ATOM   57   C CA    . TYR A 1 7   ? 11.949  -6.858  -2.471  1.00 73.70  ? 7   TYR X CA    1 
ATOM   58   C C     . TYR A 1 7   ? 10.931  -7.940  -2.798  1.00 74.33  ? 7   TYR X C     1 
ATOM   59   O O     . TYR A 1 7   ? 9.732   -7.664  -2.879  1.00 74.05  ? 7   TYR X O     1 
ATOM   60   C CB    . TYR A 1 7   ? 12.692  -6.423  -3.725  1.00 74.45  ? 7   TYR X CB    1 
ATOM   61   C CG    . TYR A 1 7   ? 12.936  -4.943  -3.766  1.00 76.98  ? 7   TYR X CG    1 
ATOM   62   C CD1   . TYR A 1 7   ? 13.592  -4.311  -2.722  1.00 77.39  ? 7   TYR X CD1   1 
ATOM   63   C CD2   . TYR A 1 7   ? 12.497  -4.171  -4.840  1.00 79.71  ? 7   TYR X CD2   1 
ATOM   64   C CE1   . TYR A 1 7   ? 13.820  -2.951  -2.734  1.00 79.30  ? 7   TYR X CE1   1 
ATOM   65   C CE2   . TYR A 1 7   ? 12.716  -2.804  -4.867  1.00 82.06  ? 7   TYR X CE2   1 
ATOM   66   C CZ    . TYR A 1 7   ? 13.383  -2.197  -3.803  1.00 84.46  ? 7   TYR X CZ    1 
ATOM   67   O OH    . TYR A 1 7   ? 13.622  -0.834  -3.795  1.00 87.80  ? 7   TYR X OH    1 
ATOM   68   N N     . THR A 1 8   ? 11.393  -9.171  -2.984  1.00 74.28  ? 8   THR X N     1 
ATOM   69   C CA    . THR A 1 8   ? 10.468  -10.221 -3.381  1.00 74.48  ? 8   THR X CA    1 
ATOM   70   C C     . THR A 1 8   ? 9.533   -10.552 -2.240  1.00 74.40  ? 8   THR X C     1 
ATOM   71   O O     . THR A 1 8   ? 8.308   -10.595 -2.424  1.00 74.04  ? 8   THR X O     1 
ATOM   72   C CB    . THR A 1 8   ? 11.165  -11.502 -3.831  1.00 74.36  ? 8   THR X CB    1 
ATOM   73   O OG1   . THR A 1 8   ? 11.805  -11.274 -5.092  1.00 75.49  ? 8   THR X OG1   1 
ATOM   74   C CG2   . THR A 1 8   ? 10.130  -12.596 -4.009  1.00 74.78  ? 8   THR X CG2   1 
ATOM   75   N N     . LYS A 1 9   ? 10.113  -10.785 -1.062  1.00 73.60  ? 9   LYS X N     1 
ATOM   76   C CA    . LYS A 1 9   ? 9.310   -11.122 0.113   1.00 72.91  ? 9   LYS X CA    1 
ATOM   77   C C     . LYS A 1 9   ? 8.133   -10.149 0.189   1.00 72.22  ? 9   LYS X C     1 
ATOM   78   O O     . LYS A 1 9   ? 6.971   -10.540 0.015   1.00 72.57  ? 9   LYS X O     1 
ATOM   79   C CB    . LYS A 1 9   ? 10.148  -11.066 1.396   1.00 73.23  ? 9   LYS X CB    1 
ATOM   80   C CG    . LYS A 1 9   ? 11.290  -12.090 1.471   1.00 74.68  ? 9   LYS X CG    1 
ATOM   81   C CD    . LYS A 1 9   ? 11.617  -12.532 2.904   1.00 74.85  ? 9   LYS X CD    1 
ATOM   82   C CE    . LYS A 1 9   ? 12.526  -13.772 2.883   1.00 79.07  ? 9   LYS X CE    1 
ATOM   83   N NZ    . LYS A 1 9   ? 12.857  -14.334 4.234   1.00 81.89  ? 9   LYS X NZ    1 
ATOM   84   N N     . VAL A 1 10  ? 8.450   -8.877  0.416   1.00 70.16  ? 10  VAL X N     1 
ATOM   85   C CA    . VAL A 1 10  ? 7.478   -7.805  0.287   1.00 68.39  ? 10  VAL X CA    1 
ATOM   86   C C     . VAL A 1 10  ? 6.451   -8.098  -0.792  1.00 69.64  ? 10  VAL X C     1 
ATOM   87   O O     . VAL A 1 10  ? 5.249   -8.117  -0.526  1.00 68.82  ? 10  VAL X O     1 
ATOM   88   C CB    . VAL A 1 10  ? 8.160   -6.492  -0.065  1.00 67.69  ? 10  VAL X CB    1 
ATOM   89   C CG1   . VAL A 1 10  ? 7.124   -5.410  -0.346  1.00 64.56  ? 10  VAL X CG1   1 
ATOM   90   C CG2   . VAL A 1 10  ? 9.105   -6.084  1.036   1.00 66.34  ? 10  VAL X CG2   1 
ATOM   91   N N     . TYR A 1 11  ? 6.927   -8.307  -2.017  1.00 71.60  ? 11  TYR X N     1 
ATOM   92   C CA    . TYR A 1 11  ? 6.028   -8.498  -3.137  1.00 72.45  ? 11  TYR X CA    1 
ATOM   93   C C     . TYR A 1 11  ? 5.091   -9.646  -2.800  1.00 74.30  ? 11  TYR X C     1 
ATOM   94   O O     . TYR A 1 11  ? 3.870   -9.486  -2.806  1.00 74.76  ? 11  TYR X O     1 
ATOM   95   C CB    . TYR A 1 11  ? 6.803   -8.746  -4.435  1.00 72.60  ? 11  TYR X CB    1 
ATOM   96   C CG    . TYR A 1 11  ? 7.437   -7.488  -4.977  1.00 69.80  ? 11  TYR X CG    1 
ATOM   97   C CD1   . TYR A 1 11  ? 8.637   -7.528  -5.662  1.00 68.01  ? 11  TYR X CD1   1 
ATOM   98   C CD2   . TYR A 1 11  ? 6.833   -6.252  -4.785  1.00 68.51  ? 11  TYR X CD2   1 
ATOM   99   C CE1   . TYR A 1 11  ? 9.228   -6.369  -6.147  1.00 68.59  ? 11  TYR X CE1   1 
ATOM   100  C CE2   . TYR A 1 11  ? 7.417   -5.082  -5.264  1.00 70.78  ? 11  TYR X CE2   1 
ATOM   101  C CZ    . TYR A 1 11  ? 8.616   -5.148  -5.946  1.00 69.12  ? 11  TYR X CZ    1 
ATOM   102  O OH    . TYR A 1 11  ? 9.203   -3.993  -6.418  1.00 65.76  ? 11  TYR X OH    1 
ATOM   103  N N     . ASP A 1 12  ? 5.661   -10.793 -2.449  1.00 76.33  ? 12  ASP X N     1 
ATOM   104  C CA    . ASP A 1 12  ? 4.842   -11.933 -2.052  1.00 77.26  ? 12  ASP X CA    1 
ATOM   105  C C     . ASP A 1 12  ? 3.795   -11.488 -1.036  1.00 76.73  ? 12  ASP X C     1 
ATOM   106  O O     . ASP A 1 12  ? 2.592   -11.618 -1.276  1.00 78.13  ? 12  ASP X O     1 
ATOM   107  C CB    . ASP A 1 12  ? 5.718   -13.054 -1.502  1.00 78.07  ? 12  ASP X CB    1 
ATOM   108  C CG    . ASP A 1 12  ? 6.710   -13.586 -2.539  1.00 82.18  ? 12  ASP X CG    1 
ATOM   109  O OD1   . ASP A 1 12  ? 7.517   -14.479 -2.189  1.00 83.70  ? 12  ASP X OD1   1 
ATOM   110  O OD2   . ASP A 1 12  ? 6.681   -13.116 -3.702  1.00 83.93  ? 12  ASP X OD2   1 
ATOM   111  N N     . ALA A 1 13  ? 4.257   -10.929 0.077   1.00 74.99  ? 13  ALA X N     1 
ATOM   112  C CA    . ALA A 1 13  ? 3.366   -10.406 1.104   1.00 73.21  ? 13  ALA X CA    1 
ATOM   113  C C     . ALA A 1 13  ? 2.236   -9.562  0.538   1.00 72.74  ? 13  ALA X C     1 
ATOM   114  O O     . ALA A 1 13  ? 1.064   -9.873  0.726   1.00 71.73  ? 13  ALA X O     1 
ATOM   115  C CB    . ALA A 1 13  ? 4.152   -9.609  2.098   1.00 72.95  ? 13  ALA X CB    1 
ATOM   116  N N     . VAL A 1 14  ? 2.601   -8.483  -0.146  1.00 73.48  ? 14  VAL X N     1 
ATOM   117  C CA    . VAL A 1 14  ? 1.634   -7.520  -0.652  1.00 73.77  ? 14  VAL X CA    1 
ATOM   118  C C     . VAL A 1 14  ? 0.633   -8.220  -1.535  1.00 75.44  ? 14  VAL X C     1 
ATOM   119  O O     . VAL A 1 14  ? -0.499  -7.775  -1.677  1.00 75.57  ? 14  VAL X O     1 
ATOM   120  C CB    . VAL A 1 14  ? 2.313   -6.435  -1.487  1.00 73.69  ? 14  VAL X CB    1 
ATOM   121  C CG1   . VAL A 1 14  ? 1.275   -5.477  -2.050  1.00 70.34  ? 14  VAL X CG1   1 
ATOM   122  C CG2   . VAL A 1 14  ? 3.347   -5.692  -0.637  1.00 73.09  ? 14  VAL X CG2   1 
ATOM   123  N N     . CYS A 1 15  ? 1.059   -9.331  -2.121  1.00 76.95  ? 15  CYS X N     1 
ATOM   124  C CA    . CYS A 1 15  ? 0.220   -10.086 -3.033  1.00 78.11  ? 15  CYS X CA    1 
ATOM   125  C C     . CYS A 1 15  ? -0.782  -10.944 -2.285  1.00 79.00  ? 15  CYS X C     1 
ATOM   126  O O     . CYS A 1 15  ? -1.642  -11.576 -2.901  1.00 79.03  ? 15  CYS X O     1 
ATOM   127  C CB    . CYS A 1 15  ? 1.085   -10.972 -3.932  1.00 78.72  ? 15  CYS X CB    1 
ATOM   128  S SG    . CYS A 1 15  ? 1.454   -10.252 -5.530  1.00 78.03  ? 15  CYS X SG    1 
ATOM   129  N N     . GLU A 1 16  ? -0.668  -10.971 -0.959  1.00 79.81  ? 16  GLU X N     1 
ATOM   130  C CA    . GLU A 1 16  ? -1.592  -11.740 -0.131  1.00 81.36  ? 16  GLU X CA    1 
ATOM   131  C C     . GLU A 1 16  ? -2.716  -10.895 0.451   1.00 81.55  ? 16  GLU X C     1 
ATOM   132  O O     . GLU A 1 16  ? -3.412  -11.327 1.366   1.00 82.16  ? 16  GLU X O     1 
ATOM   133  C CB    . GLU A 1 16  ? -0.844  -12.431 1.000   1.00 81.56  ? 16  GLU X CB    1 
ATOM   134  C CG    . GLU A 1 16  ? 0.210   -13.391 0.528   1.00 85.20  ? 16  GLU X CG    1 
ATOM   135  C CD    . GLU A 1 16  ? 0.833   -14.160 1.671   1.00 91.13  ? 16  GLU X CD    1 
ATOM   136  O OE1   . GLU A 1 16  ? 1.159   -15.353 1.478   1.00 93.90  ? 16  GLU X OE1   1 
ATOM   137  O OE2   . GLU A 1 16  ? 0.997   -13.571 2.765   1.00 94.68  ? 16  GLU X OE2   1 
ATOM   138  N N     . ILE A 1 17  ? -2.891  -9.686  -0.068  1.00 82.73  ? 17  ILE X N     1 
ATOM   139  C CA    . ILE A 1 17  ? -4.011  -8.842  0.345   1.00 83.66  ? 17  ILE X CA    1 
ATOM   140  C C     . ILE A 1 17  ? -5.227  -9.138  -0.530  1.00 84.37  ? 17  ILE X C     1 
ATOM   141  O O     . ILE A 1 17  ? -5.129  -9.132  -1.765  1.00 84.18  ? 17  ILE X O     1 
ATOM   142  C CB    . ILE A 1 17  ? -3.670  -7.328  0.271   1.00 83.51  ? 17  ILE X CB    1 
ATOM   143  C CG1   . ILE A 1 17  ? -2.346  -7.028  0.980   1.00 82.29  ? 17  ILE X CG1   1 
ATOM   144  C CG2   . ILE A 1 17  ? -4.798  -6.494  0.870   1.00 84.46  ? 17  ILE X CG2   1 
ATOM   145  C CD1   . ILE A 1 17  ? -1.867  -5.584  0.827   1.00 81.66  ? 17  ILE X CD1   1 
ATOM   146  N N     . PRO A 1 18  ? -6.378  -9.413  0.108   1.00 84.74  ? 18  PRO X N     1 
ATOM   147  C CA    . PRO A 1 18  ? -7.592  -9.747  -0.622  1.00 84.58  ? 18  PRO X CA    1 
ATOM   148  C C     . PRO A 1 18  ? -8.200  -8.521  -1.273  1.00 84.65  ? 18  PRO X C     1 
ATOM   149  O O     . PRO A 1 18  ? -8.005  -7.401  -0.799  1.00 83.96  ? 18  PRO X O     1 
ATOM   150  C CB    . PRO A 1 18  ? -8.522  -10.277 0.467   1.00 84.83  ? 18  PRO X CB    1 
ATOM   151  C CG    . PRO A 1 18  ? -8.062  -9.604  1.697   1.00 85.16  ? 18  PRO X CG    1 
ATOM   152  C CD    . PRO A 1 18  ? -6.577  -9.460  1.566   1.00 84.35  ? 18  PRO X CD    1 
ATOM   153  N N     . TYR A 1 19  ? -8.924  -8.745  -2.361  1.00 85.22  ? 19  TYR X N     1 
ATOM   154  C CA    . TYR A 1 19  ? -9.763  -7.718  -2.949  1.00 85.43  ? 19  TYR X CA    1 
ATOM   155  C C     . TYR A 1 19  ? -10.484 -6.974  -1.833  1.00 85.24  ? 19  TYR X C     1 
ATOM   156  O O     . TYR A 1 19  ? -11.000 -7.589  -0.896  1.00 85.43  ? 19  TYR X O     1 
ATOM   157  C CB    . TYR A 1 19  ? -10.767 -8.373  -3.887  1.00 85.80  ? 19  TYR X CB    1 
ATOM   158  C CG    . TYR A 1 19  ? -11.486 -7.429  -4.813  1.00 87.44  ? 19  TYR X CG    1 
ATOM   159  C CD1   . TYR A 1 19  ? -10.903 -7.019  -6.004  1.00 89.09  ? 19  TYR X CD1   1 
ATOM   160  C CD2   . TYR A 1 19  ? -12.765 -6.972  -4.510  1.00 89.76  ? 19  TYR X CD2   1 
ATOM   161  C CE1   . TYR A 1 19  ? -11.568 -6.163  -6.862  1.00 91.41  ? 19  TYR X CE1   1 
ATOM   162  C CE2   . TYR A 1 19  ? -13.441 -6.121  -5.362  1.00 90.79  ? 19  TYR X CE2   1 
ATOM   163  C CZ    . TYR A 1 19  ? -12.838 -5.717  -6.536  1.00 91.90  ? 19  TYR X CZ    1 
ATOM   164  O OH    . TYR A 1 19  ? -13.505 -4.866  -7.388  1.00 91.38  ? 19  TYR X OH    1 
ATOM   165  N N     . GLY A 1 20  ? -10.491 -5.649  -1.918  1.00 84.78  ? 20  GLY X N     1 
ATOM   166  C CA    . GLY A 1 20  ? -11.289 -4.836  -1.005  1.00 84.51  ? 20  GLY X CA    1 
ATOM   167  C C     . GLY A 1 20  ? -10.721 -4.647  0.395   1.00 84.04  ? 20  GLY X C     1 
ATOM   168  O O     . GLY A 1 20  ? -11.125 -3.719  1.102   1.00 84.10  ? 20  GLY X O     1 
ATOM   169  N N     . LYS A 1 21  ? -9.801  -5.525  0.806   1.00 83.28  ? 21  LYS X N     1 
ATOM   170  C CA    . LYS A 1 21  ? -8.927  -5.265  1.972   1.00 82.13  ? 21  LYS X CA    1 
ATOM   171  C C     . LYS A 1 21  ? -7.671  -4.465  1.604   1.00 80.05  ? 21  LYS X C     1 
ATOM   172  O O     . LYS A 1 21  ? -7.201  -4.520  0.470   1.00 80.14  ? 21  LYS X O     1 
ATOM   173  C CB    . LYS A 1 21  ? -8.507  -6.574  2.644   1.00 81.83  ? 21  LYS X CB    1 
ATOM   174  C CG    . LYS A 1 21  ? -9.370  -6.968  3.817   1.00 84.42  ? 21  LYS X CG    1 
ATOM   175  C CD    . LYS A 1 21  ? -10.776 -7.319  3.364   1.00 90.06  ? 21  LYS X CD    1 
ATOM   176  C CE    . LYS A 1 21  ? -11.231 -8.640  3.978   1.00 92.70  ? 21  LYS X CE    1 
ATOM   177  N NZ    . LYS A 1 21  ? -12.672 -8.913  3.688   1.00 94.95  ? 21  LYS X NZ    1 
ATOM   178  N N     . VAL A 1 22  ? -7.126  -3.732  2.568   1.00 77.62  ? 22  VAL X N     1 
ATOM   179  C CA    . VAL A 1 22  ? -5.791  -3.165  2.408   1.00 75.87  ? 22  VAL X CA    1 
ATOM   180  C C     . VAL A 1 22  ? -4.826  -3.566  3.515   1.00 75.20  ? 22  VAL X C     1 
ATOM   181  O O     . VAL A 1 22  ? -5.211  -4.213  4.480   1.00 74.92  ? 22  VAL X O     1 
ATOM   182  C CB    . VAL A 1 22  ? -5.807  -1.631  2.304   1.00 75.03  ? 22  VAL X CB    1 
ATOM   183  C CG1   . VAL A 1 22  ? -6.623  -1.179  1.120   1.00 75.53  ? 22  VAL X CG1   1 
ATOM   184  C CG2   . VAL A 1 22  ? -6.296  -1.011  3.587   1.00 73.29  ? 22  VAL X CG2   1 
ATOM   185  N N     . SER A 1 23  ? -3.563  -3.178  3.346   1.00 75.15  ? 23  SER X N     1 
ATOM   186  C CA    . SER A 1 23  ? -2.611  -3.126  4.440   1.00 74.93  ? 23  SER X CA    1 
ATOM   187  C C     . SER A 1 23  ? -1.711  -1.883  4.411   1.00 75.22  ? 23  SER X C     1 
ATOM   188  O O     . SER A 1 23  ? -1.995  -0.897  3.715   1.00 74.44  ? 23  SER X O     1 
ATOM   189  C CB    . SER A 1 23  ? -1.769  -4.391  4.489   1.00 73.64  ? 23  SER X CB    1 
ATOM   190  O OG    . SER A 1 23  ? -0.724  -4.230  5.425   1.00 76.63  ? 23  SER X OG    1 
ATOM   191  N N     . THR A 1 24  ? -0.626  -1.935  5.181   1.00 75.59  ? 24  THR X N     1 
ATOM   192  C CA    . THR A 1 24  ? 0.120   -0.736  5.512   1.00 75.96  ? 24  THR X CA    1 
ATOM   193  C C     . THR A 1 24  ? 1.634   -0.941  5.435   1.00 75.55  ? 24  THR X C     1 
ATOM   194  O O     . THR A 1 24  ? 2.171   -1.945  5.924   1.00 76.46  ? 24  THR X O     1 
ATOM   195  C CB    . THR A 1 24  ? -0.299  -0.188  6.892   1.00 77.13  ? 24  THR X CB    1 
ATOM   196  O OG1   . THR A 1 24  ? -0.005  1.212   6.950   1.00 80.13  ? 24  THR X OG1   1 
ATOM   197  C CG2   . THR A 1 24  ? 0.418   -0.924  8.047   1.00 77.18  ? 24  THR X CG2   1 
ATOM   198  N N     . TYR A 1 25  ? 2.313   0.012   4.799   1.00 74.82  ? 25  TYR X N     1 
ATOM   199  C CA    . TYR A 1 25  ? 3.775   0.008   4.690   1.00 73.75  ? 25  TYR X CA    1 
ATOM   200  C C     . TYR A 1 25  ? 4.394   -0.680  5.895   1.00 72.83  ? 25  TYR X C     1 
ATOM   201  O O     . TYR A 1 25  ? 5.008   -1.744  5.772   1.00 72.10  ? 25  TYR X O     1 
ATOM   202  C CB    . TYR A 1 25  ? 4.298   1.444   4.575   1.00 73.75  ? 25  TYR X CB    1 
ATOM   203  C CG    . TYR A 1 25  ? 3.810   2.159   3.321   1.00 76.48  ? 25  TYR X CG    1 
ATOM   204  C CD1   . TYR A 1 25  ? 3.505   3.511   3.332   1.00 77.19  ? 25  TYR X CD1   1 
ATOM   205  C CD2   . TYR A 1 25  ? 3.644   1.464   2.130   1.00 77.07  ? 25  TYR X CD2   1 
ATOM   206  C CE1   . TYR A 1 25  ? 3.048   4.155   2.191   1.00 76.46  ? 25  TYR X CE1   1 
ATOM   207  C CE2   . TYR A 1 25  ? 3.202   2.092   0.991   1.00 76.05  ? 25  TYR X CE2   1 
ATOM   208  C CZ    . TYR A 1 25  ? 2.900   3.437   1.016   1.00 78.04  ? 25  TYR X CZ    1 
ATOM   209  O OH    . TYR A 1 25  ? 2.454   4.049   -0.146  1.00 73.17  ? 25  TYR X OH    1 
ATOM   210  N N     . GLY A 1 26  ? 4.190   -0.066  7.060   1.00 71.33  ? 26  GLY X N     1 
ATOM   211  C CA    . GLY A 1 26  ? 4.700   -0.581  8.315   1.00 70.19  ? 26  GLY X CA    1 
ATOM   212  C C     . GLY A 1 26  ? 4.438   -2.060  8.507   1.00 70.24  ? 26  GLY X C     1 
ATOM   213  O O     . GLY A 1 26  ? 5.367   -2.838  8.727   1.00 68.72  ? 26  GLY X O     1 
ATOM   214  N N     . GLU A 1 27  ? 3.172   -2.454  8.427   1.00 70.00  ? 27  GLU X N     1 
ATOM   215  C CA    . GLU A 1 27  ? 2.803   -3.803  8.789   1.00 69.85  ? 27  GLU X CA    1 
ATOM   216  C C     . GLU A 1 27  ? 3.551   -4.790  7.919   1.00 68.56  ? 27  GLU X C     1 
ATOM   217  O O     . GLU A 1 27  ? 4.209   -5.700  8.414   1.00 68.76  ? 27  GLU X O     1 
ATOM   218  C CB    . GLU A 1 27  ? 1.300   -4.012  8.652   1.00 71.33  ? 27  GLU X CB    1 
ATOM   219  C CG    . GLU A 1 27  ? 0.781   -5.213  9.464   1.00 77.88  ? 27  GLU X CG    1 
ATOM   220  C CD    . GLU A 1 27  ? 1.037   -5.069  10.963  1.00 83.57  ? 27  GLU X CD    1 
ATOM   221  O OE1   . GLU A 1 27  ? 0.355   -4.238  11.603  1.00 85.61  ? 27  GLU X OE1   1 
ATOM   222  O OE2   . GLU A 1 27  ? 1.919   -5.778  11.503  1.00 86.20  ? 27  GLU X OE2   1 
ATOM   223  N N     . ILE A 1 28  ? 3.460   -4.588  6.615   1.00 67.92  ? 28  ILE X N     1 
ATOM   224  C CA    . ILE A 1 28  ? 4.081   -5.480  5.659   1.00 66.90  ? 28  ILE X CA    1 
ATOM   225  C C     . ILE A 1 28  ? 5.570   -5.538  5.881   1.00 67.19  ? 28  ILE X C     1 
ATOM   226  O O     . ILE A 1 28  ? 6.203   -6.579  5.698   1.00 66.89  ? 28  ILE X O     1 
ATOM   227  C CB    . ILE A 1 28  ? 3.833   -4.981  4.262   1.00 67.95  ? 28  ILE X CB    1 
ATOM   228  C CG1   . ILE A 1 28  ? 2.336   -4.832  4.060   1.00 67.70  ? 28  ILE X CG1   1 
ATOM   229  C CG2   . ILE A 1 28  ? 4.411   -5.949  3.233   1.00 65.47  ? 28  ILE X CG2   1 
ATOM   230  C CD1   . ILE A 1 28  ? 1.669   -6.168  3.835   1.00 70.51  ? 28  ILE X CD1   1 
ATOM   231  N N     . ALA A 1 29  ? 6.133   -4.413  6.297   1.00 67.51  ? 29  ALA X N     1 
ATOM   232  C CA    . ALA A 1 29  ? 7.526   -4.405  6.722   1.00 68.45  ? 29  ALA X CA    1 
ATOM   233  C C     . ALA A 1 29  ? 7.782   -5.268  7.957   1.00 68.20  ? 29  ALA X C     1 
ATOM   234  O O     . ALA A 1 29  ? 8.849   -5.866  8.088   1.00 67.68  ? 29  ALA X O     1 
ATOM   235  C CB    . ALA A 1 29  ? 8.017   -2.985  6.938   1.00 69.15  ? 29  ALA X CB    1 
ATOM   236  N N     . ARG A 1 30  ? 6.809   -5.327  8.861   1.00 68.79  ? 30  ARG X N     1 
ATOM   237  C CA    . ARG A 1 30  ? 6.895   -6.230  10.003  1.00 68.94  ? 30  ARG X CA    1 
ATOM   238  C C     . ARG A 1 30  ? 6.701   -7.654  9.517   1.00 68.87  ? 30  ARG X C     1 
ATOM   239  O O     . ARG A 1 30  ? 7.557   -8.511  9.730   1.00 66.62  ? 30  ARG X O     1 
ATOM   240  C CB    . ARG A 1 30  ? 5.840   -5.883  11.044  1.00 67.90  ? 30  ARG X CB    1 
ATOM   241  C CG    . ARG A 1 30  ? 6.068   -4.539  11.688  1.00 70.44  ? 30  ARG X CG    1 
ATOM   242  C CD    . ARG A 1 30  ? 5.249   -4.368  12.978  1.00 72.18  ? 30  ARG X CD    1 
ATOM   243  N NE    . ARG A 1 30  ? 3.905   -3.836  12.737  1.00 73.28  ? 30  ARG X NE    1 
ATOM   244  C CZ    . ARG A 1 30  ? 3.641   -2.728  12.042  1.00 79.04  ? 30  ARG X CZ    1 
ATOM   245  N NH1   . ARG A 1 30  ? 4.629   -2.026  11.497  1.00 81.27  ? 30  ARG X NH1   1 
ATOM   246  N NH2   . ARG A 1 30  ? 2.387   -2.319  11.884  1.00 78.59  ? 30  ARG X NH2   1 
ATOM   247  N N     . TYR A 1 31  ? 5.582   -7.877  8.834   1.00 69.95  ? 31  TYR X N     1 
ATOM   248  C CA    . TYR A 1 31  ? 5.160   -9.211  8.387   1.00 72.20  ? 31  TYR X CA    1 
ATOM   249  C C     . TYR A 1 31  ? 6.327   -10.049 7.851   1.00 71.54  ? 31  TYR X C     1 
ATOM   250  O O     . TYR A 1 31  ? 6.400   -11.248 8.107   1.00 72.29  ? 31  TYR X O     1 
ATOM   251  C CB    . TYR A 1 31  ? 4.045   -9.076  7.328   1.00 73.45  ? 31  TYR X CB    1 
ATOM   252  C CG    . TYR A 1 31  ? 3.407   -10.378 6.819   1.00 77.58  ? 31  TYR X CG    1 
ATOM   253  C CD1   . TYR A 1 31  ? 2.135   -10.775 7.249   1.00 80.89  ? 31  TYR X CD1   1 
ATOM   254  C CD2   . TYR A 1 31  ? 4.056   -11.180 5.875   1.00 82.35  ? 31  TYR X CD2   1 
ATOM   255  C CE1   . TYR A 1 31  ? 1.536   -11.950 6.770   1.00 84.10  ? 31  TYR X CE1   1 
ATOM   256  C CE2   . TYR A 1 31  ? 3.468   -12.354 5.392   1.00 87.20  ? 31  TYR X CE2   1 
ATOM   257  C CZ    . TYR A 1 31  ? 2.211   -12.733 5.841   1.00 87.07  ? 31  TYR X CZ    1 
ATOM   258  O OH    . TYR A 1 31  ? 1.640   -13.893 5.358   1.00 85.65  ? 31  TYR X OH    1 
ATOM   259  N N     . VAL A 1 32  ? 7.233   -9.412  7.117   1.00 70.97  ? 32  VAL X N     1 
ATOM   260  C CA    . VAL A 1 32  ? 8.345   -10.114 6.465   1.00 70.83  ? 32  VAL X CA    1 
ATOM   261  C C     . VAL A 1 32  ? 9.569   -10.114 7.374   1.00 70.60  ? 32  VAL X C     1 
ATOM   262  O O     . VAL A 1 32  ? 10.636  -10.626 7.008   1.00 70.46  ? 32  VAL X O     1 
ATOM   263  C CB    . VAL A 1 32  ? 8.761   -9.403  5.173   1.00 70.35  ? 32  VAL X CB    1 
ATOM   264  C CG1   . VAL A 1 32  ? 7.548   -9.127  4.301   1.00 72.43  ? 32  VAL X CG1   1 
ATOM   265  C CG2   . VAL A 1 32  ? 9.456   -8.102  5.512   1.00 70.30  ? 32  VAL X CG2   1 
ATOM   266  N N     . GLY A 1 33  ? 9.413   -9.507  8.546   1.00 69.35  ? 33  GLY X N     1 
ATOM   267  C CA    . GLY A 1 33  ? 10.459  -9.525  9.557   1.00 69.58  ? 33  GLY X CA    1 
ATOM   268  C C     . GLY A 1 33  ? 11.507  -8.444  9.420   1.00 68.50  ? 33  GLY X C     1 
ATOM   269  O O     . GLY A 1 33  ? 12.681  -8.685  9.672   1.00 68.59  ? 33  GLY X O     1 
ATOM   270  N N     . MET A 1 34  ? 11.085  -7.246  9.034   1.00 68.43  ? 34  MET X N     1 
ATOM   271  C CA    . MET A 1 34  ? 12.006  -6.114  8.956   1.00 68.89  ? 34  MET X CA    1 
ATOM   272  C C     . MET A 1 34  ? 11.406  -4.841  9.555   1.00 67.84  ? 34  MET X C     1 
ATOM   273  O O     . MET A 1 34  ? 11.200  -3.863  8.845   1.00 68.45  ? 34  MET X O     1 
ATOM   274  C CB    . MET A 1 34  ? 12.380  -5.853  7.496   1.00 69.37  ? 34  MET X CB    1 
ATOM   275  C CG    . MET A 1 34  ? 13.107  -7.008  6.813   1.00 73.00  ? 34  MET X CG    1 
ATOM   276  S SD    . MET A 1 34  ? 14.763  -7.263  7.486   1.00 76.83  ? 34  MET X SD    1 
ATOM   277  C CE    . MET A 1 34  ? 15.734  -6.150  6.462   1.00 77.30  ? 34  MET X CE    1 
ATOM   278  N N     . PRO A 1 35  ? 11.104  -4.850  10.863  1.00 66.40  ? 35  PRO X N     1 
ATOM   279  C CA    . PRO A 1 35  ? 10.171  -3.830  11.339  1.00 64.33  ? 35  PRO X CA    1 
ATOM   280  C C     . PRO A 1 35  ? 10.612  -2.403  11.025  1.00 62.15  ? 35  PRO X C     1 
ATOM   281  O O     . PRO A 1 35  ? 9.766   -1.514  10.914  1.00 61.91  ? 35  PRO X O     1 
ATOM   282  C CB    . PRO A 1 35  ? 10.112  -4.068  12.854  1.00 63.70  ? 35  PRO X CB    1 
ATOM   283  C CG    . PRO A 1 35  ? 11.204  -5.037  13.152  1.00 66.13  ? 35  PRO X CG    1 
ATOM   284  C CD    . PRO A 1 35  ? 11.440  -5.822  11.910  1.00 65.28  ? 35  PRO X CD    1 
ATOM   285  N N     . SER A 1 36  ? 11.910  -2.173  10.863  1.00 58.95  ? 36  SER X N     1 
ATOM   286  C CA    . SER A 1 36  ? 12.364  -0.820  10.579  1.00 57.74  ? 36  SER X CA    1 
ATOM   287  C C     . SER A 1 36  ? 12.318  -0.435  9.088   1.00 58.98  ? 36  SER X C     1 
ATOM   288  O O     . SER A 1 36  ? 12.913  0.562   8.692   1.00 60.42  ? 36  SER X O     1 
ATOM   289  C CB    . SER A 1 36  ? 13.771  -0.640  11.103  1.00 56.48  ? 36  SER X CB    1 
ATOM   290  O OG    . SER A 1 36  ? 14.600  -1.642  10.557  1.00 57.94  ? 36  SER X OG    1 
ATOM   291  N N     . TYR A 1 37  ? 11.628  -1.214  8.259   1.00 57.83  ? 37  TYR X N     1 
ATOM   292  C CA    . TYR A 1 37  ? 11.756  -1.056  6.824   1.00 58.32  ? 37  TYR X CA    1 
ATOM   293  C C     . TYR A 1 37  ? 10.547  -0.501  6.081   1.00 58.42  ? 37  TYR X C     1 
ATOM   294  O O     . TYR A 1 37  ? 10.331  -0.807  4.904   1.00 57.73  ? 37  TYR X O     1 
ATOM   295  C CB    . TYR A 1 37  ? 12.220  -2.348  6.191   1.00 58.63  ? 37  TYR X CB    1 
ATOM   296  C CG    . TYR A 1 37  ? 13.715  -2.429  6.111   1.00 65.92  ? 37  TYR X CG    1 
ATOM   297  C CD1   . TYR A 1 37  ? 14.496  -2.433  7.267   1.00 68.67  ? 37  TYR X CD1   1 
ATOM   298  C CD2   . TYR A 1 37  ? 14.359  -2.476  4.884   1.00 67.48  ? 37  TYR X CD2   1 
ATOM   299  C CE1   . TYR A 1 37  ? 15.880  -2.496  7.195   1.00 68.65  ? 37  TYR X CE1   1 
ATOM   300  C CE2   . TYR A 1 37  ? 15.735  -2.538  4.808   1.00 71.76  ? 37  TYR X CE2   1 
ATOM   301  C CZ    . TYR A 1 37  ? 16.491  -2.547  5.965   1.00 69.78  ? 37  TYR X CZ    1 
ATOM   302  O OH    . TYR A 1 37  ? 17.861  -2.613  5.870   1.00 71.30  ? 37  TYR X OH    1 
ATOM   303  N N     . ALA A 1 38  ? 9.764   0.333   6.747   1.00 58.01  ? 38  ALA X N     1 
ATOM   304  C CA    . ALA A 1 38  ? 8.508   0.749   6.141   1.00 57.89  ? 38  ALA X CA    1 
ATOM   305  C C     . ALA A 1 38  ? 8.829   1.610   4.921   1.00 57.57  ? 38  ALA X C     1 
ATOM   306  O O     . ALA A 1 38  ? 8.312   1.397   3.827   1.00 57.27  ? 38  ALA X O     1 
ATOM   307  C CB    . ALA A 1 38  ? 7.700   1.530   7.133   1.00 59.23  ? 38  ALA X CB    1 
ATOM   308  N N     . ARG A 1 39  ? 9.716   2.576   5.109   1.00 55.65  ? 39  ARG X N     1 
ATOM   309  C CA    . ARG A 1 39  ? 10.216  3.311   3.979   1.00 52.43  ? 39  ARG X CA    1 
ATOM   310  C C     . ARG A 1 39  ? 10.505  2.364   2.824   1.00 51.76  ? 39  ARG X C     1 
ATOM   311  O O     . ARG A 1 39  ? 9.936   2.522   1.727   1.00 51.98  ? 39  ARG X O     1 
ATOM   312  C CB    . ARG A 1 39  ? 11.417  4.167   4.358   1.00 51.04  ? 39  ARG X CB    1 
ATOM   313  C CG    . ARG A 1 39  ? 11.003  5.611   4.537   1.00 52.75  ? 39  ARG X CG    1 
ATOM   314  C CD    . ARG A 1 39  ? 12.038  6.496   5.203   1.00 49.08  ? 39  ARG X CD    1 
ATOM   315  N NE    . ARG A 1 39  ? 11.803  7.885   4.815   1.00 51.97  ? 39  ARG X NE    1 
ATOM   316  C CZ    . ARG A 1 39  ? 12.117  8.941   5.557   1.00 61.36  ? 39  ARG X CZ    1 
ATOM   317  N NH1   . ARG A 1 39  ? 11.854  10.168  5.109   1.00 66.13  ? 39  ARG X NH1   1 
ATOM   318  N NH2   . ARG A 1 39  ? 12.693  8.784   6.746   1.00 59.21  ? 39  ARG X NH2   1 
ATOM   319  N N     . GLN A 1 40  ? 11.346  1.361   3.068   1.00 49.05  ? 40  GLN X N     1 
ATOM   320  C CA    . GLN A 1 40  ? 11.791  0.518   1.983   1.00 48.18  ? 40  GLN X CA    1 
ATOM   321  C C     . GLN A 1 40  ? 10.652  -0.312  1.415   1.00 51.28  ? 40  GLN X C     1 
ATOM   322  O O     . GLN A 1 40  ? 10.671  -0.661  0.226   1.00 50.71  ? 40  GLN X O     1 
ATOM   323  C CB    . GLN A 1 40  ? 12.975  -0.342  2.364   1.00 45.33  ? 40  GLN X CB    1 
ATOM   324  C CG    . GLN A 1 40  ? 14.228  0.461   2.651   1.00 45.83  ? 40  GLN X CG    1 
ATOM   325  C CD    . GLN A 1 40  ? 14.124  1.217   3.995   1.00 55.55  ? 40  GLN X CD    1 
ATOM   326  O OE1   . GLN A 1 40  ? 14.896  2.155   4.260   1.00 48.27  ? 40  GLN X OE1   1 
ATOM   327  N NE2   . GLN A 1 40  ? 13.146  0.822   4.837   1.00 44.71  ? 40  GLN X NE2   1 
ATOM   328  N N     . VAL A 1 41  ? 9.645   -0.600  2.234   1.00 53.00  ? 41  VAL X N     1 
ATOM   329  C CA    . VAL A 1 41  ? 8.485   -1.270  1.686   1.00 57.32  ? 41  VAL X CA    1 
ATOM   330  C C     . VAL A 1 41  ? 7.904   -0.382  0.617   1.00 60.04  ? 41  VAL X C     1 
ATOM   331  O O     . VAL A 1 41  ? 7.495   -0.855  -0.443  1.00 61.77  ? 41  VAL X O     1 
ATOM   332  C CB    . VAL A 1 41  ? 7.404   -1.584  2.709   1.00 57.98  ? 41  VAL X CB    1 
ATOM   333  C CG1   . VAL A 1 41  ? 6.208   -2.220  2.014   1.00 56.64  ? 41  VAL X CG1   1 
ATOM   334  C CG2   . VAL A 1 41  ? 7.943   -2.515  3.778   1.00 59.37  ? 41  VAL X CG2   1 
ATOM   335  N N     . GLY A 1 42  ? 7.892   0.914   0.885   1.00 62.72  ? 42  GLY X N     1 
ATOM   336  C CA    . GLY A 1 42  ? 7.424   1.875   -0.105  1.00 64.48  ? 42  GLY X CA    1 
ATOM   337  C C     . GLY A 1 42  ? 8.310   1.851   -1.332  1.00 67.21  ? 42  GLY X C     1 
ATOM   338  O O     . GLY A 1 42  ? 7.834   1.930   -2.472  1.00 67.12  ? 42  GLY X O     1 
ATOM   339  N N     . GLN A 1 43  ? 9.614   1.745   -1.109  1.00 68.93  ? 43  GLN X N     1 
ATOM   340  C CA    . GLN A 1 43  ? 10.537  1.930   -2.204  1.00 70.77  ? 43  GLN X CA    1 
ATOM   341  C C     . GLN A 1 43  ? 10.297  0.796   -3.167  1.00 70.44  ? 43  GLN X C     1 
ATOM   342  O O     . GLN A 1 43  ? 10.382  0.970   -4.374  1.00 72.69  ? 43  GLN X O     1 
ATOM   343  C CB    . GLN A 1 43  ? 11.982  1.957   -1.707  1.00 72.04  ? 43  GLN X CB    1 
ATOM   344  C CG    . GLN A 1 43  ? 12.485  3.378   -1.408  1.00 82.14  ? 43  GLN X CG    1 
ATOM   345  C CD    . GLN A 1 43  ? 12.019  4.426   -2.450  1.00 94.08  ? 43  GLN X CD    1 
ATOM   346  O OE1   . GLN A 1 43  ? 12.389  4.358   -3.635  1.00 97.42  ? 43  GLN X OE1   1 
ATOM   347  N NE2   . GLN A 1 43  ? 11.210  5.401   -2.002  1.00 95.05  ? 43  GLN X NE2   1 
ATOM   348  N N     . ALA A 1 44  ? 9.947   -0.359  -2.617  1.00 69.13  ? 44  ALA X N     1 
ATOM   349  C CA    . ALA A 1 44  ? 9.611   -1.517  -3.406  1.00 67.66  ? 44  ALA X CA    1 
ATOM   350  C C     . ALA A 1 44  ? 8.434   -1.209  -4.301  1.00 67.97  ? 44  ALA X C     1 
ATOM   351  O O     . ALA A 1 44  ? 8.458   -1.536  -5.481  1.00 66.50  ? 44  ALA X O     1 
ATOM   352  C CB    . ALA A 1 44  ? 9.284   -2.687  -2.502  1.00 68.10  ? 44  ALA X CB    1 
ATOM   353  N N     . MET A 1 45  ? 7.396   -0.602  -3.732  1.00 69.00  ? 45  MET X N     1 
ATOM   354  C CA    . MET A 1 45  ? 6.152   -0.390  -4.470  1.00 71.88  ? 45  MET X CA    1 
ATOM   355  C C     . MET A 1 45  ? 6.437   0.607   -5.561  1.00 73.16  ? 45  MET X C     1 
ATOM   356  O O     . MET A 1 45  ? 6.077   0.399   -6.724  1.00 72.63  ? 45  MET X O     1 
ATOM   357  C CB    . MET A 1 45  ? 5.037   0.176   -3.578  1.00 71.57  ? 45  MET X CB    1 
ATOM   358  C CG    . MET A 1 45  ? 4.552   -0.749  -2.484  1.00 74.13  ? 45  MET X CG    1 
ATOM   359  S SD    . MET A 1 45  ? 3.716   -2.264  -3.022  1.00 76.43  ? 45  MET X SD    1 
ATOM   360  C CE    . MET A 1 45  ? 5.026   -3.470  -2.787  1.00 70.60  ? 45  MET X CE    1 
ATOM   361  N N     . LYS A 1 46  ? 7.096   1.691   -5.167  1.00 74.87  ? 46  LYS X N     1 
ATOM   362  C CA    . LYS A 1 46  ? 7.478   2.733   -6.094  1.00 77.43  ? 46  LYS X CA    1 
ATOM   363  C C     . LYS A 1 46  ? 8.241   2.142   -7.261  1.00 80.03  ? 46  LYS X C     1 
ATOM   364  O O     . LYS A 1 46  ? 8.238   2.712   -8.343  1.00 82.09  ? 46  LYS X O     1 
ATOM   365  C CB    . LYS A 1 46  ? 8.338   3.781   -5.397  1.00 77.51  ? 46  LYS X CB    1 
ATOM   366  C CG    . LYS A 1 46  ? 8.380   5.109   -6.108  1.00 76.03  ? 46  LYS X CG    1 
ATOM   367  C CD    . LYS A 1 46  ? 9.705   5.784   -5.878  1.00 76.83  ? 46  LYS X CD    1 
ATOM   368  C CE    . LYS A 1 46  ? 9.898   6.960   -6.823  1.00 79.52  ? 46  LYS X CE    1 
ATOM   369  N NZ    . LYS A 1 46  ? 11.279  7.510   -6.661  1.00 82.78  ? 46  LYS X NZ    1 
ATOM   370  N N     . HIS A 1 47  ? 8.875   0.991   -7.040  1.00 82.58  ? 47  HIS X N     1 
ATOM   371  C CA    . HIS A 1 47  ? 9.821   0.413   -8.000  1.00 84.35  ? 47  HIS X CA    1 
ATOM   372  C C     . HIS A 1 47  ? 9.226   -0.665  -8.883  1.00 83.18  ? 47  HIS X C     1 
ATOM   373  O O     . HIS A 1 47  ? 9.904   -1.630  -9.210  1.00 84.37  ? 47  HIS X O     1 
ATOM   374  C CB    . HIS A 1 47  ? 11.030  -0.173  -7.270  1.00 85.11  ? 47  HIS X CB    1 
ATOM   375  C CG    . HIS A 1 47  ? 12.133  0.814   -7.056  1.00 93.88  ? 47  HIS X CG    1 
ATOM   376  N ND1   . HIS A 1 47  ? 13.459  0.443   -6.962  1.00 100.94 ? 47  HIS X ND1   1 
ATOM   377  C CD2   . HIS A 1 47  ? 12.108  2.164   -6.925  1.00 99.77  ? 47  HIS X CD2   1 
ATOM   378  C CE1   . HIS A 1 47  ? 14.203  1.521   -6.775  1.00 102.90 ? 47  HIS X CE1   1 
ATOM   379  N NE2   . HIS A 1 47  ? 13.408  2.578   -6.748  1.00 103.29 ? 47  HIS X NE2   1 
ATOM   380  N N     . LEU A 1 48  ? 7.970   -0.513  -9.270  1.00 82.43  ? 48  LEU X N     1 
ATOM   381  C CA    . LEU A 1 48  ? 7.272   -1.599  -9.939  1.00 82.94  ? 48  LEU X CA    1 
ATOM   382  C C     . LEU A 1 48  ? 6.763   -1.180  -11.304 1.00 83.88  ? 48  LEU X C     1 
ATOM   383  O O     . LEU A 1 48  ? 6.259   -0.071  -11.461 1.00 83.96  ? 48  LEU X O     1 
ATOM   384  C CB    . LEU A 1 48  ? 6.088   -2.045  -9.094  1.00 82.44  ? 48  LEU X CB    1 
ATOM   385  C CG    . LEU A 1 48  ? 6.429   -2.886  -7.875  1.00 79.90  ? 48  LEU X CG    1 
ATOM   386  C CD1   . LEU A 1 48  ? 5.343   -2.710  -6.843  1.00 76.33  ? 48  LEU X CD1   1 
ATOM   387  C CD2   . LEU A 1 48  ? 6.550   -4.337  -8.292  1.00 76.75  ? 48  LEU X CD2   1 
ATOM   388  N N     . HIS A 1 49  ? 6.863   -2.067  -12.288 1.00 85.16  ? 49  HIS X N     1 
ATOM   389  C CA    . HIS A 1 49  ? 6.288   -1.768  -13.602 1.00 85.92  ? 49  HIS X CA    1 
ATOM   390  C C     . HIS A 1 49  ? 4.767   -1.649  -13.527 1.00 86.16  ? 49  HIS X C     1 
ATOM   391  O O     . HIS A 1 49  ? 4.113   -2.441  -12.852 1.00 85.22  ? 49  HIS X O     1 
ATOM   392  C CB    . HIS A 1 49  ? 6.718   -2.804  -14.636 1.00 85.70  ? 49  HIS X CB    1 
ATOM   393  C CG    . HIS A 1 49  ? 8.200   -2.919  -14.776 1.00 88.03  ? 49  HIS X CG    1 
ATOM   394  N ND1   . HIS A 1 49  ? 9.055   -1.882  -14.464 1.00 89.12  ? 49  HIS X ND1   1 
ATOM   395  C CD2   . HIS A 1 49  ? 8.985   -3.948  -15.178 1.00 90.37  ? 49  HIS X CD2   1 
ATOM   396  C CE1   . HIS A 1 49  ? 10.302  -2.266  -14.675 1.00 92.23  ? 49  HIS X CE1   1 
ATOM   397  N NE2   . HIS A 1 49  ? 10.288  -3.516  -15.106 1.00 92.07  ? 49  HIS X NE2   1 
ATOM   398  N N     . PRO A 1 50  ? 4.202   -0.636  -14.209 1.00 86.68  ? 50  PRO X N     1 
ATOM   399  C CA    . PRO A 1 50  ? 2.761   -0.400  -14.249 1.00 86.95  ? 50  PRO X CA    1 
ATOM   400  C C     . PRO A 1 50  ? 2.004   -1.644  -14.684 1.00 87.68  ? 50  PRO X C     1 
ATOM   401  O O     . PRO A 1 50  ? 0.840   -1.818  -14.325 1.00 88.22  ? 50  PRO X O     1 
ATOM   402  C CB    . PRO A 1 50  ? 2.616   0.683   -15.314 1.00 86.34  ? 50  PRO X CB    1 
ATOM   403  C CG    . PRO A 1 50  ? 3.891   1.400   -15.282 1.00 86.96  ? 50  PRO X CG    1 
ATOM   404  C CD    . PRO A 1 50  ? 4.943   0.379   -14.973 1.00 86.45  ? 50  PRO X CD    1 
ATOM   405  N N     . GLU A 1 51  ? 2.675   -2.498  -15.448 1.00 88.23  ? 51  GLU X N     1 
ATOM   406  C CA    . GLU A 1 51  ? 2.080   -3.732  -15.945 1.00 89.67  ? 51  GLU X CA    1 
ATOM   407  C C     . GLU A 1 51  ? 1.934   -4.775  -14.843 1.00 89.72  ? 51  GLU X C     1 
ATOM   408  O O     . GLU A 1 51  ? 1.160   -5.726  -14.969 1.00 89.16  ? 51  GLU X O     1 
ATOM   409  C CB    . GLU A 1 51  ? 2.943   -4.291  -17.076 1.00 90.42  ? 51  GLU X CB    1 
ATOM   410  C CG    . GLU A 1 51  ? 4.409   -3.847  -17.023 1.00 94.17  ? 51  GLU X CG    1 
ATOM   411  C CD    . GLU A 1 51  ? 4.675   -2.557  -17.795 1.00 98.94  ? 51  GLU X CD    1 
ATOM   412  O OE1   . GLU A 1 51  ? 5.615   -1.820  -17.418 1.00 101.72 ? 51  GLU X OE1   1 
ATOM   413  O OE2   . GLU A 1 51  ? 3.949   -2.277  -18.779 1.00 99.94  ? 51  GLU X OE2   1 
ATOM   414  N N     . THR A 1 52  ? 2.695   -4.583  -13.766 1.00 90.78  ? 52  THR X N     1 
ATOM   415  C CA    . THR A 1 52  ? 2.745   -5.516  -12.636 1.00 91.01  ? 52  THR X CA    1 
ATOM   416  C C     . THR A 1 52  ? 1.368   -6.043  -12.263 1.00 90.68  ? 52  THR X C     1 
ATOM   417  O O     . THR A 1 52  ? 0.378   -5.314  -12.329 1.00 91.06  ? 52  THR X O     1 
ATOM   418  C CB    . THR A 1 52  ? 3.345   -4.844  -11.392 1.00 91.31  ? 52  THR X CB    1 
ATOM   419  O OG1   . THR A 1 52  ? 3.696   -5.843  -10.425 1.00 94.36  ? 52  THR X OG1   1 
ATOM   420  C CG2   . THR A 1 52  ? 2.337   -3.887  -10.779 1.00 91.32  ? 52  THR X CG2   1 
ATOM   421  N N     . HIS A 1 53  ? 1.312   -7.312  -11.872 1.00 89.76  ? 53  HIS X N     1 
ATOM   422  C CA    . HIS A 1 53  ? 0.059   -7.920  -11.462 1.00 89.02  ? 53  HIS X CA    1 
ATOM   423  C C     . HIS A 1 53  ? 0.052   -8.048  -9.944  1.00 88.05  ? 53  HIS X C     1 
ATOM   424  O O     . HIS A 1 53  ? -0.276  -9.099  -9.393  1.00 88.87  ? 53  HIS X O     1 
ATOM   425  C CB    . HIS A 1 53  ? -0.145  -9.278  -12.152 1.00 89.24  ? 53  HIS X CB    1 
ATOM   426  C CG    . HIS A 1 53  ? -0.685  -9.177  -13.550 1.00 90.35  ? 53  HIS X CG    1 
ATOM   427  N ND1   . HIS A 1 53  ? -2.022  -8.965  -13.821 1.00 91.66  ? 53  HIS X ND1   1 
ATOM   428  C CD2   . HIS A 1 53  ? -0.070  -9.270  -14.754 1.00 91.62  ? 53  HIS X CD2   1 
ATOM   429  C CE1   . HIS A 1 53  ? -2.207  -8.927  -15.131 1.00 90.19  ? 53  HIS X CE1   1 
ATOM   430  N NE2   . HIS A 1 53  ? -1.038  -9.109  -15.719 1.00 91.72  ? 53  HIS X NE2   1 
ATOM   431  N N     . VAL A 1 54  ? 0.425   -6.959  -9.276  1.00 86.69  ? 54  VAL X N     1 
ATOM   432  C CA    . VAL A 1 54  ? 0.618   -6.942  -7.821  1.00 84.36  ? 54  VAL X CA    1 
ATOM   433  C C     . VAL A 1 54  ? -0.195  -5.815  -7.210  1.00 82.50  ? 54  VAL X C     1 
ATOM   434  O O     . VAL A 1 54  ? -0.206  -4.699  -7.725  1.00 82.66  ? 54  VAL X O     1 
ATOM   435  C CB    . VAL A 1 54  ? 2.103   -6.714  -7.440  1.00 84.35  ? 54  VAL X CB    1 
ATOM   436  C CG1   . VAL A 1 54  ? 2.258   -6.580  -5.933  1.00 83.78  ? 54  VAL X CG1   1 
ATOM   437  C CG2   . VAL A 1 54  ? 2.974   -7.836  -7.974  1.00 83.23  ? 54  VAL X CG2   1 
ATOM   438  N N     . PRO A 1 55  ? -0.858  -6.099  -6.089  1.00 80.70  ? 55  PRO X N     1 
ATOM   439  C CA    . PRO A 1 55  ? -1.886  -5.230  -5.558  1.00 79.04  ? 55  PRO X CA    1 
ATOM   440  C C     . PRO A 1 55  ? -1.256  -4.029  -4.878  1.00 77.46  ? 55  PRO X C     1 
ATOM   441  O O     . PRO A 1 55  ? -1.580  -3.714  -3.742  1.00 76.43  ? 55  PRO X O     1 
ATOM   442  C CB    . PRO A 1 55  ? -2.578  -6.109  -4.518  1.00 79.51  ? 55  PRO X CB    1 
ATOM   443  C CG    . PRO A 1 55  ? -1.713  -7.346  -4.357  1.00 79.70  ? 55  PRO X CG    1 
ATOM   444  C CD    . PRO A 1 55  ? -0.478  -7.149  -5.136  1.00 80.42  ? 55  PRO X CD    1 
ATOM   445  N N     . TRP A 1 56  ? -0.356  -3.364  -5.579  1.00 77.12  ? 56  TRP X N     1 
ATOM   446  C CA    . TRP A 1 56  ? 0.340   -2.229  -5.014  1.00 78.62  ? 56  TRP X CA    1 
ATOM   447  C C     . TRP A 1 56  ? -0.631  -1.190  -4.457  1.00 78.07  ? 56  TRP X C     1 
ATOM   448  O O     . TRP A 1 56  ? -0.273  -0.397  -3.582  1.00 77.31  ? 56  TRP X O     1 
ATOM   449  C CB    . TRP A 1 56  ? 1.281   -1.597  -6.043  1.00 78.65  ? 56  TRP X CB    1 
ATOM   450  C CG    . TRP A 1 56  ? 0.574   -1.054  -7.222  1.00 84.92  ? 56  TRP X CG    1 
ATOM   451  C CD1   . TRP A 1 56  ? 0.320   -1.703  -8.396  1.00 89.05  ? 56  TRP X CD1   1 
ATOM   452  C CD2   . TRP A 1 56  ? 0.004   0.257   -7.354  1.00 89.74  ? 56  TRP X CD2   1 
ATOM   453  N NE1   . TRP A 1 56  ? -0.365  -0.874  -9.257  1.00 90.70  ? 56  TRP X NE1   1 
ATOM   454  C CE2   . TRP A 1 56  ? -0.574  0.333   -8.641  1.00 90.00  ? 56  TRP X CE2   1 
ATOM   455  C CE3   . TRP A 1 56  ? -0.072  1.375   -6.514  1.00 90.25  ? 56  TRP X CE3   1 
ATOM   456  C CZ2   . TRP A 1 56  ? -1.218  1.484   -9.108  1.00 89.93  ? 56  TRP X CZ2   1 
ATOM   457  C CZ3   . TRP A 1 56  ? -0.715  2.520   -6.983  1.00 89.61  ? 56  TRP X CZ3   1 
ATOM   458  C CH2   . TRP A 1 56  ? -1.278  2.562   -8.268  1.00 88.27  ? 56  TRP X CH2   1 
ATOM   459  N N     . HIS A 1 57  ? -1.863  -1.190  -4.959  1.00 77.78  ? 57  HIS X N     1 
ATOM   460  C CA    . HIS A 1 57  ? -2.837  -0.191  -4.521  1.00 77.26  ? 57  HIS X CA    1 
ATOM   461  C C     . HIS A 1 57  ? -3.339  -0.480  -3.117  1.00 75.79  ? 57  HIS X C     1 
ATOM   462  O O     . HIS A 1 57  ? -3.894  0.393   -2.468  1.00 75.39  ? 57  HIS X O     1 
ATOM   463  C CB    . HIS A 1 57  ? -4.010  -0.091  -5.492  1.00 77.71  ? 57  HIS X CB    1 
ATOM   464  C CG    . HIS A 1 57  ? -4.559  -1.417  -5.910  1.00 81.69  ? 57  HIS X CG    1 
ATOM   465  N ND1   . HIS A 1 57  ? -3.963  -2.197  -6.878  1.00 84.95  ? 57  HIS X ND1   1 
ATOM   466  C CD2   . HIS A 1 57  ? -5.649  -2.104  -5.488  1.00 84.97  ? 57  HIS X CD2   1 
ATOM   467  C CE1   . HIS A 1 57  ? -4.663  -3.307  -7.036  1.00 87.80  ? 57  HIS X CE1   1 
ATOM   468  N NE2   . HIS A 1 57  ? -5.689  -3.278  -6.202  1.00 85.96  ? 57  HIS X NE2   1 
ATOM   469  N N     . ARG A 1 58  ? -3.138  -1.708  -2.659  1.00 74.26  ? 58  ARG X N     1 
ATOM   470  C CA    . ARG A 1 58  ? -3.720  -2.147  -1.407  1.00 74.69  ? 58  ARG X CA    1 
ATOM   471  C C     . ARG A 1 58  ? -2.803  -1.842  -0.229  1.00 74.27  ? 58  ARG X C     1 
ATOM   472  O O     . ARG A 1 58  ? -2.864  -2.498  0.812   1.00 73.73  ? 58  ARG X O     1 
ATOM   473  C CB    . ARG A 1 58  ? -4.031  -3.638  -1.464  1.00 75.15  ? 58  ARG X CB    1 
ATOM   474  C CG    . ARG A 1 58  ? -5.314  -3.943  -2.178  1.00 76.55  ? 58  ARG X CG    1 
ATOM   475  C CD    . ARG A 1 58  ? -5.265  -5.330  -2.745  1.00 80.54  ? 58  ARG X CD    1 
ATOM   476  N NE    . ARG A 1 58  ? -6.245  -5.499  -3.810  1.00 83.90  ? 58  ARG X NE    1 
ATOM   477  C CZ    . ARG A 1 58  ? -6.400  -6.616  -4.509  1.00 84.20  ? 58  ARG X CZ    1 
ATOM   478  N NH1   . ARG A 1 58  ? -5.630  -7.668  -4.254  1.00 84.68  ? 58  ARG X NH1   1 
ATOM   479  N NH2   . ARG A 1 58  ? -7.328  -6.679  -5.459  1.00 85.56  ? 58  ARG X NH2   1 
ATOM   480  N N     . VAL A 1 59  ? -1.955  -0.837  -0.396  1.00 73.57  ? 59  VAL X N     1 
ATOM   481  C CA    . VAL A 1 59  ? -0.932  -0.539  0.591   1.00 72.66  ? 59  VAL X CA    1 
ATOM   482  C C     . VAL A 1 59  ? -0.836  0.968   0.835   1.00 73.33  ? 59  VAL X C     1 
ATOM   483  O O     . VAL A 1 59  ? -0.117  1.669   0.120   1.00 73.55  ? 59  VAL X O     1 
ATOM   484  C CB    . VAL A 1 59  ? 0.422   -1.092  0.137   1.00 71.80  ? 59  VAL X CB    1 
ATOM   485  C CG1   . VAL A 1 59  ? 1.310   -1.330  1.312   1.00 71.48  ? 59  VAL X CG1   1 
ATOM   486  C CG2   . VAL A 1 59  ? 0.227   -2.379  -0.645  1.00 71.01  ? 59  VAL X CG2   1 
ATOM   487  N N     . ILE A 1 60  ? -1.579  1.456   1.829   1.00 73.68  ? 60  ILE X N     1 
ATOM   488  C CA    . ILE A 1 60  ? -1.561  2.872   2.203   1.00 74.29  ? 60  ILE X CA    1 
ATOM   489  C C     . ILE A 1 60  ? -0.733  3.081   3.469   1.00 74.56  ? 60  ILE X C     1 
ATOM   490  O O     . ILE A 1 60  ? 0.041   2.210   3.851   1.00 75.37  ? 60  ILE X O     1 
ATOM   491  C CB    . ILE A 1 60  ? -2.974  3.415   2.453   1.00 74.15  ? 60  ILE X CB    1 
ATOM   492  C CG1   . ILE A 1 60  ? -3.576  2.757   3.689   1.00 75.27  ? 60  ILE X CG1   1 
ATOM   493  C CG2   . ILE A 1 60  ? -3.860  3.208   1.239   1.00 74.05  ? 60  ILE X CG2   1 
ATOM   494  C CD1   . ILE A 1 60  ? -4.250  3.742   4.607   1.00 77.30  ? 60  ILE X CD1   1 
ATOM   495  N N     . ASN A 1 61  ? -0.890  4.230   4.119   1.00 73.78  ? 61  ASN X N     1 
ATOM   496  C CA    . ASN A 1 61  ? -0.091  4.516   5.300   1.00 74.69  ? 61  ASN X CA    1 
ATOM   497  C C     . ASN A 1 61  ? -0.824  4.297   6.620   1.00 75.51  ? 61  ASN X C     1 
ATOM   498  O O     . ASN A 1 61  ? -2.058  4.290   6.676   1.00 75.52  ? 61  ASN X O     1 
ATOM   499  C CB    . ASN A 1 61  ? 0.461   5.932   5.247   1.00 75.24  ? 61  ASN X CB    1 
ATOM   500  C CG    . ASN A 1 61  ? -0.626  6.975   5.247   1.00 76.64  ? 61  ASN X CG    1 
ATOM   501  O OD1   . ASN A 1 61  ? -1.545  6.931   6.068   1.00 76.54  ? 61  ASN X OD1   1 
ATOM   502  N ND2   . ASN A 1 61  ? -0.531  7.929   4.320   1.00 78.92  ? 61  ASN X ND2   1 
ATOM   503  N N     . SER A 1 62  ? -0.055  4.131   7.688   1.00 75.62  ? 62  SER X N     1 
ATOM   504  C CA    . SER A 1 62  ? -0.623  3.723   8.965   1.00 76.24  ? 62  SER X CA    1 
ATOM   505  C C     . SER A 1 62  ? -1.548  4.804   9.503   1.00 76.53  ? 62  SER X C     1 
ATOM   506  O O     . SER A 1 62  ? -2.427  4.536   10.314  1.00 77.63  ? 62  SER X O     1 
ATOM   507  C CB    . SER A 1 62  ? 0.489   3.415   9.963   1.00 76.40  ? 62  SER X CB    1 
ATOM   508  O OG    . SER A 1 62  ? 1.540   2.695   9.330   1.00 76.99  ? 62  SER X OG    1 
ATOM   509  N N     . ARG A 1 63  ? -1.351  6.029   9.033   1.00 76.55  ? 63  ARG X N     1 
ATOM   510  C CA    . ARG A 1 63  ? -2.259  7.121   9.332   1.00 75.20  ? 63  ARG X CA    1 
ATOM   511  C C     . ARG A 1 63  ? -3.548  6.961   8.540   1.00 74.65  ? 63  ARG X C     1 
ATOM   512  O O     . ARG A 1 63  ? -4.321  7.907   8.412   1.00 74.95  ? 63  ARG X O     1 
ATOM   513  C CB    . ARG A 1 63  ? -1.604  8.455   8.996   1.00 74.50  ? 63  ARG X CB    1 
ATOM   514  C CG    . ARG A 1 63  ? -1.815  9.518   10.038  1.00 78.69  ? 63  ARG X CG    1 
ATOM   515  C CD    . ARG A 1 63  ? -1.595  10.910  9.468   1.00 88.31  ? 63  ARG X CD    1 
ATOM   516  N NE    . ARG A 1 63  ? -2.059  11.019  8.086   1.00 97.77  ? 63  ARG X NE    1 
ATOM   517  C CZ    . ARG A 1 63  ? -1.287  10.817  7.018   1.00 102.33 ? 63  ARG X CZ    1 
ATOM   518  N NH1   . ARG A 1 63  ? -0.005  10.492  7.166   1.00 104.65 ? 63  ARG X NH1   1 
ATOM   519  N NH2   . ARG A 1 63  ? -1.792  10.936  5.797   1.00 102.70 ? 63  ARG X NH2   1 
ATOM   520  N N     . GLY A 1 64  ? -3.770  5.761   8.004   1.00 74.31  ? 64  GLY X N     1 
ATOM   521  C CA    . GLY A 1 64  ? -5.017  5.441   7.302   1.00 73.01  ? 64  GLY X CA    1 
ATOM   522  C C     . GLY A 1 64  ? -5.252  6.107   5.953   1.00 72.14  ? 64  GLY X C     1 
ATOM   523  O O     . GLY A 1 64  ? -6.322  5.968   5.381   1.00 73.00  ? 64  GLY X O     1 
ATOM   524  N N     . THR A 1 65  ? -4.272  6.826   5.424   1.00 71.26  ? 65  THR X N     1 
ATOM   525  C CA    . THR A 1 65  ? -4.492  7.539   4.168   1.00 71.85  ? 65  THR X CA    1 
ATOM   526  C C     . THR A 1 65  ? -3.560  7.147   3.020   1.00 72.82  ? 65  THR X C     1 
ATOM   527  O O     . THR A 1 65  ? -2.582  6.417   3.196   1.00 73.88  ? 65  THR X O     1 
ATOM   528  C CB    . THR A 1 65  ? -4.442  9.067   4.343   1.00 71.58  ? 65  THR X CB    1 
ATOM   529  O OG1   . THR A 1 65  ? -3.277  9.576   3.693   1.00 71.24  ? 65  THR X OG1   1 
ATOM   530  C CG2   . THR A 1 65  ? -4.405  9.454   5.806   1.00 70.97  ? 65  THR X CG2   1 
ATOM   531  N N     . ILE A 1 66  ? -3.873  7.647   1.833   1.00 73.74  ? 66  ILE X N     1 
ATOM   532  C CA    . ILE A 1 66  ? -3.049  7.402   0.669   1.00 74.37  ? 66  ILE X CA    1 
ATOM   533  C C     . ILE A 1 66  ? -1.923  8.417   0.624   1.00 75.82  ? 66  ILE X C     1 
ATOM   534  O O     . ILE A 1 66  ? -2.148  9.614   0.808   1.00 74.64  ? 66  ILE X O     1 
ATOM   535  C CB    . ILE A 1 66  ? -3.864  7.517   -0.605  1.00 74.51  ? 66  ILE X CB    1 
ATOM   536  C CG1   . ILE A 1 66  ? -4.905  6.405   -0.660  1.00 74.73  ? 66  ILE X CG1   1 
ATOM   537  C CG2   . ILE A 1 66  ? -2.955  7.447   -1.824  1.00 74.84  ? 66  ILE X CG2   1 
ATOM   538  C CD1   . ILE A 1 66  ? -5.598  6.316   -1.988  1.00 77.44  ? 66  ILE X CD1   1 
ATOM   539  N N     . SER A 1 67  ? -0.706  7.941   0.388   1.00 77.06  ? 67  SER X N     1 
ATOM   540  C CA    . SER A 1 67  ? 0.459   8.770   0.623   1.00 78.59  ? 67  SER X CA    1 
ATOM   541  C C     . SER A 1 67  ? 0.720   9.702   -0.548  1.00 79.18  ? 67  SER X C     1 
ATOM   542  O O     . SER A 1 67  ? 0.595   9.307   -1.698  1.00 78.93  ? 67  SER X O     1 
ATOM   543  C CB    . SER A 1 67  ? 1.667   7.893   0.915   1.00 79.08  ? 67  SER X CB    1 
ATOM   544  O OG    . SER A 1 67  ? 1.346   6.923   1.902   1.00 81.39  ? 67  SER X OG    1 
ATOM   545  N N     . LYS A 1 68  ? 1.068   10.948  -0.261  1.00 81.40  ? 68  LYS X N     1 
ATOM   546  C CA    . LYS A 1 68  ? 1.346   11.894  -1.336  1.00 84.74  ? 68  LYS X CA    1 
ATOM   547  C C     . LYS A 1 68  ? 2.641   11.518  -2.059  1.00 86.80  ? 68  LYS X C     1 
ATOM   548  O O     . LYS A 1 68  ? 3.480   10.791  -1.522  1.00 87.25  ? 68  LYS X O     1 
ATOM   549  C CB    . LYS A 1 68  ? 1.377   13.338  -0.825  1.00 83.75  ? 68  LYS X CB    1 
ATOM   550  C CG    . LYS A 1 68  ? -0.016  13.915  -0.517  1.00 86.71  ? 68  LYS X CG    1 
ATOM   551  C CD    . LYS A 1 68  ? -0.483  14.996  -1.529  1.00 88.31  ? 68  LYS X CD    1 
ATOM   552  C CE    . LYS A 1 68  ? -2.005  15.256  -1.433  1.00 86.44  ? 68  LYS X CE    1 
ATOM   553  N NZ    . LYS A 1 68  ? -2.384  16.669  -1.099  1.00 82.41  ? 68  LYS X NZ    1 
ATOM   554  N N     . ARG A 1 69  ? 2.788   11.992  -3.292  1.00 88.68  ? 69  ARG X N     1 
ATOM   555  C CA    . ARG A 1 69  ? 3.829   11.484  -4.159  1.00 91.16  ? 69  ARG X CA    1 
ATOM   556  C C     . ARG A 1 69  ? 4.572   12.589  -4.871  1.00 93.64  ? 69  ARG X C     1 
ATOM   557  O O     . ARG A 1 69  ? 3.980   13.432  -5.543  1.00 94.44  ? 69  ARG X O     1 
ATOM   558  C CB    . ARG A 1 69  ? 3.269   10.491  -5.168  1.00 90.58  ? 69  ARG X CB    1 
ATOM   559  C CG    . ARG A 1 69  ? 3.791   9.082   -4.965  1.00 89.65  ? 69  ARG X CG    1 
ATOM   560  C CD    . ARG A 1 69  ? 2.715   8.038   -5.244  1.00 86.46  ? 69  ARG X CD    1 
ATOM   561  N NE    . ARG A 1 69  ? 1.759   7.925   -4.149  1.00 78.79  ? 69  ARG X NE    1 
ATOM   562  C CZ    . ARG A 1 69  ? 1.107   6.811   -3.831  1.00 78.10  ? 69  ARG X CZ    1 
ATOM   563  N NH1   . ARG A 1 69  ? 1.301   5.698   -4.521  1.00 76.81  ? 69  ARG X NH1   1 
ATOM   564  N NH2   . ARG A 1 69  ? 0.252   6.811   -2.817  1.00 80.85  ? 69  ARG X NH2   1 
ATOM   565  N N     . ASP A 1 70  ? 5.886   12.572  -4.707  1.00 96.77  ? 70  ASP X N     1 
ATOM   566  C CA    . ASP A 1 70  ? 6.771   13.507  -5.384  1.00 99.11  ? 70  ASP X CA    1 
ATOM   567  C C     . ASP A 1 70  ? 7.109   12.931  -6.768  1.00 100.36 ? 70  ASP X C     1 
ATOM   568  O O     . ASP A 1 70  ? 7.903   13.499  -7.530  1.00 99.61  ? 70  ASP X O     1 
ATOM   569  C CB    . ASP A 1 70  ? 8.042   13.726  -4.543  1.00 99.43  ? 70  ASP X CB    1 
ATOM   570  C CG    . ASP A 1 70  ? 7.738   14.005  -3.057  1.00 100.52 ? 70  ASP X CG    1 
ATOM   571  O OD1   . ASP A 1 70  ? 8.104   15.100  -2.573  1.00 102.86 ? 70  ASP X OD1   1 
ATOM   572  O OD2   . ASP A 1 70  ? 7.150   13.135  -2.367  1.00 98.32  ? 70  ASP X OD2   1 
ATOM   573  N N     . ILE A 1 71  ? 6.504   11.780  -7.062  1.00 101.95 ? 71  ILE X N     1 
ATOM   574  C CA    . ILE A 1 71  ? 6.235   11.353  -8.432  1.00 103.17 ? 71  ILE X CA    1 
ATOM   575  C C     . ILE A 1 71  ? 4.792   11.742  -8.790  1.00 103.94 ? 71  ILE X C     1 
ATOM   576  O O     . ILE A 1 71  ? 4.015   10.939  -9.328  1.00 104.21 ? 71  ILE X O     1 
ATOM   577  C CB    . ILE A 1 71  ? 6.500   9.825   -8.611  1.00 103.46 ? 71  ILE X CB    1 
ATOM   578  C CG1   . ILE A 1 71  ? 7.478   9.559   -9.772  1.00 102.10 ? 71  ILE X CG1   1 
ATOM   579  C CG2   . ILE A 1 71  ? 5.190   9.023   -8.707  1.00 103.04 ? 71  ILE X CG2   1 
ATOM   580  C CD1   . ILE A 1 71  ? 7.169   10.332  -11.043 1.00 102.03 ? 71  ILE X CD1   1 
ATOM   581  N N     . SER A 1 72  ? 4.454   12.990  -8.461  1.00 104.51 ? 72  SER X N     1 
ATOM   582  C CA    . SER A 1 72  ? 3.155   13.601  -8.774  1.00 104.96 ? 72  SER X CA    1 
ATOM   583  C C     . SER A 1 72  ? 1.904   12.723  -8.613  1.00 104.90 ? 72  SER X C     1 
ATOM   584  O O     . SER A 1 72  ? 1.982   11.486  -8.545  1.00 104.79 ? 72  SER X O     1 
ATOM   585  C CB    . SER A 1 72  ? 3.174   14.305  -10.140 1.00 104.81 ? 72  SER X CB    1 
ATOM   586  O OG    . SER A 1 72  ? 4.365   14.026  -10.860 1.00 104.78 ? 72  SER X OG    1 
ATOM   587  N N     . ALA A 1 73  ? 0.750   13.387  -8.565  1.00 104.53 ? 73  ALA X N     1 
ATOM   588  C CA    . ALA A 1 73  ? -0.462  12.803  -8.002  1.00 103.88 ? 73  ALA X CA    1 
ATOM   589  C C     . ALA A 1 73  ? -1.066  11.735  -8.911  1.00 103.21 ? 73  ALA X C     1 
ATOM   590  O O     . ALA A 1 73  ? -2.222  11.351  -8.742  1.00 102.88 ? 73  ALA X O     1 
ATOM   591  C CB    . ALA A 1 73  ? -1.484  13.894  -7.694  1.00 103.89 ? 73  ALA X CB    1 
ATOM   592  N N     . GLY A 1 74  ? -0.278  11.250  -9.866  1.00 102.57 ? 74  GLY X N     1 
ATOM   593  C CA    . GLY A 1 74  ? -0.648  10.069  -10.637 1.00 101.72 ? 74  GLY X CA    1 
ATOM   594  C C     . GLY A 1 74  ? -1.154  8.926   -9.773  1.00 101.31 ? 74  GLY X C     1 
ATOM   595  O O     . GLY A 1 74  ? -1.931  8.090   -10.229 1.00 101.24 ? 74  GLY X O     1 
ATOM   596  N N     . GLU A 1 75  ? -0.713  8.890   -8.518  1.00 100.31 ? 75  GLU X N     1 
ATOM   597  C CA    . GLU A 1 75  ? -1.277  7.977   -7.527  1.00 99.38  ? 75  GLU X CA    1 
ATOM   598  C C     . GLU A 1 75  ? -2.805  8.045   -7.386  1.00 100.00 ? 75  GLU X C     1 
ATOM   599  O O     . GLU A 1 75  ? -3.420  7.165   -6.760  1.00 100.53 ? 75  GLU X O     1 
ATOM   600  C CB    . GLU A 1 75  ? -0.657  8.257   -6.168  1.00 99.26  ? 75  GLU X CB    1 
ATOM   601  C CG    . GLU A 1 75  ? -1.687  8.551   -5.086  1.00 97.27  ? 75  GLU X CG    1 
ATOM   602  C CD    . GLU A 1 75  ? -2.330  9.909   -5.248  1.00 95.22  ? 75  GLU X CD    1 
ATOM   603  O OE1   . GLU A 1 75  ? -1.587  10.907  -5.360  1.00 98.14  ? 75  GLU X OE1   1 
ATOM   604  O OE2   . GLU A 1 75  ? -3.577  9.976   -5.270  1.00 95.06  ? 75  GLU X OE2   1 
ATOM   605  N N     . GLN A 1 76  ? -3.416  9.100   -7.930  1.00 98.94  ? 76  GLN X N     1 
ATOM   606  C CA    . GLN A 1 76  ? -4.872  9.183   -7.987  1.00 97.02  ? 76  GLN X CA    1 
ATOM   607  C C     . GLN A 1 76  ? -5.384  7.826   -8.452  1.00 96.83  ? 76  GLN X C     1 
ATOM   608  O O     . GLN A 1 76  ? -6.480  7.405   -8.084  1.00 97.20  ? 76  GLN X O     1 
ATOM   609  C CB    . GLN A 1 76  ? -5.315  10.292  -8.946  1.00 96.51  ? 76  GLN X CB    1 
ATOM   610  C CG    . GLN A 1 76  ? -6.802  10.310  -9.258  1.00 93.97  ? 76  GLN X CG    1 
ATOM   611  C CD    . GLN A 1 76  ? -7.544  11.405  -8.529  1.00 91.19  ? 76  GLN X CD    1 
ATOM   612  O OE1   . GLN A 1 76  ? -6.936  12.296  -7.943  1.00 90.03  ? 76  GLN X OE1   1 
ATOM   613  N NE2   . GLN A 1 76  ? -8.872  11.346  -8.564  1.00 91.52  ? 76  GLN X NE2   1 
ATOM   614  N N     . ARG A 1 77  ? -4.567  7.136   -9.244  1.00 96.28  ? 77  ARG X N     1 
ATOM   615  C CA    . ARG A 1 77  ? -4.766  5.714   -9.508  1.00 96.09  ? 77  ARG X CA    1 
ATOM   616  C C     . ARG A 1 77  ? -5.152  4.958   -8.236  1.00 94.95  ? 77  ARG X C     1 
ATOM   617  O O     . ARG A 1 77  ? -6.189  4.295   -8.202  1.00 94.36  ? 77  ARG X O     1 
ATOM   618  C CB    . ARG A 1 77  ? -3.522  5.095   -10.155 1.00 97.07  ? 77  ARG X CB    1 
ATOM   619  C CG    . ARG A 1 77  ? -3.048  5.804   -11.427 1.00 100.61 ? 77  ARG X CG    1 
ATOM   620  C CD    . ARG A 1 77  ? -3.664  5.212   -12.702 1.00 107.50 ? 77  ARG X CD    1 
ATOM   621  N NE    . ARG A 1 77  ? -5.010  4.670   -12.485 1.00 111.07 ? 77  ARG X NE    1 
ATOM   622  C CZ    . ARG A 1 77  ? -6.138  5.279   -12.846 1.00 110.66 ? 77  ARG X CZ    1 
ATOM   623  N NH1   . ARG A 1 77  ? -6.097  6.460   -13.451 1.00 109.72 ? 77  ARG X NH1   1 
ATOM   624  N NH2   . ARG A 1 77  ? -7.310  4.705   -12.602 1.00 109.74 ? 77  ARG X NH2   1 
ATOM   625  N N     . GLN A 1 78  ? -4.334  5.070   -7.190  1.00 93.26  ? 78  GLN X N     1 
ATOM   626  C CA    . GLN A 1 78  ? -4.596  4.329   -5.967  1.00 92.36  ? 78  GLN X CA    1 
ATOM   627  C C     . GLN A 1 78  ? -6.054  4.468   -5.560  1.00 92.33  ? 78  GLN X C     1 
ATOM   628  O O     . GLN A 1 78  ? -6.774  3.469   -5.489  1.00 92.68  ? 78  GLN X O     1 
ATOM   629  C CB    . GLN A 1 78  ? -3.652  4.733   -4.821  1.00 92.31  ? 78  GLN X CB    1 
ATOM   630  C CG    . GLN A 1 78  ? -3.661  3.726   -3.643  1.00 92.08  ? 78  GLN X CG    1 
ATOM   631  C CD    . GLN A 1 78  ? -2.328  3.589   -2.900  1.00 89.01  ? 78  GLN X CD    1 
ATOM   632  O OE1   . GLN A 1 78  ? -1.471  4.469   -2.960  1.00 89.81  ? 78  GLN X OE1   1 
ATOM   633  N NE2   . GLN A 1 78  ? -2.159  2.473   -2.190  1.00 86.16  ? 78  GLN X NE2   1 
ATOM   634  N N     . LYS A 1 79  ? -6.487  5.706   -5.319  1.00 92.10  ? 79  LYS X N     1 
ATOM   635  C CA    . LYS A 1 79  ? -7.890  5.994   -4.996  1.00 92.08  ? 79  LYS X CA    1 
ATOM   636  C C     . LYS A 1 79  ? -8.820  5.172   -5.868  1.00 92.30  ? 79  LYS X C     1 
ATOM   637  O O     . LYS A 1 79  ? -9.605  4.362   -5.372  1.00 91.91  ? 79  LYS X O     1 
ATOM   638  C CB    . LYS A 1 79  ? -8.212  7.484   -5.181  1.00 92.02  ? 79  LYS X CB    1 
ATOM   639  C CG    . LYS A 1 79  ? -9.689  7.856   -4.928  1.00 93.14  ? 79  LYS X CG    1 
ATOM   640  C CD    . LYS A 1 79  ? -10.201 8.931   -5.918  1.00 95.42  ? 79  LYS X CD    1 
ATOM   641  C CE    . LYS A 1 79  ? -11.701 9.222   -5.732  1.00 96.51  ? 79  LYS X CE    1 
ATOM   642  N NZ    . LYS A 1 79  ? -12.440 9.488   -7.023  1.00 95.04  ? 79  LYS X NZ    1 
ATOM   643  N N     . ASP A 1 80  ? -8.721  5.389   -7.175  1.00 92.57  ? 80  ASP X N     1 
ATOM   644  C CA    . ASP A 1 80  ? -9.636  4.774   -8.118  1.00 93.63  ? 80  ASP X CA    1 
ATOM   645  C C     . ASP A 1 80  ? -9.591  3.258   -7.950  1.00 93.48  ? 80  ASP X C     1 
ATOM   646  O O     . ASP A 1 80  ? -10.599 2.628   -7.624  1.00 94.00  ? 80  ASP X O     1 
ATOM   647  C CB    . ASP A 1 80  ? -9.296  5.182   -9.560  1.00 94.29  ? 80  ASP X CB    1 
ATOM   648  C CG    . ASP A 1 80  ? -9.304  6.705   -9.766  1.00 96.83  ? 80  ASP X CG    1 
ATOM   649  O OD1   . ASP A 1 80  ? -9.674  7.433   -8.816  1.00 99.10  ? 80  ASP X OD1   1 
ATOM   650  O OD2   . ASP A 1 80  ? -8.943  7.173   -10.878 1.00 96.80  ? 80  ASP X OD2   1 
ATOM   651  N N     . ARG A 1 81  ? -8.415  2.675   -8.157  1.00 92.86  ? 81  ARG X N     1 
ATOM   652  C CA    . ARG A 1 81  ? -8.273  1.229   -8.086  1.00 91.73  ? 81  ARG X CA    1 
ATOM   653  C C     . ARG A 1 81  ? -8.966  0.729   -6.833  1.00 90.75  ? 81  ARG X C     1 
ATOM   654  O O     . ARG A 1 81  ? -9.673  -0.278  -6.857  1.00 89.41  ? 81  ARG X O     1 
ATOM   655  C CB    . ARG A 1 81  ? -6.799  0.843   -8.074  1.00 91.90  ? 81  ARG X CB    1 
ATOM   656  C CG    . ARG A 1 81  ? -5.974  1.579   -9.114  1.00 93.46  ? 81  ARG X CG    1 
ATOM   657  C CD    . ARG A 1 81  ? -5.749  0.748   -10.353 1.00 96.14  ? 81  ARG X CD    1 
ATOM   658  N NE    . ARG A 1 81  ? -4.380  0.905   -10.833 1.00 102.15 ? 81  ARG X NE    1 
ATOM   659  C CZ    . ARG A 1 81  ? -3.999  0.718   -12.094 1.00 104.82 ? 81  ARG X CZ    1 
ATOM   660  N NH1   . ARG A 1 81  ? -4.891  0.363   -13.015 1.00 106.28 ? 81  ARG X NH1   1 
ATOM   661  N NH2   . ARG A 1 81  ? -2.726  0.888   -12.437 1.00 104.32 ? 81  ARG X NH2   1 
ATOM   662  N N     . LEU A 1 82  ? -8.778  1.461   -5.743  1.00 90.36  ? 82  LEU X N     1 
ATOM   663  C CA    . LEU A 1 82  ? -9.439  1.134   -4.496  1.00 90.28  ? 82  LEU X CA    1 
ATOM   664  C C     . LEU A 1 82  ? -10.956 1.252   -4.594  1.00 90.60  ? 82  LEU X C     1 
ATOM   665  O O     . LEU A 1 82  ? -11.673 0.356   -4.159  1.00 90.40  ? 82  LEU X O     1 
ATOM   666  C CB    . LEU A 1 82  ? -8.891  1.991   -3.362  1.00 90.16  ? 82  LEU X CB    1 
ATOM   667  C CG    . LEU A 1 82  ? -7.511  1.558   -2.864  1.00 89.38  ? 82  LEU X CG    1 
ATOM   668  C CD1   . LEU A 1 82  ? -6.995  2.528   -1.809  1.00 87.50  ? 82  LEU X CD1   1 
ATOM   669  C CD2   . LEU A 1 82  ? -7.546  0.124   -2.329  1.00 88.18  ? 82  LEU X CD2   1 
ATOM   670  N N     . GLU A 1 83  ? -11.441 2.349   -5.175  1.00 91.73  ? 83  GLU X N     1 
ATOM   671  C CA    . GLU A 1 83  ? -12.879 2.523   -5.412  1.00 92.86  ? 83  GLU X CA    1 
ATOM   672  C C     . GLU A 1 83  ? -13.514 1.336   -6.152  1.00 93.42  ? 83  GLU X C     1 
ATOM   673  O O     . GLU A 1 83  ? -14.567 0.841   -5.745  1.00 93.06  ? 83  GLU X O     1 
ATOM   674  C CB    . GLU A 1 83  ? -13.173 3.850   -6.128  1.00 92.72  ? 83  GLU X CB    1 
ATOM   675  C CG    . GLU A 1 83  ? -12.849 5.102   -5.302  1.00 94.63  ? 83  GLU X CG    1 
ATOM   676  C CD    . GLU A 1 83  ? -13.882 6.225   -5.459  1.00 98.84  ? 83  GLU X CD    1 
ATOM   677  O OE1   . GLU A 1 83  ? -14.884 6.228   -4.711  1.00 101.15 ? 83  GLU X OE1   1 
ATOM   678  O OE2   . GLU A 1 83  ? -13.688 7.117   -6.316  1.00 100.38 ? 83  GLU X OE2   1 
ATOM   679  N N     . GLU A 1 84  ? -12.867 0.878   -7.225  1.00 94.45  ? 84  GLU X N     1 
ATOM   680  C CA    . GLU A 1 84  ? -13.268 -0.351  -7.916  1.00 95.89  ? 84  GLU X CA    1 
ATOM   681  C C     . GLU A 1 84  ? -13.253 -1.573  -7.000  1.00 96.31  ? 84  GLU X C     1 
ATOM   682  O O     . GLU A 1 84  ? -14.130 -2.432  -7.091  1.00 96.43  ? 84  GLU X O     1 
ATOM   683  C CB    . GLU A 1 84  ? -12.364 -0.623  -9.116  1.00 96.06  ? 84  GLU X CB    1 
ATOM   684  C CG    . GLU A 1 84  ? -12.607 0.286   -10.307 1.00 100.17 ? 84  GLU X CG    1 
ATOM   685  C CD    . GLU A 1 84  ? -11.359 0.470   -11.164 1.00 106.49 ? 84  GLU X CD    1 
ATOM   686  O OE1   . GLU A 1 84  ? -11.482 0.948   -12.318 1.00 108.03 ? 84  GLU X OE1   1 
ATOM   687  O OE2   . GLU A 1 84  ? -10.250 0.133   -10.680 1.00 107.77 ? 84  GLU X OE2   1 
ATOM   688  N N     . GLU A 1 85  ? -12.247 -1.654  -6.133  1.00 96.85  ? 85  GLU X N     1 
ATOM   689  C CA    . GLU A 1 85  ? -12.149 -2.746  -5.168  1.00 97.16  ? 85  GLU X CA    1 
ATOM   690  C C     . GLU A 1 85  ? -13.356 -2.751  -4.251  1.00 97.49  ? 85  GLU X C     1 
ATOM   691  O O     . GLU A 1 85  ? -13.738 -3.794  -3.718  1.00 97.62  ? 85  GLU X O     1 
ATOM   692  C CB    . GLU A 1 85  ? -10.883 -2.610  -4.321  1.00 97.65  ? 85  GLU X CB    1 
ATOM   693  C CG    . GLU A 1 85  ? -9.599  -2.529  -5.124  1.00 97.64  ? 85  GLU X CG    1 
ATOM   694  C CD    . GLU A 1 85  ? -8.868  -3.852  -5.199  1.00 96.34  ? 85  GLU X CD    1 
ATOM   695  O OE1   . GLU A 1 85  ? -8.169  -4.075  -6.206  1.00 96.92  ? 85  GLU X OE1   1 
ATOM   696  O OE2   . GLU A 1 85  ? -8.988  -4.665  -4.254  1.00 95.34  ? 85  GLU X OE2   1 
ATOM   697  N N     . GLY A 1 86  ? -13.943 -1.573  -4.060  1.00 98.02  ? 86  GLY X N     1 
ATOM   698  C CA    . GLY A 1 86  ? -15.164 -1.431  -3.266  1.00 98.96  ? 86  GLY X CA    1 
ATOM   699  C C     . GLY A 1 86  ? -14.964 -0.658  -1.970  1.00 99.29  ? 86  GLY X C     1 
ATOM   700  O O     . GLY A 1 86  ? -15.573 -0.979  -0.939  1.00 99.26  ? 86  GLY X O     1 
ATOM   701  N N     . VAL A 1 87  ? -14.122 0.372   -2.026  1.00 98.99  ? 87  VAL X N     1 
ATOM   702  C CA    . VAL A 1 87  ? -13.548 0.971   -0.824  1.00 98.17  ? 87  VAL X CA    1 
ATOM   703  C C     . VAL A 1 87  ? -14.014 2.409   -0.644  1.00 98.00  ? 87  VAL X C     1 
ATOM   704  O O     . VAL A 1 87  ? -13.641 3.294   -1.413  1.00 97.98  ? 87  VAL X O     1 
ATOM   705  C CB    . VAL A 1 87  ? -12.005 0.935   -0.866  1.00 97.89  ? 87  VAL X CB    1 
ATOM   706  C CG1   . VAL A 1 87  ? -11.417 1.773   0.266   1.00 98.27  ? 87  VAL X CG1   1 
ATOM   707  C CG2   . VAL A 1 87  ? -11.508 -0.504  -0.805  1.00 96.22  ? 87  VAL X CG2   1 
ATOM   708  N N     . GLU A 1 88  ? -14.836 2.640   0.370   1.00 97.79  ? 88  GLU X N     1 
ATOM   709  C CA    . GLU A 1 88  ? -15.279 3.989   0.661   1.00 98.17  ? 88  GLU X CA    1 
ATOM   710  C C     . GLU A 1 88  ? -14.088 4.841   1.084   1.00 97.35  ? 88  GLU X C     1 
ATOM   711  O O     . GLU A 1 88  ? -13.455 4.588   2.109   1.00 97.90  ? 88  GLU X O     1 
ATOM   712  C CB    . GLU A 1 88  ? -16.361 3.989   1.746   1.00 98.90  ? 88  GLU X CB    1 
ATOM   713  C CG    . GLU A 1 88  ? -17.735 3.526   1.267   1.00 102.58 ? 88  GLU X CG    1 
ATOM   714  C CD    . GLU A 1 88  ? -18.514 2.763   2.343   1.00 108.49 ? 88  GLU X CD    1 
ATOM   715  O OE1   . GLU A 1 88  ? -19.381 1.930   1.985   1.00 109.51 ? 88  GLU X OE1   1 
ATOM   716  O OE2   . GLU A 1 88  ? -18.262 2.993   3.548   1.00 112.21 ? 88  GLU X OE2   1 
ATOM   717  N N     . ILE A 1 89  ? -13.783 5.846   0.273   1.00 96.72  ? 89  ILE X N     1 
ATOM   718  C CA    . ILE A 1 89  ? -12.752 6.828   0.594   1.00 95.64  ? 89  ILE X CA    1 
ATOM   719  C C     . ILE A 1 89  ? -13.374 8.225   0.613   1.00 95.29  ? 89  ILE X C     1 
ATOM   720  O O     . ILE A 1 89  ? -14.327 8.492   -0.119  1.00 95.30  ? 89  ILE X O     1 
ATOM   721  C CB    . ILE A 1 89  ? -11.615 6.791   -0.455  1.00 95.69  ? 89  ILE X CB    1 
ATOM   722  C CG1   . ILE A 1 89  ? -11.222 5.340   -0.765  1.00 93.81  ? 89  ILE X CG1   1 
ATOM   723  C CG2   . ILE A 1 89  ? -10.399 7.598   0.018   1.00 95.47  ? 89  ILE X CG2   1 
ATOM   724  C CD1   . ILE A 1 89  ? -10.266 5.195   -1.940  1.00 90.57  ? 89  ILE X CD1   1 
ATOM   725  N N     . TYR A 1 90  ? -12.841 9.111   1.447   1.00 94.61  ? 90  TYR X N     1 
ATOM   726  C CA    . TYR A 1 90  ? -13.276 10.503  1.442   1.00 94.88  ? 90  TYR X CA    1 
ATOM   727  C C     . TYR A 1 90  ? -12.099 11.471  1.486   1.00 95.09  ? 90  TYR X C     1 
ATOM   728  O O     . TYR A 1 90  ? -11.006 11.109  1.916   1.00 95.22  ? 90  TYR X O     1 
ATOM   729  C CB    . TYR A 1 90  ? -14.205 10.765  2.619   1.00 94.76  ? 90  TYR X CB    1 
ATOM   730  C CG    . TYR A 1 90  ? -13.586 10.442  3.949   1.00 95.29  ? 90  TYR X CG    1 
ATOM   731  C CD1   . TYR A 1 90  ? -13.689 9.159   4.494   1.00 96.90  ? 90  TYR X CD1   1 
ATOM   732  C CD2   . TYR A 1 90  ? -12.896 11.413  4.669   1.00 94.44  ? 90  TYR X CD2   1 
ATOM   733  C CE1   . TYR A 1 90  ? -13.125 8.853   5.723   1.00 96.32  ? 90  TYR X CE1   1 
ATOM   734  C CE2   . TYR A 1 90  ? -12.330 11.122  5.897   1.00 97.14  ? 90  TYR X CE2   1 
ATOM   735  C CZ    . TYR A 1 90  ? -12.446 9.840   6.420   1.00 97.92  ? 90  TYR X CZ    1 
ATOM   736  O OH    . TYR A 1 90  ? -11.881 9.552   7.641   1.00 98.92  ? 90  TYR X OH    1 
ATOM   737  N N     . GLN A 1 91  ? -12.326 12.703  1.040   1.00 95.36  ? 91  GLN X N     1 
ATOM   738  C CA    . GLN A 1 91  ? -11.292 13.734  1.097   1.00 96.11  ? 91  GLN X CA    1 
ATOM   739  C C     . GLN A 1 91  ? -11.318 14.427  2.455   1.00 96.24  ? 91  GLN X C     1 
ATOM   740  O O     . GLN A 1 91  ? -12.358 14.477  3.104   1.00 96.61  ? 91  GLN X O     1 
ATOM   741  C CB    . GLN A 1 91  ? -11.477 14.750  -0.035  1.00 96.19  ? 91  GLN X CB    1 
ATOM   742  C CG    . GLN A 1 91  ? -11.035 14.229  -1.395  1.00 97.57  ? 91  GLN X CG    1 
ATOM   743  C CD    . GLN A 1 91  ? -11.604 15.024  -2.564  1.00 100.16 ? 91  GLN X CD    1 
ATOM   744  O OE1   . GLN A 1 91  ? -11.603 16.259  -2.555  1.00 102.57 ? 91  GLN X OE1   1 
ATOM   745  N NE2   . GLN A 1 91  ? -12.083 14.315  -3.586  1.00 99.35  ? 91  GLN X NE2   1 
ATOM   746  N N     . THR A 1 92  ? -10.173 14.940  2.892   1.00 96.73  ? 92  THR X N     1 
ATOM   747  C CA    . THR A 1 92  ? -10.124 15.748  4.107   1.00 97.70  ? 92  THR X CA    1 
ATOM   748  C C     . THR A 1 92  ? -9.985  17.225  3.769   1.00 98.80  ? 92  THR X C     1 
ATOM   749  O O     . THR A 1 92  ? -10.540 17.706  2.781   1.00 98.47  ? 92  THR X O     1 
ATOM   750  C CB    . THR A 1 92  ? -8.959  15.339  5.033   1.00 97.35  ? 92  THR X CB    1 
ATOM   751  O OG1   . THR A 1 92  ? -7.716  15.501  4.339   1.00 96.11  ? 92  THR X OG1   1 
ATOM   752  C CG2   . THR A 1 92  ? -9.114  13.896  5.495   1.00 96.46  ? 92  THR X CG2   1 
ATOM   753  N N     . SER A 1 93  ? -9.235  17.942  4.597   1.00 100.32 ? 93  SER X N     1 
ATOM   754  C CA    . SER A 1 93  ? -8.948  19.344  4.335   1.00 101.37 ? 93  SER X CA    1 
ATOM   755  C C     . SER A 1 93  ? -7.474  19.594  4.010   1.00 101.73 ? 93  SER X C     1 
ATOM   756  O O     . SER A 1 93  ? -6.937  20.650  4.332   1.00 102.17 ? 93  SER X O     1 
ATOM   757  C CB    . SER A 1 93  ? -9.413  20.223  5.498   1.00 101.20 ? 93  SER X CB    1 
ATOM   758  O OG    . SER A 1 93  ? -9.813  19.424  6.600   1.00 103.18 ? 93  SER X OG    1 
ATOM   759  N N     . LEU A 1 94  ? -6.825  18.612  3.386   1.00 101.82 ? 94  LEU X N     1 
ATOM   760  C CA    . LEU A 1 94  ? -6.146  18.842  2.108   1.00 102.11 ? 94  LEU X CA    1 
ATOM   761  C C     . LEU A 1 94  ? -6.371  17.633  1.209   1.00 101.97 ? 94  LEU X C     1 
ATOM   762  O O     . LEU A 1 94  ? -5.427  17.042  0.681   1.00 101.96 ? 94  LEU X O     1 
ATOM   763  C CB    . LEU A 1 94  ? -4.646  19.158  2.277   1.00 102.36 ? 94  LEU X CB    1 
ATOM   764  C CG    . LEU A 1 94  ? -4.012  20.177  1.300   1.00 102.85 ? 94  LEU X CG    1 
ATOM   765  C CD1   . LEU A 1 94  ? -2.956  21.062  1.978   1.00 100.44 ? 94  LEU X CD1   1 
ATOM   766  C CD2   . LEU A 1 94  ? -3.430  19.513  0.038   1.00 102.54 ? 94  LEU X CD2   1 
ATOM   767  N N     . GLY A 1 95  ? -7.643  17.270  1.055   1.00 102.09 ? 95  GLY X N     1 
ATOM   768  C CA    . GLY A 1 95  ? -8.032  16.138  0.221   1.00 102.45 ? 95  GLY X CA    1 
ATOM   769  C C     . GLY A 1 95  ? -7.509  14.816  0.752   1.00 102.38 ? 95  GLY X C     1 
ATOM   770  O O     . GLY A 1 95  ? -8.169  13.783  0.636   1.00 102.21 ? 95  GLY X O     1 
ATOM   771  N N     . GLU A 1 96  ? -6.315  14.854  1.335   1.00 102.32 ? 96  GLU X N     1 
ATOM   772  C CA    . GLU A 1 96  ? -5.682  13.664  1.889   1.00 102.63 ? 96  GLU X CA    1 
ATOM   773  C C     . GLU A 1 96  ? -6.612  12.457  1.871   1.00 101.66 ? 96  GLU X C     1 
ATOM   774  O O     . GLU A 1 96  ? -7.171  12.072  2.893   1.00 102.08 ? 96  GLU X O     1 
ATOM   775  C CB    . GLU A 1 96  ? -5.186  13.934  3.309   1.00 102.64 ? 96  GLU X CB    1 
ATOM   776  C CG    . GLU A 1 96  ? -3.718  14.286  3.386   1.00 106.52 ? 96  GLU X CG    1 
ATOM   777  C CD    . GLU A 1 96  ? -3.059  13.756  4.649   1.00 111.33 ? 96  GLU X CD    1 
ATOM   778  O OE1   . GLU A 1 96  ? -1.879  13.342  4.581   1.00 114.19 ? 96  GLU X OE1   1 
ATOM   779  O OE2   . GLU A 1 96  ? -3.721  13.754  5.711   1.00 112.74 ? 96  GLU X OE2   1 
ATOM   780  N N     . TYR A 1 97  ? -6.777  11.868  0.694   1.00 100.56 ? 97  TYR X N     1 
ATOM   781  C CA    . TYR A 1 97  ? -7.641  10.711  0.529   1.00 99.60  ? 97  TYR X CA    1 
ATOM   782  C C     . TYR A 1 97  ? -7.549  9.739   1.720   1.00 98.32  ? 97  TYR X C     1 
ATOM   783  O O     . TYR A 1 97  ? -6.461  9.348   2.143   1.00 97.69  ? 97  TYR X O     1 
ATOM   784  C CB    . TYR A 1 97  ? -7.318  10.012  -0.795  1.00 100.23 ? 97  TYR X CB    1 
ATOM   785  C CG    . TYR A 1 97  ? -7.640  10.841  -2.041  1.00 104.08 ? 97  TYR X CG    1 
ATOM   786  C CD1   . TYR A 1 97  ? -6.664  11.108  -3.002  1.00 106.02 ? 97  TYR X CD1   1 
ATOM   787  C CD2   . TYR A 1 97  ? -8.924  11.350  -2.258  1.00 105.42 ? 97  TYR X CD2   1 
ATOM   788  C CE1   . TYR A 1 97  ? -6.960  11.859  -4.141  1.00 106.26 ? 97  TYR X CE1   1 
ATOM   789  C CE2   . TYR A 1 97  ? -9.223  12.101  -3.391  1.00 105.21 ? 97  TYR X CE2   1 
ATOM   790  C CZ    . TYR A 1 97  ? -8.240  12.353  -4.327  1.00 105.66 ? 97  TYR X CZ    1 
ATOM   791  O OH    . TYR A 1 97  ? -8.544  13.094  -5.452  1.00 105.93 ? 97  TYR X OH    1 
ATOM   792  N N     . LYS A 1 98  ? -8.701  9.366   2.266   1.00 96.66  ? 98  LYS X N     1 
ATOM   793  C CA    . LYS A 1 98  ? -8.744  8.714   3.566   1.00 95.90  ? 98  LYS X CA    1 
ATOM   794  C C     . LYS A 1 98  ? -9.795  7.611   3.615   1.00 95.56  ? 98  LYS X C     1 
ATOM   795  O O     . LYS A 1 98  ? -10.883 7.750   3.061   1.00 94.86  ? 98  LYS X O     1 
ATOM   796  C CB    . LYS A 1 98  ? -9.003  9.742   4.671   1.00 95.87  ? 98  LYS X CB    1 
ATOM   797  C CG    . LYS A 1 98  ? -8.602  9.292   6.073   1.00 96.30  ? 98  LYS X CG    1 
ATOM   798  C CD    . LYS A 1 98  ? -8.465  10.480  7.026   1.00 95.91  ? 98  LYS X CD    1 
ATOM   799  C CE    . LYS A 1 98  ? -7.883  10.065  8.372   1.00 95.28  ? 98  LYS X CE    1 
ATOM   800  N NZ    . LYS A 1 98  ? -8.150  11.104  9.403   1.00 96.88  ? 98  LYS X NZ    1 
ATOM   801  N N     . LEU A 1 99  ? -9.458  6.515   4.285   1.00 95.57  ? 99  LEU X N     1 
ATOM   802  C CA    . LEU A 1 99  ? -10.403 5.426   4.482   1.00 95.86  ? 99  LEU X CA    1 
ATOM   803  C C     . LEU A 1 99  ? -10.342 4.887   5.913   1.00 95.89  ? 99  LEU X C     1 
ATOM   804  O O     . LEU A 1 99  ? -9.348  5.091   6.619   1.00 95.42  ? 99  LEU X O     1 
ATOM   805  C CB    . LEU A 1 99  ? -10.172 4.309   3.455   1.00 95.87  ? 99  LEU X CB    1 
ATOM   806  C CG    . LEU A 1 99  ? -8.944  3.392   3.581   1.00 96.78  ? 99  LEU X CG    1 
ATOM   807  C CD1   . LEU A 1 99  ? -7.656  4.180   3.792   1.00 97.98  ? 99  LEU X CD1   1 
ATOM   808  C CD2   . LEU A 1 99  ? -9.124  2.359   4.682   1.00 95.97  ? 99  LEU X CD2   1 
ATOM   809  N N     . ASN A 1 100 ? -11.412 4.213   6.335   1.00 95.85  ? 100 ASN X N     1 
ATOM   810  C CA    . ASN A 1 100 ? -11.497 3.678   7.689   1.00 95.42  ? 100 ASN X CA    1 
ATOM   811  C C     . ASN A 1 100 ? -10.579 2.485   7.873   1.00 94.87  ? 100 ASN X C     1 
ATOM   812  O O     . ASN A 1 100 ? -10.935 1.351   7.543   1.00 94.28  ? 100 ASN X O     1 
ATOM   813  C CB    . ASN A 1 100 ? -12.932 3.298   8.049   1.00 95.91  ? 100 ASN X CB    1 
ATOM   814  C CG    . ASN A 1 100 ? -13.085 2.971   9.517   1.00 96.85  ? 100 ASN X CG    1 
ATOM   815  O OD1   . ASN A 1 100 ? -13.131 1.804   9.905   1.00 99.43  ? 100 ASN X OD1   1 
ATOM   816  N ND2   . ASN A 1 100 ? -13.146 4.002   10.347  1.00 98.43  ? 100 ASN X ND2   1 
ATOM   817  N N     . LEU A 1 101 ? -9.388  2.754   8.394   1.00 94.35  ? 101 LEU X N     1 
ATOM   818  C CA    . LEU A 1 101 ? -8.373  1.724   8.525   1.00 94.76  ? 101 LEU X CA    1 
ATOM   819  C C     . LEU A 1 101 ? -8.940  0.468   9.179   1.00 95.26  ? 101 LEU X C     1 
ATOM   820  O O     . LEU A 1 101 ? -8.856  -0.615  8.613   1.00 95.43  ? 101 LEU X O     1 
ATOM   821  C CB    . LEU A 1 101 ? -7.168  2.245   9.312   1.00 94.79  ? 101 LEU X CB    1 
ATOM   822  C CG    . LEU A 1 101 ? -5.782  1.649   9.007   1.00 94.52  ? 101 LEU X CG    1 
ATOM   823  C CD1   . LEU A 1 101 ? -5.866  0.218   8.482   1.00 94.18  ? 101 LEU X CD1   1 
ATOM   824  C CD2   . LEU A 1 101 ? -4.980  2.521   8.057   1.00 92.94  ? 101 LEU X CD2   1 
ATOM   825  N N     . PRO A 1 102 ? -9.533  0.609   10.375  1.00 95.42  ? 102 PRO X N     1 
ATOM   826  C CA    . PRO A 1 102 ? -9.999  -0.569  11.096  1.00 95.51  ? 102 PRO X CA    1 
ATOM   827  C C     . PRO A 1 102 ? -10.941 -1.386  10.235  1.00 95.60  ? 102 PRO X C     1 
ATOM   828  O O     . PRO A 1 102 ? -10.795 -2.603  10.144  1.00 94.68  ? 102 PRO X O     1 
ATOM   829  C CB    . PRO A 1 102 ? -10.760 0.026   12.279  1.00 95.89  ? 102 PRO X CB    1 
ATOM   830  C CG    . PRO A 1 102 ? -10.178 1.389   12.457  1.00 96.10  ? 102 PRO X CG    1 
ATOM   831  C CD    . PRO A 1 102 ? -9.877  1.858   11.073  1.00 95.34  ? 102 PRO X CD    1 
ATOM   832  N N     . GLU A 1 103 ? -11.893 -0.714  9.598   1.00 97.25  ? 103 GLU X N     1 
ATOM   833  C CA    . GLU A 1 103 ? -12.829 -1.389  8.708   1.00 99.25  ? 103 GLU X CA    1 
ATOM   834  C C     . GLU A 1 103 ? -12.086 -2.185  7.647   1.00 99.84  ? 103 GLU X C     1 
ATOM   835  O O     . GLU A 1 103 ? -11.890 -3.391  7.796   1.00 100.42 ? 103 GLU X O     1 
ATOM   836  C CB    . GLU A 1 103 ? -13.798 -0.404  8.058   1.00 99.12  ? 103 GLU X CB    1 
ATOM   837  C CG    . GLU A 1 103 ? -15.252 -0.848  8.150   1.00 102.49 ? 103 GLU X CG    1 
ATOM   838  C CD    . GLU A 1 103 ? -16.101 -0.290  7.031   1.00 105.99 ? 103 GLU X CD    1 
ATOM   839  O OE1   . GLU A 1 103 ? -17.024 0.520   7.334   1.00 107.79 ? 103 GLU X OE1   1 
ATOM   840  O OE2   . GLU A 1 103 ? -15.846 -0.660  5.852   1.00 107.64 ? 103 GLU X OE2   1 
ATOM   841  N N     . TYR A 1 104 ? -11.659 -1.505  6.587   1.00 100.91 ? 104 TYR X N     1 
ATOM   842  C CA    . TYR A 1 104 ? -10.893 -2.146  5.519   1.00 101.75 ? 104 TYR X CA    1 
ATOM   843  C C     . TYR A 1 104 ? -9.434  -2.313  5.943   1.00 102.43 ? 104 TYR X C     1 
ATOM   844  O O     . TYR A 1 104 ? -8.666  -1.365  5.836   1.00 103.60 ? 104 TYR X O     1 
ATOM   845  C CB    . TYR A 1 104 ? -10.945 -1.290  4.248   1.00 101.34 ? 104 TYR X CB    1 
ATOM   846  C CG    . TYR A 1 104 ? -12.329 -0.822  3.838   1.00 101.79 ? 104 TYR X CG    1 
ATOM   847  C CD1   . TYR A 1 104 ? -12.728 0.496   4.047   1.00 100.55 ? 104 TYR X CD1   1 
ATOM   848  C CD2   . TYR A 1 104 ? -13.230 -1.694  3.226   1.00 102.57 ? 104 TYR X CD2   1 
ATOM   849  C CE1   . TYR A 1 104 ? -13.988 0.931   3.667   1.00 101.03 ? 104 TYR X CE1   1 
ATOM   850  C CE2   . TYR A 1 104 ? -14.491 -1.268  2.843   1.00 102.41 ? 104 TYR X CE2   1 
ATOM   851  C CZ    . TYR A 1 104 ? -14.862 0.045   3.067   1.00 102.75 ? 104 TYR X CZ    1 
ATOM   852  O OH    . TYR A 1 104 ? -16.114 0.470   2.693   1.00 104.26 ? 104 TYR X OH    1 
ATOM   853  N N     . MET A 1 105 ? -9.053  -3.496  6.430   1.00 102.71 ? 105 MET X N     1 
ATOM   854  C CA    . MET A 1 105 ? -7.684  -3.729  6.907   1.00 102.29 ? 105 MET X CA    1 
ATOM   855  C C     . MET A 1 105 ? -7.371  -5.196  7.078   1.00 102.26 ? 105 MET X C     1 
ATOM   856  O O     . MET A 1 105 ? -8.099  -5.915  7.746   1.00 102.09 ? 105 MET X O     1 
ATOM   857  C CB    . MET A 1 105 ? -7.422  -3.022  8.235   1.00 102.42 ? 105 MET X CB    1 
ATOM   858  C CG    . MET A 1 105 ? -6.305  -3.654  9.068   1.00 104.10 ? 105 MET X CG    1 
ATOM   859  S SD    . MET A 1 105 ? -4.693  -3.700  8.237   1.00 111.68 ? 105 MET X SD    1 
ATOM   860  C CE    . MET A 1 105 ? -3.715  -2.559  9.225   1.00 104.70 ? 105 MET X CE    1 
ATOM   861  N N     . TRP A 1 106 ? -6.257  -5.622  6.498   1.00 103.02 ? 106 TRP X N     1 
ATOM   862  C CA    . TRP A 1 106 ? -5.885  -7.026  6.480   1.00 104.24 ? 106 TRP X CA    1 
ATOM   863  C C     . TRP A 1 106 ? -5.325  -7.523  7.809   1.00 103.85 ? 106 TRP X C     1 
ATOM   864  O O     . TRP A 1 106 ? -4.576  -6.821  8.487   1.00 103.54 ? 106 TRP X O     1 
ATOM   865  C CB    . TRP A 1 106 ? -4.882  -7.293  5.363   1.00 104.85 ? 106 TRP X CB    1 
ATOM   866  C CG    . TRP A 1 106 ? -4.686  -8.745  5.088   1.00 109.20 ? 106 TRP X CG    1 
ATOM   867  C CD1   . TRP A 1 106 ? -5.659  -9.698  5.005   1.00 112.09 ? 106 TRP X CD1   1 
ATOM   868  C CD2   . TRP A 1 106 ? -3.440  -9.421  4.857   1.00 113.48 ? 106 TRP X CD2   1 
ATOM   869  N NE1   . TRP A 1 106 ? -5.097  -10.925 4.737   1.00 114.15 ? 106 TRP X NE1   1 
ATOM   870  C CE2   . TRP A 1 106 ? -3.738  -10.782 4.640   1.00 114.86 ? 106 TRP X CE2   1 
ATOM   871  C CE3   . TRP A 1 106 ? -2.104  -9.007  4.811   1.00 115.67 ? 106 TRP X CE3   1 
ATOM   872  C CZ2   . TRP A 1 106 ? -2.747  -11.732 4.379   1.00 116.64 ? 106 TRP X CZ2   1 
ATOM   873  C CZ3   . TRP A 1 106 ? -1.122  -9.954  4.550   1.00 116.52 ? 106 TRP X CZ3   1 
ATOM   874  C CH2   . TRP A 1 106 ? -1.450  -11.298 4.339   1.00 117.19 ? 106 TRP X CH2   1 
ATOM   875  N N     . LYS A 1 107 ? -5.686  -8.752  8.161   1.00 104.21 ? 107 LYS X N     1 
ATOM   876  C CA    . LYS A 1 107 ? -5.355  -9.314  9.463   1.00 104.51 ? 107 LYS X CA    1 
ATOM   877  C C     . LYS A 1 107 ? -5.351  -10.839 9.398   1.00 104.37 ? 107 LYS X C     1 
ATOM   878  O O     . LYS A 1 107 ? -6.358  -11.483 9.690   1.00 104.30 ? 107 LYS X O     1 
ATOM   879  C CB    . LYS A 1 107 ? -6.355  -8.829  10.519  1.00 104.67 ? 107 LYS X CB    1 
ATOM   880  C CG    . LYS A 1 107 ? -6.388  -7.313  10.719  1.00 105.63 ? 107 LYS X CG    1 
ATOM   881  C CD    . LYS A 1 107 ? -7.619  -6.885  11.507  1.00 108.65 ? 107 LYS X CD    1 
ATOM   882  C CE    . LYS A 1 107 ? -7.335  -5.659  12.368  1.00 110.50 ? 107 LYS X CE    1 
ATOM   883  N NZ    . LYS A 1 107 ? -8.464  -5.373  13.299  1.00 111.78 ? 107 LYS X NZ    1 
ATOM   884  N N     . PRO A 1 108 ? -4.214  -11.423 8.996   1.00 104.71 ? 108 PRO X N     1 
ATOM   885  C CA    . PRO A 1 108 ? -4.065  -12.882 8.919   1.00 104.71 ? 108 PRO X CA    1 
ATOM   886  C C     . PRO A 1 108 ? -4.318  -13.574 10.256  1.00 104.38 ? 108 PRO X C     1 
ATOM   887  O O     . PRO A 1 108 ? -3.374  -14.116 10.856  1.00 104.25 ? 108 PRO X O     1 
ATOM   888  C CB    . PRO A 1 108 ? -2.605  -13.075 8.478   1.00 105.01 ? 108 PRO X CB    1 
ATOM   889  C CG    . PRO A 1 108 ? -1.949  -11.721 8.612   1.00 105.37 ? 108 PRO X CG    1 
ATOM   890  C CD    . PRO A 1 108 ? -3.035  -10.706 8.484   1.00 104.58 ? 108 PRO X CD    1 
ATOM   891  O "O5'" . DG  B 2 1   ? 32.365  6.221   6.799   1.00 97.21  ? 201 DG  Y "O5'" 1 
ATOM   892  C "C5'" . DG  B 2 1   ? 32.665  6.936   5.603   1.00 94.92  ? 201 DG  Y "C5'" 1 
ATOM   893  C "C4'" . DG  B 2 1   ? 32.827  8.428   5.860   1.00 94.07  ? 201 DG  Y "C4'" 1 
ATOM   894  O "O4'" . DG  B 2 1   ? 33.382  9.013   4.655   1.00 92.02  ? 201 DG  Y "O4'" 1 
ATOM   895  C "C3'" . DG  B 2 1   ? 31.517  9.161   6.137   1.00 92.99  ? 201 DG  Y "C3'" 1 
ATOM   896  O "O3'" . DG  B 2 1   ? 31.613  10.256  7.020   1.00 95.09  ? 201 DG  Y "O3'" 1 
ATOM   897  C "C2'" . DG  B 2 1   ? 31.109  9.741   4.798   1.00 92.27  ? 201 DG  Y "C2'" 1 
ATOM   898  C "C1'" . DG  B 2 1   ? 32.381  9.728   3.967   1.00 90.40  ? 201 DG  Y "C1'" 1 
ATOM   899  N N9    . DG  B 2 1   ? 32.002  9.000   2.782   1.00 87.08  ? 201 DG  Y N9    1 
ATOM   900  C C8    . DG  B 2 1   ? 31.940  7.642   2.607   1.00 85.79  ? 201 DG  Y C8    1 
ATOM   901  N N7    . DG  B 2 1   ? 31.518  7.309   1.424   1.00 85.98  ? 201 DG  Y N7    1 
ATOM   902  C C5    . DG  B 2 1   ? 31.269  8.527   0.802   1.00 85.29  ? 201 DG  Y C5    1 
ATOM   903  C C6    . DG  B 2 1   ? 30.796  8.804   -0.497  1.00 85.26  ? 201 DG  Y C6    1 
ATOM   904  O O6    . DG  B 2 1   ? 30.491  7.988   -1.381  1.00 86.61  ? 201 DG  Y O6    1 
ATOM   905  N N1    . DG  B 2 1   ? 30.695  10.180  -0.717  1.00 82.36  ? 201 DG  Y N1    1 
ATOM   906  C C2    . DG  B 2 1   ? 31.008  11.155  0.204   1.00 83.05  ? 201 DG  Y C2    1 
ATOM   907  N N2    . DG  B 2 1   ? 30.845  12.428  -0.187  1.00 83.23  ? 201 DG  Y N2    1 
ATOM   908  N N3    . DG  B 2 1   ? 31.453  10.906  1.424   1.00 82.62  ? 201 DG  Y N3    1 
ATOM   909  C C4    . DG  B 2 1   ? 31.552  9.577   1.636   1.00 84.61  ? 201 DG  Y C4    1 
ATOM   910  P P     . DC  B 2 2   ? 30.326  11.225  7.057   1.00 98.13  ? 202 DC  Y P     1 
ATOM   911  O OP1   . DC  B 2 2   ? 30.428  12.098  8.246   1.00 99.03  ? 202 DC  Y OP1   1 
ATOM   912  O OP2   . DC  B 2 2   ? 29.125  10.381  6.872   1.00 96.22  ? 202 DC  Y OP2   1 
ATOM   913  O "O5'" . DC  B 2 2   ? 30.482  12.146  5.751   1.00 99.39  ? 202 DC  Y "O5'" 1 
ATOM   914  C "C5'" . DC  B 2 2   ? 30.914  13.507  5.880   1.00 98.01  ? 202 DC  Y "C5'" 1 
ATOM   915  C "C4'" . DC  B 2 2   ? 30.066  14.466  5.056   1.00 97.14  ? 202 DC  Y "C4'" 1 
ATOM   916  O "O4'" . DC  B 2 2   ? 29.933  13.984  3.694   1.00 95.30  ? 202 DC  Y "O4'" 1 
ATOM   917  C "C3'" . DC  B 2 2   ? 28.649  14.716  5.565   1.00 97.61  ? 202 DC  Y "C3'" 1 
ATOM   918  O "O3'" . DC  B 2 2   ? 28.307  16.076  5.392   1.00 101.19 ? 202 DC  Y "O3'" 1 
ATOM   919  C "C2'" . DC  B 2 2   ? 27.794  13.861  4.643   1.00 95.52  ? 202 DC  Y "C2'" 1 
ATOM   920  C "C1'" . DC  B 2 2   ? 28.567  13.957  3.335   1.00 92.18  ? 202 DC  Y "C1'" 1 
ATOM   921  N N1    . DC  B 2 2   ? 28.336  12.748  2.522   1.00 88.46  ? 202 DC  Y N1    1 
ATOM   922  C C2    . DC  B 2 2   ? 27.796  12.865  1.239   1.00 86.15  ? 202 DC  Y C2    1 
ATOM   923  O O2    . DC  B 2 2   ? 27.533  13.991  0.795   1.00 86.04  ? 202 DC  Y O2    1 
ATOM   924  N N3    . DC  B 2 2   ? 27.584  11.734  0.525   1.00 82.64  ? 202 DC  Y N3    1 
ATOM   925  C C4    . DC  B 2 2   ? 27.890  10.551  1.056   1.00 81.12  ? 202 DC  Y C4    1 
ATOM   926  N N4    . DC  B 2 2   ? 27.674  9.467   0.320   1.00 79.83  ? 202 DC  Y N4    1 
ATOM   927  C C5    . DC  B 2 2   ? 28.439  10.412  2.361   1.00 83.32  ? 202 DC  Y C5    1 
ATOM   928  C C6    . DC  B 2 2   ? 28.642  11.531  3.054   1.00 85.84  ? 202 DC  Y C6    1 
ATOM   929  P P     . DC  B 2 3   ? 26.799  16.538  5.663   1.00 106.17 ? 203 DC  Y P     1 
ATOM   930  O OP1   . DC  B 2 3   ? 26.817  17.367  6.895   1.00 106.69 ? 203 DC  Y OP1   1 
ATOM   931  O OP2   . DC  B 2 3   ? 25.895  15.360  5.574   1.00 103.07 ? 203 DC  Y OP2   1 
ATOM   932  O "O5'" . DC  B 2 3   ? 26.483  17.493  4.413   1.00 104.93 ? 203 DC  Y "O5'" 1 
ATOM   933  C "C5'" . DC  B 2 3   ? 26.767  17.070  3.087   1.00 102.12 ? 203 DC  Y "C5'" 1 
ATOM   934  C "C4'" . DC  B 2 3   ? 25.491  16.980  2.266   1.00 97.82  ? 203 DC  Y "C4'" 1 
ATOM   935  O "O4'" . DC  B 2 3   ? 25.455  15.682  1.615   1.00 96.90  ? 203 DC  Y "O4'" 1 
ATOM   936  C "C3'" . DC  B 2 3   ? 24.197  17.124  3.059   1.00 95.60  ? 203 DC  Y "C3'" 1 
ATOM   937  O "O3'" . DC  B 2 3   ? 23.355  18.121  2.474   1.00 94.95  ? 203 DC  Y "O3'" 1 
ATOM   938  C "C2'" . DC  B 2 3   ? 23.578  15.730  2.999   1.00 94.87  ? 203 DC  Y "C2'" 1 
ATOM   939  C "C1'" . DC  B 2 3   ? 24.169  15.123  1.731   1.00 92.33  ? 203 DC  Y "C1'" 1 
ATOM   940  N N1    . DC  B 2 3   ? 24.288  13.643  1.837   1.00 87.68  ? 203 DC  Y N1    1 
ATOM   941  C C2    . DC  B 2 3   ? 23.885  12.804  0.787   1.00 85.17  ? 203 DC  Y C2    1 
ATOM   942  O O2    . DC  B 2 3   ? 23.434  13.301  -0.251  1.00 81.57  ? 203 DC  Y O2    1 
ATOM   943  N N3    . DC  B 2 3   ? 24.006  11.461  0.937   1.00 84.59  ? 203 DC  Y N3    1 
ATOM   944  C C4    . DC  B 2 3   ? 24.494  10.966  2.077   1.00 85.32  ? 203 DC  Y C4    1 
ATOM   945  N N4    . DC  B 2 3   ? 24.598  9.642   2.209   1.00 84.72  ? 203 DC  Y N4    1 
ATOM   946  C C5    . DC  B 2 3   ? 24.905  11.804  3.152   1.00 85.96  ? 203 DC  Y C5    1 
ATOM   947  C C6    . DC  B 2 3   ? 24.785  13.121  2.991   1.00 86.26  ? 203 DC  Y C6    1 
ATOM   948  P P     . DA  B 2 4   ? 21.805  18.265  2.879   1.00 94.23  ? 204 DA  Y P     1 
ATOM   949  O OP1   . DA  B 2 4   ? 21.476  19.706  2.967   1.00 95.51  ? 204 DA  Y OP1   1 
ATOM   950  O OP2   . DA  B 2 4   ? 21.492  17.355  4.004   1.00 92.73  ? 204 DA  Y OP2   1 
ATOM   951  O "O5'" . DA  B 2 4   ? 21.028  17.683  1.622   1.00 92.85  ? 204 DA  Y "O5'" 1 
ATOM   952  C "C5'" . DA  B 2 4   ? 21.658  17.555  0.363   1.00 89.50  ? 204 DA  Y "C5'" 1 
ATOM   953  C "C4'" . DA  B 2 4   ? 20.578  17.069  -0.569  1.00 85.92  ? 204 DA  Y "C4'" 1 
ATOM   954  O "O4'" . DA  B 2 4   ? 20.602  15.624  -0.644  1.00 83.13  ? 204 DA  Y "O4'" 1 
ATOM   955  C "C3'" . DA  B 2 4   ? 19.190  17.358  -0.037  1.00 84.92  ? 204 DA  Y "C3'" 1 
ATOM   956  O "O3'" . DA  B 2 4   ? 18.323  17.163  -1.112  1.00 87.32  ? 204 DA  Y "O3'" 1 
ATOM   957  C "C2'" . DA  B 2 4   ? 19.025  16.239  0.988   1.00 84.08  ? 204 DA  Y "C2'" 1 
ATOM   958  C "C1'" . DA  B 2 4   ? 19.596  15.070  0.190   1.00 82.31  ? 204 DA  Y "C1'" 1 
ATOM   959  N N9    . DA  B 2 4   ? 20.206  13.993  0.980   1.00 79.11  ? 204 DA  Y N9    1 
ATOM   960  C C8    . DA  B 2 4   ? 20.821  14.088  2.201   1.00 75.54  ? 204 DA  Y C8    1 
ATOM   961  N N7    . DA  B 2 4   ? 21.296  12.947  2.644   1.00 73.75  ? 204 DA  Y N7    1 
ATOM   962  C C5    . DA  B 2 4   ? 20.974  12.042  1.651   1.00 74.34  ? 204 DA  Y C5    1 
ATOM   963  C C6    . DA  B 2 4   ? 21.196  10.656  1.523   1.00 75.29  ? 204 DA  Y C6    1 
ATOM   964  N N6    . DA  B 2 4   ? 21.818  9.927   2.452   1.00 74.51  ? 204 DA  Y N6    1 
ATOM   965  N N1    . DA  B 2 4   ? 20.748  10.047  0.405   1.00 74.58  ? 204 DA  Y N1    1 
ATOM   966  C C2    . DA  B 2 4   ? 20.123  10.797  -0.512  1.00 75.64  ? 204 DA  Y C2    1 
ATOM   967  N N3    . DA  B 2 4   ? 19.845  12.106  -0.502  1.00 72.83  ? 204 DA  Y N3    1 
ATOM   968  C C4    . DA  B 2 4   ? 20.304  12.670  0.619   1.00 74.47  ? 204 DA  Y C4    1 
ATOM   969  P P     . DT  B 2 5   ? 16.796  17.614  -1.013  1.00 92.58  ? 205 DT  Y P     1 
ATOM   970  O OP1   . DT  B 2 5   ? 16.711  18.889  -1.768  1.00 94.42  ? 205 DT  Y OP1   1 
ATOM   971  O OP2   . DT  B 2 5   ? 16.338  17.518  0.402   1.00 90.52  ? 205 DT  Y OP2   1 
ATOM   972  O "O5'" . DT  B 2 5   ? 16.045  16.472  -1.847  1.00 89.40  ? 205 DT  Y "O5'" 1 
ATOM   973  C "C5'" . DT  B 2 5   ? 16.790  15.355  -2.305  1.00 84.43  ? 205 DT  Y "C5'" 1 
ATOM   974  C "C4'" . DT  B 2 5   ? 15.897  14.136  -2.398  1.00 80.75  ? 205 DT  Y "C4'" 1 
ATOM   975  O "O4'" . DT  B 2 5   ? 16.517  13.009  -1.735  1.00 79.24  ? 205 DT  Y "O4'" 1 
ATOM   976  C "C3'" . DT  B 2 5   ? 14.492  14.256  -1.821  1.00 79.72  ? 205 DT  Y "C3'" 1 
ATOM   977  O "O3'" . DT  B 2 5   ? 13.655  13.701  -2.816  1.00 81.21  ? 205 DT  Y "O3'" 1 
ATOM   978  C "C2'" . DT  B 2 5   ? 14.541  13.391  -0.558  1.00 75.25  ? 205 DT  Y "C2'" 1 
ATOM   979  C "C1'" . DT  B 2 5   ? 15.531  12.325  -1.000  1.00 73.91  ? 205 DT  Y "C1'" 1 
ATOM   980  N N1    . DT  B 2 5   ? 16.279  11.688  0.076   1.00 69.74  ? 205 DT  Y N1    1 
ATOM   981  C C2    . DT  B 2 5   ? 16.649  10.379  -0.090  1.00 68.19  ? 205 DT  Y C2    1 
ATOM   982  O O2    . DT  B 2 5   ? 16.363  9.737   -1.081  1.00 70.61  ? 205 DT  Y O2    1 
ATOM   983  N N3    . DT  B 2 5   ? 17.352  9.844   0.948   1.00 70.04  ? 205 DT  Y N3    1 
ATOM   984  C C4    . DT  B 2 5   ? 17.716  10.495  2.112   1.00 72.09  ? 205 DT  Y C4    1 
ATOM   985  O O4    . DT  B 2 5   ? 18.352  9.934   3.002   1.00 75.76  ? 205 DT  Y O4    1 
ATOM   986  C C5    . DT  B 2 5   ? 17.298  11.875  2.212   1.00 70.24  ? 205 DT  Y C5    1 
ATOM   987  C C7    . DT  B 2 5   ? 17.640  12.673  3.435   1.00 63.00  ? 205 DT  Y C7    1 
ATOM   988  C C6    . DT  B 2 5   ? 16.606  12.408  1.197   1.00 68.51  ? 205 DT  Y C6    1 
ATOM   989  P P     . DG  B 2 6   ? 12.063  13.827  -2.806  1.00 81.43  ? 206 DG  Y P     1 
ATOM   990  O OP1   . DG  B 2 6   ? 11.608  13.141  -4.051  1.00 80.04  ? 206 DG  Y OP1   1 
ATOM   991  O OP2   . DG  B 2 6   ? 11.697  15.230  -2.513  1.00 80.23  ? 206 DG  Y OP2   1 
ATOM   992  O "O5'" . DG  B 2 6   ? 11.621  12.977  -1.530  1.00 81.49  ? 206 DG  Y "O5'" 1 
ATOM   993  C "C5'" . DG  B 2 6   ? 10.415  12.239  -1.631  1.00 79.06  ? 206 DG  Y "C5'" 1 
ATOM   994  C "C4'" . DG  B 2 6   ? 10.664  10.779  -1.976  1.00 73.76  ? 206 DG  Y "C4'" 1 
ATOM   995  O "O4'" . DG  B 2 6   ? 11.925  10.376  -1.377  1.00 73.06  ? 206 DG  Y "O4'" 1 
ATOM   996  C "C3'" . DG  B 2 6   ? 9.602   9.863   -1.380  1.00 68.95  ? 206 DG  Y "C3'" 1 
ATOM   997  O "O3'" . DG  B 2 6   ? 9.418   8.672   -2.134  1.00 67.94  ? 206 DG  Y "O3'" 1 
ATOM   998  C "C2'" . DG  B 2 6   ? 10.180  9.576   0.002   1.00 73.75  ? 206 DG  Y "C2'" 1 
ATOM   999  C "C1'" . DG  B 2 6   ? 11.681  9.530   -0.266  1.00 71.64  ? 206 DG  Y "C1'" 1 
ATOM   1000 N N9    . DG  B 2 6   ? 12.479  10.002  0.860   1.00 68.86  ? 206 DG  Y N9    1 
ATOM   1001 C C8    . DG  B 2 6   ? 12.578  11.285  1.351   1.00 70.55  ? 206 DG  Y C8    1 
ATOM   1002 N N7    . DG  B 2 6   ? 13.387  11.384  2.377   1.00 67.86  ? 206 DG  Y N7    1 
ATOM   1003 C C5    . DG  B 2 6   ? 13.846  10.085  2.570   1.00 63.66  ? 206 DG  Y C5    1 
ATOM   1004 C C6    . DG  B 2 6   ? 14.745  9.557   3.522   1.00 64.15  ? 206 DG  Y C6    1 
ATOM   1005 O O6    . DG  B 2 6   ? 15.345  10.129  4.427   1.00 67.41  ? 206 DG  Y O6    1 
ATOM   1006 N N1    . DG  B 2 6   ? 14.935  8.196   3.378   1.00 65.09  ? 206 DG  Y N1    1 
ATOM   1007 C C2    . DG  B 2 6   ? 14.320  7.440   2.422   1.00 61.98  ? 206 DG  Y C2    1 
ATOM   1008 N N2    . DG  B 2 6   ? 14.626  6.150   2.443   1.00 55.53  ? 206 DG  Y N2    1 
ATOM   1009 N N3    . DG  B 2 6   ? 13.484  7.909   1.508   1.00 64.93  ? 206 DG  Y N3    1 
ATOM   1010 C C4    . DG  B 2 6   ? 13.292  9.235   1.649   1.00 63.85  ? 206 DG  Y C4    1 
ATOM   1011 P P     . DG  B 2 7   ? 8.147   8.779   -3.086  1.00 69.95  ? 207 DG  Y P     1 
ATOM   1012 O OP1   . DG  B 2 7   ? 8.645   7.391   -3.377  1.00 66.83  ? 207 DG  Y OP1   1 
ATOM   1013 O OP2   . DG  B 2 7   ? 7.626   9.653   -4.211  1.00 74.83  ? 207 DG  Y OP2   1 
ATOM   1014 O "O5'" . DG  B 2 7   ? 6.907   8.682   -2.073  1.00 68.76  ? 207 DG  Y "O5'" 1 
ATOM   1015 C "C5'" . DG  B 2 7   ? 6.939   7.800   -0.971  1.00 61.58  ? 207 DG  Y "C5'" 1 
ATOM   1016 C "C4'" . DG  B 2 7   ? 5.527   7.672   -0.435  1.00 55.72  ? 207 DG  Y "C4'" 1 
ATOM   1017 O "O4'" . DG  B 2 7   ? 4.663   7.368   -1.524  1.00 52.05  ? 207 DG  Y "O4'" 1 
ATOM   1018 C "C3'" . DG  B 2 7   ? 5.538   6.454   0.467   1.00 53.56  ? 207 DG  Y "C3'" 1 
ATOM   1019 O "O3'" . DG  B 2 7   ? 4.518   6.602   1.463   1.00 52.73  ? 207 DG  Y "O3'" 1 
ATOM   1020 C "C2'" . DG  B 2 7   ? 5.217   5.315   -0.477  1.00 52.55  ? 207 DG  Y "C2'" 1 
ATOM   1021 C "C1'" . DG  B 2 7   ? 4.303   5.990   -1.478  1.00 54.97  ? 207 DG  Y "C1'" 1 
ATOM   1022 N N9    . DG  B 2 7   ? 4.392   5.386   -2.818  1.00 56.02  ? 207 DG  Y N9    1 
ATOM   1023 C C8    . DG  B 2 7   ? 5.150   5.826   -3.824  1.00 61.86  ? 207 DG  Y C8    1 
ATOM   1024 N N7    . DG  B 2 7   ? 4.943   5.027   -4.905  1.00 62.14  ? 207 DG  Y N7    1 
ATOM   1025 C C5    . DG  B 2 7   ? 4.049   4.079   -4.556  1.00 58.56  ? 207 DG  Y C5    1 
ATOM   1026 C C6    . DG  B 2 7   ? 3.470   3.010   -5.239  1.00 57.41  ? 207 DG  Y C6    1 
ATOM   1027 O O6    . DG  B 2 7   ? 3.793   2.766   -6.550  1.00 60.58  ? 207 DG  Y O6    1 
ATOM   1028 N N1    . DG  B 2 7   ? 2.578   2.238   -4.591  1.00 56.86  ? 207 DG  Y N1    1 
ATOM   1029 C C2    . DG  B 2 7   ? 2.262   2.498   -3.301  1.00 56.66  ? 207 DG  Y C2    1 
ATOM   1030 N N2    . DG  B 2 7   ? 1.369   1.714   -2.664  1.00 57.28  ? 207 DG  Y N2    1 
ATOM   1031 N N3    . DG  B 2 7   ? 2.816   3.526   -2.623  1.00 57.26  ? 207 DG  Y N3    1 
ATOM   1032 C C4    . DG  B 2 7   ? 3.708   4.325   -3.235  1.00 56.86  ? 207 DG  Y C4    1 
ATOM   1033 P P     . DC  B 2 8   ? 5.158   7.433   2.659   1.00 63.48  ? 208 DC  Y P     1 
ATOM   1034 O OP1   . DC  B 2 8   ? 3.918   7.229   3.439   1.00 67.51  ? 208 DC  Y OP1   1 
ATOM   1035 O OP2   . DC  B 2 8   ? 5.757   8.779   2.572   1.00 61.01  ? 208 DC  Y OP2   1 
ATOM   1036 O "O5'" . DC  B 2 8   ? 6.273   6.453   3.249   1.00 61.97  ? 208 DC  Y "O5'" 1 
ATOM   1037 C "C5'" . DC  B 2 8   ? 5.980   5.083   3.424   1.00 62.93  ? 208 DC  Y "C5'" 1 
ATOM   1038 C "C4'" . DC  B 2 8   ? 6.327   4.644   4.829   1.00 62.99  ? 208 DC  Y "C4'" 1 
ATOM   1039 O "O4'" . DC  B 2 8   ? 7.514   5.349   5.285   1.00 61.73  ? 208 DC  Y "O4'" 1 
ATOM   1040 C "C3'" . DC  B 2 8   ? 5.206   4.906   5.823   1.00 59.90  ? 208 DC  Y "C3'" 1 
ATOM   1041 O "O3'" . DC  B 2 8   ? 4.992   3.726   6.553   1.00 62.84  ? 208 DC  Y "O3'" 1 
ATOM   1042 C "C2'" . DC  B 2 8   ? 5.749   6.003   6.715   1.00 62.05  ? 208 DC  Y "C2'" 1 
ATOM   1043 C "C1'" . DC  B 2 8   ? 7.262   5.820   6.577   1.00 62.10  ? 208 DC  Y "C1'" 1 
ATOM   1044 N N1    . DC  B 2 8   ? 7.970   7.080   6.772   1.00 59.85  ? 208 DC  Y N1    1 
ATOM   1045 C C2    . DC  B 2 8   ? 8.813   7.207   7.878   1.00 63.11  ? 208 DC  Y C2    1 
ATOM   1046 O O2    . DC  B 2 8   ? 8.953   6.236   8.633   1.00 66.74  ? 208 DC  Y O2    1 
ATOM   1047 N N3    . DC  B 2 8   ? 9.465   8.377   8.089   1.00 61.87  ? 208 DC  Y N3    1 
ATOM   1048 C C4    . DC  B 2 8   ? 9.271   9.382   7.247   1.00 58.40  ? 208 DC  Y C4    1 
ATOM   1049 N N4    . DC  B 2 8   ? 9.925   10.506  7.494   1.00 57.00  ? 208 DC  Y N4    1 
ATOM   1050 C C5    . DC  B 2 8   ? 8.404   9.276   6.118   1.00 62.92  ? 208 DC  Y C5    1 
ATOM   1051 C C6    . DC  B 2 8   ? 7.769   8.114   5.916   1.00 60.14  ? 208 DC  Y C6    1 
ATOM   1052 P P     . DT  B 2 9   ? 3.753   3.577   7.550   1.00 59.84  ? 209 DT  Y P     1 
ATOM   1053 O OP1   . DT  B 2 9   ? 3.148   2.249   7.307   1.00 61.02  ? 209 DT  Y OP1   1 
ATOM   1054 O OP2   . DT  B 2 9   ? 2.946   4.820   7.530   1.00 57.22  ? 209 DT  Y OP2   1 
ATOM   1055 O "O5'" . DT  B 2 9   ? 4.507   3.460   8.949   1.00 61.61  ? 209 DT  Y "O5'" 1 
ATOM   1056 C "C5'" . DT  B 2 9   ? 5.790   4.025   9.180   1.00 64.29  ? 209 DT  Y "C5'" 1 
ATOM   1057 C "C4'" . DT  B 2 9   ? 6.037   4.063   10.676  1.00 65.54  ? 209 DT  Y "C4'" 1 
ATOM   1058 O "O4'" . DT  B 2 9   ? 6.873   5.201   11.012  1.00 64.40  ? 209 DT  Y "O4'" 1 
ATOM   1059 C "C3'" . DT  B 2 9   ? 4.761   4.260   11.481  1.00 65.41  ? 209 DT  Y "C3'" 1 
ATOM   1060 O "O3'" . DT  B 2 9   ? 4.971   3.760   12.811  1.00 70.24  ? 209 DT  Y "O3'" 1 
ATOM   1061 C "C2'" . DT  B 2 9   ? 4.618   5.774   11.412  1.00 61.39  ? 209 DT  Y "C2'" 1 
ATOM   1062 C "C1'" . DT  B 2 9   ? 6.072   6.161   11.669  1.00 64.36  ? 209 DT  Y "C1'" 1 
ATOM   1063 N N1    . DT  B 2 9   ? 6.457   7.494   11.171  1.00 65.66  ? 209 DT  Y N1    1 
ATOM   1064 C C2    . DT  B 2 9   ? 7.454   8.175   11.835  1.00 70.84  ? 209 DT  Y C2    1 
ATOM   1065 O O2    . DT  B 2 9   ? 8.040   7.735   12.809  1.00 75.94  ? 209 DT  Y O2    1 
ATOM   1066 N N3    . DT  B 2 9   ? 7.748   9.402   11.306  1.00 70.78  ? 209 DT  Y N3    1 
ATOM   1067 C C4    . DT  B 2 9   ? 7.145   9.991   10.207  1.00 68.00  ? 209 DT  Y C4    1 
ATOM   1068 O O4    . DT  B 2 9   ? 7.467   11.104  9.808   1.00 72.44  ? 209 DT  Y O4    1 
ATOM   1069 C C5    . DT  B 2 9   ? 6.113   9.228   9.560   1.00 63.89  ? 209 DT  Y C5    1 
ATOM   1070 C C7    . DT  B 2 9   ? 5.407   9.793   8.362   1.00 58.26  ? 209 DT  Y C7    1 
ATOM   1071 C C6    . DT  B 2 9   ? 5.820   8.025   10.070  1.00 64.40  ? 209 DT  Y C6    1 
ATOM   1072 P P     . DA  B 2 10  ? 3.751   3.335   13.769  1.00 72.71  ? 210 DA  Y P     1 
ATOM   1073 O OP1   . DA  B 2 10  ? 3.694   1.851   13.762  1.00 70.49  ? 210 DA  Y OP1   1 
ATOM   1074 O OP2   . DA  B 2 10  ? 2.568   4.190   13.486  1.00 66.64  ? 210 DA  Y OP2   1 
ATOM   1075 O "O5'" . DA  B 2 10  ? 4.274   3.771   15.204  1.00 74.45  ? 210 DA  Y "O5'" 1 
ATOM   1076 C "C5'" . DA  B 2 10  ? 5.651   3.594   15.478  1.00 77.52  ? 210 DA  Y "C5'" 1 
ATOM   1077 C "C4'" . DA  B 2 10  ? 6.034   4.603   16.536  1.00 78.60  ? 210 DA  Y "C4'" 1 
ATOM   1078 O "O4'" . DA  B 2 10  ? 6.299   5.894   15.917  1.00 80.89  ? 210 DA  Y "O4'" 1 
ATOM   1079 C "C3'" . DA  B 2 10  ? 4.928   4.831   17.562  1.00 77.09  ? 210 DA  Y "C3'" 1 
ATOM   1080 O "O3'" . DA  B 2 10  ? 5.559   5.034   18.812  1.00 78.30  ? 210 DA  Y "O3'" 1 
ATOM   1081 C "C2'" . DA  B 2 10  ? 4.238   6.091   17.044  1.00 76.21  ? 210 DA  Y "C2'" 1 
ATOM   1082 C "C1'" . DA  B 2 10  ? 5.440   6.856   16.504  1.00 76.56  ? 210 DA  Y "C1'" 1 
ATOM   1083 N N9    . DA  B 2 10  ? 5.081   7.804   15.472  1.00 72.67  ? 210 DA  Y N9    1 
ATOM   1084 C C8    . DA  B 2 10  ? 4.108   7.677   14.522  1.00 72.02  ? 210 DA  Y C8    1 
ATOM   1085 N N7    . DA  B 2 10  ? 4.019   8.717   13.727  1.00 71.20  ? 210 DA  Y N7    1 
ATOM   1086 C C5    . DA  B 2 10  ? 5.007   9.561   14.196  1.00 72.07  ? 210 DA  Y C5    1 
ATOM   1087 C C6    . DA  B 2 10  ? 5.435   10.825  13.778  1.00 74.00  ? 210 DA  Y C6    1 
ATOM   1088 N N6    . DA  B 2 10  ? 4.881   11.470  12.747  1.00 74.49  ? 210 DA  Y N6    1 
ATOM   1089 N N1    . DA  B 2 10  ? 6.449   11.393  14.464  1.00 75.81  ? 210 DA  Y N1    1 
ATOM   1090 C C2    . DA  B 2 10  ? 6.999   10.736  15.498  1.00 73.15  ? 210 DA  Y C2    1 
ATOM   1091 N N3    . DA  B 2 10  ? 6.685   9.540   15.982  1.00 70.79  ? 210 DA  Y N3    1 
ATOM   1092 C C4    . DA  B 2 10  ? 5.674   9.014   15.273  1.00 72.31  ? 210 DA  Y C4    1 
ATOM   1093 P P     . DG  B 2 11  ? 4.743   5.345   20.147  1.00 78.75  ? 211 DG  Y P     1 
ATOM   1094 O OP1   . DG  B 2 11  ? 5.249   4.387   21.157  1.00 78.93  ? 211 DG  Y OP1   1 
ATOM   1095 O OP2   . DG  B 2 11  ? 3.286   5.424   19.854  1.00 77.95  ? 211 DG  Y OP2   1 
ATOM   1096 O "O5'" . DG  B 2 11  ? 5.268   6.809   20.506  1.00 75.20  ? 211 DG  Y "O5'" 1 
ATOM   1097 C "C5'" . DG  B 2 11  ? 6.663   7.068   20.608  1.00 76.75  ? 211 DG  Y "C5'" 1 
ATOM   1098 C "C4'" . DG  B 2 11  ? 6.818   8.570   20.714  1.00 79.10  ? 211 DG  Y "C4'" 1 
ATOM   1099 O "O4'" . DG  B 2 11  ? 6.370   9.139   19.457  1.00 80.22  ? 211 DG  Y "O4'" 1 
ATOM   1100 C "C3'" . DG  B 2 11  ? 5.894   9.186   21.762  1.00 83.12  ? 211 DG  Y "C3'" 1 
ATOM   1101 O "O3'" . DG  B 2 11  ? 6.542   10.216  22.500  1.00 89.74  ? 211 DG  Y "O3'" 1 
ATOM   1102 C "C2'" . DG  B 2 11  ? 4.720   9.740   20.957  1.00 78.90  ? 211 DG  Y "C2'" 1 
ATOM   1103 C "C1'" . DG  B 2 11  ? 5.482   10.207  19.736  1.00 76.16  ? 211 DG  Y "C1'" 1 
ATOM   1104 N N9    . DG  B 2 11  ? 4.622   10.520  18.599  1.00 72.34  ? 211 DG  Y N9    1 
ATOM   1105 C C8    . DG  B 2 11  ? 3.593   9.775   18.069  1.00 70.87  ? 211 DG  Y C8    1 
ATOM   1106 N N7    . DG  B 2 11  ? 3.009   10.339  17.047  1.00 68.14  ? 211 DG  Y N7    1 
ATOM   1107 C C5    . DG  B 2 11  ? 3.703   11.534  16.892  1.00 67.86  ? 211 DG  Y C5    1 
ATOM   1108 C C6    . DG  B 2 11  ? 3.530   12.575  15.953  1.00 67.15  ? 211 DG  Y C6    1 
ATOM   1109 O O6    . DG  B 2 11  ? 2.714   12.671  15.034  1.00 64.02  ? 211 DG  Y O6    1 
ATOM   1110 N N1    . DG  B 2 11  ? 4.441   13.603  16.154  1.00 72.31  ? 211 DG  Y N1    1 
ATOM   1111 C C2    . DG  B 2 11  ? 5.403   13.635  17.139  1.00 71.03  ? 211 DG  Y C2    1 
ATOM   1112 N N2    . DG  B 2 11  ? 6.184   14.725  17.152  1.00 66.87  ? 211 DG  Y N2    1 
ATOM   1113 N N3    . DG  B 2 11  ? 5.584   12.665  18.029  1.00 67.20  ? 211 DG  Y N3    1 
ATOM   1114 C C4    . DG  B 2 11  ? 4.695   11.658  17.839  1.00 68.87  ? 211 DG  Y C4    1 
ATOM   1115 P P     . DT  B 2 12  ? 6.022   10.564  23.986  1.00 95.39  ? 212 DT  Y P     1 
ATOM   1116 O OP1   . DT  B 2 12  ? 7.221   10.664  24.858  1.00 94.00  ? 212 DT  Y OP1   1 
ATOM   1117 O OP2   . DT  B 2 12  ? 4.904   9.648   24.336  1.00 93.68  ? 212 DT  Y OP2   1 
ATOM   1118 O "O5'" . DT  B 2 12  ? 5.361   12.006  23.799  1.00 91.75  ? 212 DT  Y "O5'" 1 
ATOM   1119 C "C5'" . DT  B 2 12  ? 5.287   12.547  22.498  1.00 88.89  ? 212 DT  Y "C5'" 1 
ATOM   1120 C "C4'" . DT  B 2 12  ? 5.913   13.923  22.484  1.00 87.55  ? 212 DT  Y "C4'" 1 
ATOM   1121 O "O4'" . DT  B 2 12  ? 5.616   14.494  21.192  1.00 85.56  ? 212 DT  Y "O4'" 1 
ATOM   1122 C "C3'" . DT  B 2 12  ? 5.257   14.894  23.456  1.00 89.23  ? 212 DT  Y "C3'" 1 
ATOM   1123 O "O3'" . DT  B 2 12  ? 6.054   16.081  23.592  1.00 90.39  ? 212 DT  Y "O3'" 1 
ATOM   1124 C "C2'" . DT  B 2 12  ? 3.935   15.146  22.732  1.00 88.31  ? 212 DT  Y "C2'" 1 
ATOM   1125 C "C1'" . DT  B 2 12  ? 4.417   15.243  21.284  1.00 85.37  ? 212 DT  Y "C1'" 1 
ATOM   1126 N N1    . DT  B 2 12  ? 3.451   14.746  20.263  1.00 83.01  ? 212 DT  Y N1    1 
ATOM   1127 C C2    . DT  B 2 12  ? 3.212   15.545  19.161  1.00 82.86  ? 212 DT  Y C2    1 
ATOM   1128 O O2    . DT  B 2 12  ? 3.744   16.630  18.999  1.00 83.21  ? 212 DT  Y O2    1 
ATOM   1129 N N3    . DT  B 2 12  ? 2.319   15.023  18.258  1.00 81.50  ? 212 DT  Y N3    1 
ATOM   1130 C C4    . DT  B 2 12  ? 1.656   13.812  18.356  1.00 80.64  ? 212 DT  Y C4    1 
ATOM   1131 O O4    . DT  B 2 12  ? 0.869   13.426  17.496  1.00 81.28  ? 212 DT  Y O4    1 
ATOM   1132 C C5    . DT  B 2 12  ? 1.952   13.029  19.535  1.00 78.58  ? 212 DT  Y C5    1 
ATOM   1133 C C7    . DT  B 2 12  ? 1.289   11.700  19.730  1.00 75.93  ? 212 DT  Y C7    1 
ATOM   1134 C C6    . DT  B 2 12  ? 2.827   13.521  20.424  1.00 78.80  ? 212 DT  Y C6    1 
ATOM   1135 P P     . DA  B 2 13  ? 5.553   17.373  24.417  1.00 93.24  ? 213 DA  Y P     1 
ATOM   1136 O OP1   . DA  B 2 13  ? 6.483   17.562  25.554  1.00 93.06  ? 213 DA  Y OP1   1 
ATOM   1137 O OP2   . DA  B 2 13  ? 4.094   17.302  24.698  1.00 88.67  ? 213 DA  Y OP2   1 
ATOM   1138 O "O5'" . DA  B 2 13  ? 5.835   18.551  23.364  1.00 93.80  ? 213 DA  Y "O5'" 1 
ATOM   1139 C "C5'" . DA  B 2 13  ? 5.277   18.556  22.042  1.00 92.20  ? 213 DA  Y "C5'" 1 
ATOM   1140 C "C4'" . DA  B 2 13  ? 4.345   19.745  21.866  1.00 89.85  ? 213 DA  Y "C4'" 1 
ATOM   1141 O "O4'" . DA  B 2 13  ? 3.328   19.446  20.873  1.00 89.14  ? 213 DA  Y "O4'" 1 
ATOM   1142 C "C3'" . DA  B 2 13  ? 3.564   20.126  23.117  1.00 88.50  ? 213 DA  Y "C3'" 1 
ATOM   1143 O "O3'" . DA  B 2 13  ? 3.179   21.492  23.041  1.00 87.75  ? 213 DA  Y "O3'" 1 
ATOM   1144 C "C2'" . DA  B 2 13  ? 2.355   19.210  23.001  1.00 87.61  ? 213 DA  Y "C2'" 1 
ATOM   1145 C "C1'" . DA  B 2 13  ? 2.070   19.387  21.516  1.00 87.84  ? 213 DA  Y "C1'" 1 
ATOM   1146 N N9    . DA  B 2 13  ? 1.317   18.289  20.940  1.00 87.46  ? 213 DA  Y N9    1 
ATOM   1147 C C8    . DA  B 2 13  ? 1.182   17.019  21.422  1.00 87.00  ? 213 DA  Y C8    1 
ATOM   1148 N N7    . DA  B 2 13  ? 0.426   16.252  20.671  1.00 86.43  ? 213 DA  Y N7    1 
ATOM   1149 C C5    . DA  B 2 13  ? 0.047   17.079  19.628  1.00 86.75  ? 213 DA  Y C5    1 
ATOM   1150 C C6    . DA  B 2 13  ? -0.758  16.870  18.489  1.00 86.29  ? 213 DA  Y C6    1 
ATOM   1151 N N6    . DA  B 2 13  ? -1.350  15.708  18.197  1.00 82.91  ? 213 DA  Y N6    1 
ATOM   1152 N N1    . DA  B 2 13  ? -0.928  17.914  17.652  1.00 86.96  ? 213 DA  Y N1    1 
ATOM   1153 C C2    . DA  B 2 13  ? -0.334  19.084  17.937  1.00 88.56  ? 213 DA  Y C2    1 
ATOM   1154 N N3    . DA  B 2 13  ? 0.443   19.402  18.973  1.00 88.81  ? 213 DA  Y N3    1 
ATOM   1155 C C4    . DA  B 2 13  ? 0.592   18.341  19.781  1.00 87.78  ? 213 DA  Y C4    1 
ATOM   1156 O "O5'" . DC  C 3 1   ? -8.879  13.700  12.955  1.00 103.46 ? 214 DC  Z "O5'" 1 
ATOM   1157 C "C5'" . DC  C 3 1   ? -9.858  14.733  12.810  1.00 102.25 ? 214 DC  Z "C5'" 1 
ATOM   1158 C "C4'" . DC  C 3 1   ? -9.215  16.106  12.901  1.00 99.26  ? 214 DC  Z "C4'" 1 
ATOM   1159 O "O4'" . DC  C 3 1   ? -9.090  16.489  14.297  1.00 97.12  ? 214 DC  Z "O4'" 1 
ATOM   1160 C "C3'" . DC  C 3 1   ? -7.799  16.161  12.348  1.00 98.64  ? 214 DC  Z "C3'" 1 
ATOM   1161 O "O3'" . DC  C 3 1   ? -7.831  16.529  10.976  1.00 103.13 ? 214 DC  Z "O3'" 1 
ATOM   1162 C "C2'" . DC  C 3 1   ? -7.154  17.292  13.159  1.00 97.26  ? 214 DC  Z "C2'" 1 
ATOM   1163 C "C1'" . DC  C 3 1   ? -7.930  17.288  14.482  1.00 93.84  ? 214 DC  Z "C1'" 1 
ATOM   1164 N N1    . DC  C 3 1   ? -7.082  16.745  15.580  1.00 87.81  ? 214 DC  Z N1    1 
ATOM   1165 C C2    . DC  C 3 1   ? -7.143  15.386  15.926  1.00 89.49  ? 214 DC  Z C2    1 
ATOM   1166 O O2    . DC  C 3 1   ? -7.917  14.631  15.324  1.00 95.39  ? 214 DC  Z O2    1 
ATOM   1167 N N3    . DC  C 3 1   ? -6.352  14.912  16.924  1.00 85.46  ? 214 DC  Z N3    1 
ATOM   1168 C C4    . DC  C 3 1   ? -5.530  15.740  17.563  1.00 82.98  ? 214 DC  Z C4    1 
ATOM   1169 N N4    . DC  C 3 1   ? -4.785  15.202  18.535  1.00 78.81  ? 214 DC  Z N4    1 
ATOM   1170 C C5    . DC  C 3 1   ? -5.448  17.131  17.228  1.00 81.26  ? 214 DC  Z C5    1 
ATOM   1171 C C6    . DC  C 3 1   ? -6.232  17.584  16.240  1.00 85.15  ? 214 DC  Z C6    1 
ATOM   1172 P P     . DT  C 3 2   ? -6.481  16.489  10.101  1.00 105.85 ? 215 DT  Z P     1 
ATOM   1173 O OP1   . DT  C 3 2   ? -6.832  16.761  8.684   1.00 105.13 ? 215 DT  Z OP1   1 
ATOM   1174 O OP2   . DT  C 3 2   ? -5.759  15.249  10.471  1.00 104.94 ? 215 DT  Z OP2   1 
ATOM   1175 O "O5'" . DT  C 3 2   ? -5.623  17.734  10.613  1.00 102.54 ? 215 DT  Z "O5'" 1 
ATOM   1176 C "C5'" . DT  C 3 2   ? -6.136  19.045  10.531  1.00 101.63 ? 215 DT  Z "C5'" 1 
ATOM   1177 C "C4'" . DT  C 3 2   ? -5.106  19.940  11.173  1.00 102.15 ? 215 DT  Z "C4'" 1 
ATOM   1178 O "O4'" . DT  C 3 2   ? -4.841  19.440  12.513  1.00 98.73  ? 215 DT  Z "O4'" 1 
ATOM   1179 C "C3'" . DT  C 3 2   ? -3.774  19.884  10.440  1.00 104.60 ? 215 DT  Z "C3'" 1 
ATOM   1180 O "O3'" . DT  C 3 2   ? -3.158  21.154  10.486  1.00 112.79 ? 215 DT  Z "O3'" 1 
ATOM   1181 C "C2'" . DT  C 3 2   ? -2.981  18.850  11.234  1.00 100.03 ? 215 DT  Z "C2'" 1 
ATOM   1182 C "C1'" . DT  C 3 2   ? -3.469  19.137  12.645  1.00 93.45  ? 215 DT  Z "C1'" 1 
ATOM   1183 N N1    . DT  C 3 2   ? -3.340  17.979  13.553  1.00 86.70  ? 215 DT  Z N1    1 
ATOM   1184 C C2    . DT  C 3 2   ? -2.477  18.071  14.623  1.00 83.91  ? 215 DT  Z C2    1 
ATOM   1185 O O2    . DT  C 3 2   ? -1.812  19.063  14.864  1.00 83.36  ? 215 DT  Z O2    1 
ATOM   1186 N N3    . DT  C 3 2   ? -2.418  16.955  15.413  1.00 80.67  ? 215 DT  Z N3    1 
ATOM   1187 C C4    . DT  C 3 2   ? -3.120  15.779  15.241  1.00 79.21  ? 215 DT  Z C4    1 
ATOM   1188 O O4    . DT  C 3 2   ? -2.996  14.827  16.006  1.00 75.77  ? 215 DT  Z O4    1 
ATOM   1189 C C5    . DT  C 3 2   ? -3.999  15.748  14.100  1.00 80.98  ? 215 DT  Z C5    1 
ATOM   1190 C C7    . DT  C 3 2   ? -4.806  14.514  13.821  1.00 82.28  ? 215 DT  Z C7    1 
ATOM   1191 C C6    . DT  C 3 2   ? -4.071  16.834  13.317  1.00 83.03  ? 215 DT  Z C6    1 
ATOM   1192 P P     . DA  C 3 3   ? -1.861  21.458  9.597   1.00 119.86 ? 216 DA  Z P     1 
ATOM   1193 O OP1   . DA  C 3 3   ? -2.319  22.160  8.377   1.00 119.83 ? 216 DA  Z OP1   1 
ATOM   1194 O OP2   . DA  C 3 3   ? -1.025  20.237  9.468   1.00 118.87 ? 216 DA  Z OP2   1 
ATOM   1195 O "O5'" . DA  C 3 3   ? -1.079  22.492  10.540  1.00 120.16 ? 216 DA  Z "O5'" 1 
ATOM   1196 C "C5'" . DA  C 3 3   ? -0.845  22.178  11.910  1.00 116.62 ? 216 DA  Z "C5'" 1 
ATOM   1197 C "C4'" . DA  C 3 3   ? 0.644   22.170  12.214  1.00 112.47 ? 216 DA  Z "C4'" 1 
ATOM   1198 O "O4'" . DA  C 3 3   ? 0.957   21.095  13.132  1.00 110.15 ? 216 DA  Z "O4'" 1 
ATOM   1199 C "C3'" . DA  C 3 3   ? 1.579   21.912  11.044  1.00 111.38 ? 216 DA  Z "C3'" 1 
ATOM   1200 O "O3'" . DA  C 3 3   ? 2.857   22.370  11.447  1.00 113.43 ? 216 DA  Z "O3'" 1 
ATOM   1201 C "C2'" . DA  C 3 3   ? 1.560   20.391  10.969  1.00 107.72 ? 216 DA  Z "C2'" 1 
ATOM   1202 C "C1'" . DA  C 3 3   ? 1.667   20.074  12.457  1.00 105.72 ? 216 DA  Z "C1'" 1 
ATOM   1203 N N9    . DA  C 3 3   ? 1.119   18.790  12.893  1.00 100.48 ? 216 DA  Z N9    1 
ATOM   1204 C C8    . DA  C 3 3   ? 0.174   18.028  12.269  1.00 99.15  ? 216 DA  Z C8    1 
ATOM   1205 N N7    . DA  C 3 3   ? -0.127  16.921  12.914  1.00 98.56  ? 216 DA  Z N7    1 
ATOM   1206 C C5    . DA  C 3 3   ? 0.679   16.962  14.039  1.00 96.95  ? 216 DA  Z C5    1 
ATOM   1207 C C6    . DA  C 3 3   ? 0.839   16.084  15.127  1.00 95.31  ? 216 DA  Z C6    1 
ATOM   1208 N N6    . DA  C 3 3   ? 0.170   14.942  15.255  1.00 95.91  ? 216 DA  Z N6    1 
ATOM   1209 N N1    . DA  C 3 3   ? 1.723   16.418  16.089  1.00 95.56  ? 216 DA  Z N1    1 
ATOM   1210 C C2    . DA  C 3 3   ? 2.402   17.564  15.960  1.00 96.93  ? 216 DA  Z C2    1 
ATOM   1211 N N3    . DA  C 3 3   ? 2.339   18.471  14.983  1.00 96.67  ? 216 DA  Z N3    1 
ATOM   1212 C C4    . DA  C 3 3   ? 1.450   18.108  14.043  1.00 97.90  ? 216 DA  Z C4    1 
ATOM   1213 P P     . DC  C 3 4   ? 3.783   23.179  10.427  1.00 112.88 ? 217 DC  Z P     1 
ATOM   1214 O OP1   . DC  C 3 4   ? 3.743   24.603  10.833  1.00 113.43 ? 217 DC  Z OP1   1 
ATOM   1215 O OP2   . DC  C 3 4   ? 3.409   22.761  9.054   1.00 112.50 ? 217 DC  Z OP2   1 
ATOM   1216 O "O5'" . DC  C 3 4   ? 5.233   22.589  10.735  1.00 110.77 ? 217 DC  Z "O5'" 1 
ATOM   1217 C "C5'" . DC  C 3 4   ? 5.311   21.268  11.206  1.00 107.93 ? 217 DC  Z "C5'" 1 
ATOM   1218 C "C4'" . DC  C 3 4   ? 5.878   21.284  12.603  1.00 106.08 ? 217 DC  Z "C4'" 1 
ATOM   1219 O "O4'" . DC  C 3 4   ? 5.108   20.369  13.417  1.00 104.51 ? 217 DC  Z "O4'" 1 
ATOM   1220 C "C3'" . DC  C 3 4   ? 7.303   20.775  12.605  1.00 105.39 ? 217 DC  Z "C3'" 1 
ATOM   1221 O "O3'" . DC  C 3 4   ? 8.107   21.391  13.574  1.00 107.43 ? 217 DC  Z "O3'" 1 
ATOM   1222 C "C2'" . DC  C 3 4   ? 7.154   19.299  12.911  1.00 105.49 ? 217 DC  Z "C2'" 1 
ATOM   1223 C "C1'" . DC  C 3 4   ? 5.894   19.250  13.765  1.00 103.17 ? 217 DC  Z "C1'" 1 
ATOM   1224 N N1    . DC  C 3 4   ? 5.149   18.010  13.459  1.00 101.66 ? 217 DC  Z N1    1 
ATOM   1225 C C2    . DC  C 3 4   ? 5.242   16.926  14.338  1.00 102.19 ? 217 DC  Z C2    1 
ATOM   1226 O O2    . DC  C 3 4   ? 5.923   17.038  15.365  1.00 102.49 ? 217 DC  Z O2    1 
ATOM   1227 N N3    . DC  C 3 4   ? 4.571   15.786  14.048  1.00 100.25 ? 217 DC  Z N3    1 
ATOM   1228 C C4    . DC  C 3 4   ? 3.848   15.714  12.936  1.00 99.44  ? 217 DC  Z C4    1 
ATOM   1229 N N4    . DC  C 3 4   ? 3.210   14.570  12.701  1.00 101.30 ? 217 DC  Z N4    1 
ATOM   1230 C C5    . DC  C 3 4   ? 3.745   16.801  12.021  1.00 99.29  ? 217 DC  Z C5    1 
ATOM   1231 C C6    . DC  C 3 4   ? 4.411   17.922  12.316  1.00 100.23 ? 217 DC  Z C6    1 
ATOM   1232 P P     . DT  C 3 5   ? 9.684   21.143  13.405  1.00 111.37 ? 218 DT  Z P     1 
ATOM   1233 O OP1   . DT  C 3 5   ? 10.420  22.144  14.214  1.00 111.22 ? 218 DT  Z OP1   1 
ATOM   1234 O OP2   . DT  C 3 5   ? 9.961   21.018  11.955  1.00 110.21 ? 218 DT  Z OP2   1 
ATOM   1235 O "O5'" . DT  C 3 5   ? 9.923   19.699  14.036  1.00 106.48 ? 218 DT  Z "O5'" 1 
ATOM   1236 C "C5'" . DT  C 3 5   ? 11.062  19.479  14.830  1.00 102.54 ? 218 DT  Z "C5'" 1 
ATOM   1237 C "C4'" . DT  C 3 5   ? 10.757  18.291  15.702  1.00 101.67 ? 218 DT  Z "C4'" 1 
ATOM   1238 O "O4'" . DT  C 3 5   ? 9.535   17.681  15.216  1.00 100.72 ? 218 DT  Z "O4'" 1 
ATOM   1239 C "C3'" . DT  C 3 5   ? 11.820  17.222  15.577  1.00 103.48 ? 218 DT  Z "C3'" 1 
ATOM   1240 O "O3'" . DT  C 3 5   ? 12.534  17.130  16.778  1.00 108.72 ? 218 DT  Z "O3'" 1 
ATOM   1241 C "C2'" . DT  C 3 5   ? 11.077  15.920  15.304  1.00 102.14 ? 218 DT  Z "C2'" 1 
ATOM   1242 C "C1'" . DT  C 3 5   ? 9.606   16.280  15.405  1.00 96.94  ? 218 DT  Z "C1'" 1 
ATOM   1243 N N1    . DT  C 3 5   ? 8.761   15.517  14.410  1.00 92.69  ? 218 DT  Z N1    1 
ATOM   1244 C C2    . DT  C 3 5   ? 8.373   14.221  14.718  1.00 92.62  ? 218 DT  Z C2    1 
ATOM   1245 O O2    . DT  C 3 5   ? 8.657   13.645  15.756  1.00 89.44  ? 218 DT  Z O2    1 
ATOM   1246 N N3    . DT  C 3 5   ? 7.609   13.603  13.757  1.00 92.45  ? 218 DT  Z N3    1 
ATOM   1247 C C4    . DT  C 3 5   ? 7.204   14.124  12.548  1.00 90.21  ? 218 DT  Z C4    1 
ATOM   1248 O O4    . DT  C 3 5   ? 6.516   13.468  11.775  1.00 89.94  ? 218 DT  Z O4    1 
ATOM   1249 C C5    . DT  C 3 5   ? 7.643   15.473  12.283  1.00 88.85  ? 218 DT  Z C5    1 
ATOM   1250 C C7    . DT  C 3 5   ? 7.263   16.151  10.999  1.00 90.13  ? 218 DT  Z C7    1 
ATOM   1251 C C6    . DT  C 3 5   ? 8.387   16.093  13.209  1.00 89.10  ? 218 DT  Z C6    1 
ATOM   1252 P P     . DA  C 3 6   ? 14.072  17.540  16.739  1.00 114.01 ? 219 DA  Z P     1 
ATOM   1253 O OP1   . DA  C 3 6   ? 14.553  17.575  18.142  1.00 113.61 ? 219 DA  Z OP1   1 
ATOM   1254 O OP2   . DA  C 3 6   ? 14.148  18.745  15.878  1.00 115.55 ? 219 DA  Z OP2   1 
ATOM   1255 O "O5'" . DA  C 3 6   ? 14.795  16.338  15.960  1.00 111.78 ? 219 DA  Z "O5'" 1 
ATOM   1256 C "C5'" . DA  C 3 6   ? 14.049  15.196  15.543  1.00 110.19 ? 219 DA  Z "C5'" 1 
ATOM   1257 C "C4'" . DA  C 3 6   ? 13.908  14.162  16.652  1.00 106.89 ? 219 DA  Z "C4'" 1 
ATOM   1258 O "O4'" . DA  C 3 6   ? 12.665  13.426  16.477  1.00 104.37 ? 219 DA  Z "O4'" 1 
ATOM   1259 C "C3'" . DA  C 3 6   ? 14.976  13.084  16.598  1.00 104.87 ? 219 DA  Z "C3'" 1 
ATOM   1260 O "O3'" . DA  C 3 6   ? 15.066  12.444  17.872  1.00 100.40 ? 219 DA  Z "O3'" 1 
ATOM   1261 C "C2'" . DA  C 3 6   ? 14.398  12.189  15.497  1.00 103.60 ? 219 DA  Z "C2'" 1 
ATOM   1262 C "C1'" . DA  C 3 6   ? 12.944  12.138  15.954  1.00 102.12 ? 219 DA  Z "C1'" 1 
ATOM   1263 N N9    . DA  C 3 6   ? 11.929  11.787  14.953  1.00 100.44 ? 219 DA  Z N9    1 
ATOM   1264 C C8    . DA  C 3 6   ? 11.190  10.626  14.909  1.00 99.93  ? 219 DA  Z C8    1 
ATOM   1265 N N7    . DA  C 3 6   ? 10.324  10.563  13.917  1.00 95.15  ? 219 DA  Z N7    1 
ATOM   1266 C C5    . DA  C 3 6   ? 10.506  11.771  13.268  1.00 94.56  ? 219 DA  Z C5    1 
ATOM   1267 C C6    . DA  C 3 6   ? 9.890   12.322  12.135  1.00 93.76  ? 219 DA  Z C6    1 
ATOM   1268 N N6    . DA  C 3 6   ? 8.945   11.680  11.456  1.00 93.83  ? 219 DA  Z N6    1 
ATOM   1269 N N1    . DA  C 3 6   ? 10.277  13.545  11.724  1.00 93.32  ? 219 DA  Z N1    1 
ATOM   1270 C C2    . DA  C 3 6   ? 11.236  14.169  12.420  1.00 94.45  ? 219 DA  Z C2    1 
ATOM   1271 N N3    . DA  C 3 6   ? 11.893  13.758  13.506  1.00 94.79  ? 219 DA  Z N3    1 
ATOM   1272 C C4    . DA  C 3 6   ? 11.480  12.539  13.886  1.00 96.40  ? 219 DA  Z C4    1 
ATOM   1273 P P     . DG  C 3 7   ? 16.252  11.399  18.175  1.00 102.55 ? 220 DG  Z P     1 
ATOM   1274 O OP1   . DG  C 3 7   ? 16.463  11.306  19.640  1.00 100.68 ? 220 DG  Z OP1   1 
ATOM   1275 O OP2   . DG  C 3 7   ? 17.397  11.671  17.269  1.00 98.98  ? 220 DG  Z OP2   1 
ATOM   1276 O "O5'" . DG  C 3 7   ? 15.615  10.020  17.719  1.00 94.50  ? 220 DG  Z "O5'" 1 
ATOM   1277 C "C5'" . DG  C 3 7   ? 16.037  9.592   16.489  1.00 90.45  ? 220 DG  Z "C5'" 1 
ATOM   1278 C "C4'" . DG  C 3 7   ? 15.309  8.331   16.165  1.00 88.59  ? 220 DG  Z "C4'" 1 
ATOM   1279 O "O4'" . DG  C 3 7   ? 14.142  8.646   15.369  1.00 88.43  ? 220 DG  Z "O4'" 1 
ATOM   1280 C "C3'" . DG  C 3 7   ? 16.211  7.486   15.308  1.00 85.90  ? 220 DG  Z "C3'" 1 
ATOM   1281 O "O3'" . DG  C 3 7   ? 16.073  6.156   15.672  1.00 83.72  ? 220 DG  Z "O3'" 1 
ATOM   1282 C "C2'" . DG  C 3 7   ? 15.715  7.734   13.896  1.00 86.83  ? 220 DG  Z "C2'" 1 
ATOM   1283 C "C1'" . DG  C 3 7   ? 14.235  8.003   14.120  1.00 85.02  ? 220 DG  Z "C1'" 1 
ATOM   1284 N N9    . DG  C 3 7   ? 13.778  8.917   13.091  1.00 84.07  ? 220 DG  Z N9    1 
ATOM   1285 C C8    . DG  C 3 7   ? 14.259  10.188  12.884  1.00 83.43  ? 220 DG  Z C8    1 
ATOM   1286 N N7    . DG  C 3 7   ? 13.691  10.792  11.876  1.00 81.45  ? 220 DG  Z N7    1 
ATOM   1287 C C5    . DG  C 3 7   ? 12.790  9.854   11.385  1.00 78.51  ? 220 DG  Z C5    1 
ATOM   1288 C C6    . DG  C 3 7   ? 11.898  9.953   10.300  1.00 74.39  ? 220 DG  Z C6    1 
ATOM   1289 O O6    . DG  C 3 7   ? 11.742  10.908  9.549   1.00 72.08  ? 220 DG  Z O6    1 
ATOM   1290 N N1    . DG  C 3 7   ? 11.145  8.803   10.117  1.00 75.98  ? 220 DG  Z N1    1 
ATOM   1291 C C2    . DG  C 3 7   ? 11.253  7.679   10.891  1.00 78.54  ? 220 DG  Z C2    1 
ATOM   1292 N N2    . DG  C 3 7   ? 10.438  6.674   10.539  1.00 76.36  ? 220 DG  Z N2    1 
ATOM   1293 N N3    . DG  C 3 7   ? 12.090  7.561   11.928  1.00 81.04  ? 220 DG  Z N3    1 
ATOM   1294 C C4    . DG  C 3 7   ? 12.828  8.688   12.115  1.00 81.02  ? 220 DG  Z C4    1 
ATOM   1295 P P     . DC  C 3 8   ? 17.223  5.243   15.086  1.00 88.24  ? 221 DC  Z P     1 
ATOM   1296 O OP1   . DC  C 3 8   ? 17.689  4.328   16.161  1.00 89.43  ? 221 DC  Z OP1   1 
ATOM   1297 O OP2   . DC  C 3 8   ? 18.182  6.175   14.446  1.00 85.11  ? 221 DC  Z OP2   1 
ATOM   1298 O "O5'" . DC  C 3 8   ? 16.460  4.421   13.929  1.00 90.74  ? 221 DC  Z "O5'" 1 
ATOM   1299 C "C5'" . DC  C 3 8   ? 15.190  4.872   13.439  1.00 87.49  ? 221 DC  Z "C5'" 1 
ATOM   1300 C "C4'" . DC  C 3 8   ? 14.716  4.085   12.233  1.00 83.37  ? 221 DC  Z "C4'" 1 
ATOM   1301 O "O4'" . DC  C 3 8   ? 13.940  4.970   11.379  1.00 80.45  ? 221 DC  Z "O4'" 1 
ATOM   1302 C "C3'" . DC  C 3 8   ? 15.862  3.538   11.405  1.00 80.64  ? 221 DC  Z "C3'" 1 
ATOM   1303 O "O3'" . DC  C 3 8   ? 15.735  2.144   11.189  1.00 77.51  ? 221 DC  Z "O3'" 1 
ATOM   1304 C "C2'" . DC  C 3 8   ? 15.811  4.321   10.096  1.00 82.44  ? 221 DC  Z "C2'" 1 
ATOM   1305 C "C1'" . DC  C 3 8   ? 14.455  5.022   10.073  1.00 77.49  ? 221 DC  Z "C1'" 1 
ATOM   1306 N N1    . DC  C 3 8   ? 14.625  6.455   9.708   1.00 77.37  ? 221 DC  Z N1    1 
ATOM   1307 C C2    . DC  C 3 8   ? 13.899  7.018   8.650   1.00 78.09  ? 221 DC  Z C2    1 
ATOM   1308 O O2    . DC  C 3 8   ? 13.102  6.339   8.001   1.00 83.91  ? 221 DC  Z O2    1 
ATOM   1309 N N3    . DC  C 3 8   ? 14.083  8.319   8.343   1.00 81.02  ? 221 DC  Z N3    1 
ATOM   1310 C C4    . DC  C 3 8   ? 14.955  9.054   9.044   1.00 83.56  ? 221 DC  Z C4    1 
ATOM   1311 N N4    . DC  C 3 8   ? 15.095  10.339  8.684   1.00 82.16  ? 221 DC  Z N4    1 
ATOM   1312 C C5    . DC  C 3 8   ? 15.710  8.509   10.133  1.00 78.78  ? 221 DC  Z C5    1 
ATOM   1313 C C6    . DC  C 3 8   ? 15.511  7.218   10.421  1.00 79.17  ? 221 DC  Z C6    1 
ATOM   1314 P P     . DC  C 3 9   ? 17.097  1.376   10.868  1.00 79.08  ? 222 DC  Z P     1 
ATOM   1315 O OP1   . DC  C 3 9   ? 17.179  0.152   11.695  1.00 79.98  ? 222 DC  Z OP1   1 
ATOM   1316 O OP2   . DC  C 3 9   ? 18.144  2.419   10.950  1.00 79.26  ? 222 DC  Z OP2   1 
ATOM   1317 O "O5'" . DC  C 3 9   ? 16.972  0.931   9.341   1.00 80.43  ? 222 DC  Z "O5'" 1 
ATOM   1318 C "C5'" . DC  C 3 9   ? 16.181  1.742   8.528   1.00 77.07  ? 222 DC  Z "C5'" 1 
ATOM   1319 C "C4'" . DC  C 3 9   ? 16.463  1.588   7.061   1.00 74.07  ? 222 DC  Z "C4'" 1 
ATOM   1320 O "O4'" . DC  C 3 9   ? 16.090  2.859   6.465   1.00 73.79  ? 222 DC  Z "O4'" 1 
ATOM   1321 C "C3'" . DC  C 3 9   ? 17.912  1.361   6.695   1.00 73.45  ? 222 DC  Z "C3'" 1 
ATOM   1322 O "O3'" . DC  C 3 9   ? 17.971  0.667   5.450   1.00 73.66  ? 222 DC  Z "O3'" 1 
ATOM   1323 C "C2'" . DC  C 3 9   ? 18.394  2.801   6.547   1.00 76.38  ? 222 DC  Z "C2'" 1 
ATOM   1324 C "C1'" . DC  C 3 9   ? 17.203  3.449   5.852   1.00 71.40  ? 222 DC  Z "C1'" 1 
ATOM   1325 N N1    . DC  C 3 9   ? 17.085  4.918   6.055   1.00 67.77  ? 222 DC  Z N1    1 
ATOM   1326 C C2    . DC  C 3 9   ? 16.402  5.707   5.114   1.00 66.93  ? 222 DC  Z C2    1 
ATOM   1327 O O2    . DC  C 3 9   ? 15.907  5.184   4.112   1.00 65.63  ? 222 DC  Z O2    1 
ATOM   1328 N N3    . DC  C 3 9   ? 16.307  7.049   5.313   1.00 66.29  ? 222 DC  Z N3    1 
ATOM   1329 C C4    . DC  C 3 9   ? 16.875  7.596   6.384   1.00 64.96  ? 222 DC  Z C4    1 
ATOM   1330 N N4    . DC  C 3 9   ? 16.758  8.916   6.526   1.00 68.69  ? 222 DC  Z N4    1 
ATOM   1331 C C5    . DC  C 3 9   ? 17.568  6.816   7.355   1.00 64.61  ? 222 DC  Z C5    1 
ATOM   1332 C C6    . DC  C 3 9   ? 17.649  5.494   7.155   1.00 66.45  ? 222 DC  Z C6    1 
ATOM   1333 P P     . DA  C 3 10  ? 19.380  0.078   4.948   1.00 73.87  ? 223 DA  Z P     1 
ATOM   1334 O OP1   . DA  C 3 10  ? 19.562  -1.240  5.579   1.00 66.80  ? 223 DA  Z OP1   1 
ATOM   1335 O OP2   . DA  C 3 10  ? 20.389  1.144   5.146   1.00 72.36  ? 223 DA  Z OP2   1 
ATOM   1336 O "O5'" . DA  C 3 10  ? 19.261  -0.131  3.370   1.00 70.03  ? 223 DA  Z "O5'" 1 
ATOM   1337 C "C5'" . DA  C 3 10  ? 18.188  -0.813  2.764   1.00 65.15  ? 223 DA  Z "C5'" 1 
ATOM   1338 C "C4'" . DA  C 3 10  ? 17.805  -0.039  1.509   1.00 70.80  ? 223 DA  Z "C4'" 1 
ATOM   1339 O "O4'" . DA  C 3 10  ? 17.502  1.332   1.852   1.00 69.73  ? 223 DA  Z "O4'" 1 
ATOM   1340 C "C3'" . DA  C 3 10  ? 18.838  0.055   0.382   1.00 70.84  ? 223 DA  Z "C3'" 1 
ATOM   1341 O "O3'" . DA  C 3 10  ? 18.174  -0.025  -0.843  1.00 77.88  ? 223 DA  Z "O3'" 1 
ATOM   1342 C "C2'" . DA  C 3 10  ? 19.390  1.460   0.505   1.00 70.15  ? 223 DA  Z "C2'" 1 
ATOM   1343 C "C1'" . DA  C 3 10  ? 18.154  2.211   0.956   1.00 67.50  ? 223 DA  Z "C1'" 1 
ATOM   1344 N N9    . DA  C 3 10  ? 18.518  3.378   1.733   1.00 67.33  ? 223 DA  Z N9    1 
ATOM   1345 C C8    . DA  C 3 10  ? 19.275  3.364   2.871   1.00 72.56  ? 223 DA  Z C8    1 
ATOM   1346 N N7    . DA  C 3 10  ? 19.460  4.563   3.395   1.00 73.27  ? 223 DA  Z N7    1 
ATOM   1347 C C5    . DA  C 3 10  ? 18.770  5.395   2.543   1.00 64.35  ? 223 DA  Z C5    1 
ATOM   1348 C C6    . DA  C 3 10  ? 18.594  6.772   2.560   1.00 63.48  ? 223 DA  Z C6    1 
ATOM   1349 N N6    . DA  C 3 10  ? 19.130  7.506   3.527   1.00 59.49  ? 223 DA  Z N6    1 
ATOM   1350 N N1    . DA  C 3 10  ? 17.856  7.344   1.578   1.00 66.61  ? 223 DA  Z N1    1 
ATOM   1351 C C2    . DA  C 3 10  ? 17.338  6.552   0.633   1.00 68.14  ? 223 DA  Z C2    1 
ATOM   1352 N N3    . DA  C 3 10  ? 17.447  5.217   0.520   1.00 73.09  ? 223 DA  Z N3    1 
ATOM   1353 C C4    . DA  C 3 10  ? 18.181  4.693   1.518   1.00 66.62  ? 223 DA  Z C4    1 
ATOM   1354 P P     . DT  C 3 11  ? 18.957  -0.358  -2.197  1.00 82.64  ? 224 DT  Z P     1 
ATOM   1355 O OP1   . DT  C 3 11  ? 18.217  -1.478  -2.840  1.00 79.86  ? 224 DT  Z OP1   1 
ATOM   1356 O OP2   . DT  C 3 11  ? 20.409  -0.443  -1.891  1.00 77.26  ? 224 DT  Z OP2   1 
ATOM   1357 O "O5'" . DT  C 3 11  ? 18.704  0.942   -3.094  1.00 79.53  ? 224 DT  Z "O5'" 1 
ATOM   1358 C "C5'" . DT  C 3 11  ? 18.118  2.089   -2.516  1.00 79.98  ? 224 DT  Z "C5'" 1 
ATOM   1359 C "C4'" . DT  C 3 11  ? 18.265  3.252   -3.462  1.00 77.99  ? 224 DT  Z "C4'" 1 
ATOM   1360 O "O4'" . DT  C 3 11  ? 18.482  4.450   -2.677  1.00 78.22  ? 224 DT  Z "O4'" 1 
ATOM   1361 C "C3'" . DT  C 3 11  ? 19.474  3.112   -4.369  1.00 80.79  ? 224 DT  Z "C3'" 1 
ATOM   1362 O "O3'" . DT  C 3 11  ? 19.152  3.671   -5.657  1.00 85.58  ? 224 DT  Z "O3'" 1 
ATOM   1363 C "C2'" . DT  C 3 11  ? 20.564  3.860   -3.602  1.00 76.43  ? 224 DT  Z "C2'" 1 
ATOM   1364 C "C1'" . DT  C 3 11  ? 19.766  4.983   -2.943  1.00 73.32  ? 224 DT  Z "C1'" 1 
ATOM   1365 N N1    . DT  C 3 11  ? 20.362  5.535   -1.678  1.00 67.02  ? 224 DT  Z N1    1 
ATOM   1366 C C2    . DT  C 3 11  ? 20.265  6.886   -1.423  1.00 63.30  ? 224 DT  Z C2    1 
ATOM   1367 O O2    . DT  C 3 11  ? 19.697  7.641   -2.178  1.00 59.59  ? 224 DT  Z O2    1 
ATOM   1368 N N3    . DT  C 3 11  ? 20.832  7.312   -0.236  1.00 65.61  ? 224 DT  Z N3    1 
ATOM   1369 C C4    . DT  C 3 11  ? 21.502  6.511   0.690   1.00 65.58  ? 224 DT  Z C4    1 
ATOM   1370 O O4    . DT  C 3 11  ? 22.010  6.938   1.732   1.00 61.50  ? 224 DT  Z O4    1 
ATOM   1371 C C5    . DT  C 3 11  ? 21.578  5.111   0.347   1.00 64.33  ? 224 DT  Z C5    1 
ATOM   1372 C C7    . DT  C 3 11  ? 22.275  4.170   1.279   1.00 66.82  ? 224 DT  Z C7    1 
ATOM   1373 C C6    . DT  C 3 11  ? 21.011  4.689   -0.794  1.00 65.57  ? 224 DT  Z C6    1 
ATOM   1374 P P     . DG  C 3 12  ? 20.177  3.661   -6.896  1.00 87.29  ? 225 DG  Z P     1 
ATOM   1375 O OP1   . DG  C 3 12  ? 19.378  3.365   -8.109  1.00 86.26  ? 225 DG  Z OP1   1 
ATOM   1376 O OP2   . DG  C 3 12  ? 21.383  2.850   -6.565  1.00 81.86  ? 225 DG  Z OP2   1 
ATOM   1377 O "O5'" . DG  C 3 12  ? 20.576  5.209   -6.958  1.00 87.52  ? 225 DG  Z "O5'" 1 
ATOM   1378 C "C5'" . DG  C 3 12  ? 19.542  6.157   -7.244  1.00 87.75  ? 225 DG  Z "C5'" 1 
ATOM   1379 C "C4'" . DG  C 3 12  ? 20.168  7.529   -7.257  1.00 87.48  ? 225 DG  Z "C4'" 1 
ATOM   1380 O "O4'" . DG  C 3 12  ? 20.619  7.808   -5.904  1.00 87.49  ? 225 DG  Z "O4'" 1 
ATOM   1381 C "C3'" . DG  C 3 12  ? 21.428  7.554   -8.115  1.00 88.03  ? 225 DG  Z "C3'" 1 
ATOM   1382 O "O3'" . DG  C 3 12  ? 21.610  8.843   -8.696  1.00 89.52  ? 225 DG  Z "O3'" 1 
ATOM   1383 C "C2'" . DG  C 3 12  ? 22.523  7.209   -7.106  1.00 85.63  ? 225 DG  Z "C2'" 1 
ATOM   1384 C "C1'" . DG  C 3 12  ? 22.014  8.032   -5.932  1.00 86.04  ? 225 DG  Z "C1'" 1 
ATOM   1385 N N9    . DG  C 3 12  ? 22.619  7.743   -4.632  1.00 83.85  ? 225 DG  Z N9    1 
ATOM   1386 C C8    . DG  C 3 12  ? 23.085  6.539   -4.160  1.00 82.41  ? 225 DG  Z C8    1 
ATOM   1387 N N7    . DG  C 3 12  ? 23.586  6.618   -2.954  1.00 81.79  ? 225 DG  Z N7    1 
ATOM   1388 C C5    . DG  C 3 12  ? 23.445  7.958   -2.606  1.00 80.75  ? 225 DG  Z C5    1 
ATOM   1389 C C6    . DG  C 3 12  ? 23.803  8.651   -1.415  1.00 79.96  ? 225 DG  Z C6    1 
ATOM   1390 O O6    . DG  C 3 12  ? 24.334  8.208   -0.388  1.00 74.39  ? 225 DG  Z O6    1 
ATOM   1391 N N1    . DG  C 3 12  ? 23.492  10.008  -1.484  1.00 81.13  ? 225 DG  Z N1    1 
ATOM   1392 C C2    . DG  C 3 12  ? 22.903  10.612  -2.571  1.00 81.49  ? 225 DG  Z C2    1 
ATOM   1393 N N2    . DG  C 3 12  ? 22.674  11.928  -2.463  1.00 83.62  ? 225 DG  Z N2    1 
ATOM   1394 N N3    . DG  C 3 12  ? 22.562  9.979   -3.687  1.00 81.28  ? 225 DG  Z N3    1 
ATOM   1395 C C4    . DG  C 3 12  ? 22.857  8.659   -3.633  1.00 81.26  ? 225 DG  Z C4    1 
ATOM   1396 P P     . DG  C 3 13  ? 22.549  9.017   -9.982  1.00 92.37  ? 226 DG  Z P     1 
ATOM   1397 O OP1   . DG  C 3 13  ? 21.721  9.568   -11.082 1.00 93.63  ? 226 DG  Z OP1   1 
ATOM   1398 O OP2   . DG  C 3 13  ? 23.294  7.754   -10.193 1.00 92.91  ? 226 DG  Z OP2   1 
ATOM   1399 O "O5'" . DG  C 3 13  ? 23.602  10.128  -9.523  1.00 91.53  ? 226 DG  Z "O5'" 1 
ATOM   1400 C "C5'" . DG  C 3 13  ? 23.539  10.620  -8.205  1.00 92.29  ? 226 DG  Z "C5'" 1 
ATOM   1401 C "C4'" . DG  C 3 13  ? 23.629  12.133  -8.173  1.00 93.66  ? 226 DG  Z "C4'" 1 
ATOM   1402 O "O4'" . DG  C 3 13  ? 23.951  12.488  -6.812  1.00 93.60  ? 226 DG  Z "O4'" 1 
ATOM   1403 C "C3'" . DG  C 3 13  ? 24.806  12.728  -8.934  1.00 96.77  ? 226 DG  Z "C3'" 1 
ATOM   1404 O "O3'" . DG  C 3 13  ? 24.786  14.159  -8.851  1.00 99.89  ? 226 DG  Z "O3'" 1 
ATOM   1405 C "C2'" . DG  C 3 13  ? 25.943  12.180  -8.088  1.00 95.67  ? 226 DG  Z "C2'" 1 
ATOM   1406 C "C1'" . DG  C 3 13  ? 25.357  12.404  -6.694  1.00 94.01  ? 226 DG  Z "C1'" 1 
ATOM   1407 N N9    . DG  C 3 13  ? 25.668  11.320  -5.785  1.00 90.56  ? 226 DG  Z N9    1 
ATOM   1408 C C8    . DG  C 3 13  ? 25.686  9.969   -6.038  1.00 89.67  ? 226 DG  Z C8    1 
ATOM   1409 N N7    . DG  C 3 13  ? 26.015  9.257   -4.997  1.00 88.22  ? 226 DG  Z N7    1 
ATOM   1410 C C5    . DG  C 3 13  ? 26.223  10.213  -4.010  1.00 87.94  ? 226 DG  Z C5    1 
ATOM   1411 C C6    . DG  C 3 13  ? 26.600  10.050  -2.669  1.00 87.89  ? 226 DG  Z C6    1 
ATOM   1412 O O6    . DG  C 3 13  ? 26.827  8.971   -2.103  1.00 88.19  ? 226 DG  Z O6    1 
ATOM   1413 N N1    . DG  C 3 13  ? 26.703  11.283  -2.005  1.00 87.25  ? 226 DG  Z N1    1 
ATOM   1414 C C2    . DG  C 3 13  ? 26.466  12.518  -2.577  1.00 84.42  ? 226 DG  Z C2    1 
ATOM   1415 N N2    . DG  C 3 13  ? 26.603  13.604  -1.802  1.00 82.53  ? 226 DG  Z N2    1 
ATOM   1416 N N3    . DG  C 3 13  ? 26.108  12.677  -3.838  1.00 86.25  ? 226 DG  Z N3    1 
ATOM   1417 C C4    . DG  C 3 13  ? 26.015  11.485  -4.478  1.00 88.45  ? 226 DG  Z C4    1 
HETATM 1418 C C10   . PBO D 4 .   ? 3.628   1.492   -7.183  1.00 61.98  ? 200 PBO Y C10   1 
HETATM 1419 C C11   . PBO D 4 .   ? 2.675   1.553   -8.386  1.00 65.21  ? 200 PBO Y C11   1 
HETATM 1420 C C12   . PBO D 4 .   ? 2.952   2.661   -9.415  1.00 65.77  ? 200 PBO Y C12   1 
HETATM 1421 C C13   . PBO D 4 .   ? 2.593   2.190   -10.818 1.00 65.67  ? 200 PBO Y C13   1 
HETATM 1422 C C14   . PBO D 4 .   ? 1.451   2.767   -11.608 1.00 67.52  ? 200 PBO Y C14   1 
HETATM 1423 C C15   . PBO D 4 .   ? 0.999   4.072   -11.394 1.00 68.70  ? 200 PBO Y C15   1 
HETATM 1424 C C16   . PBO D 4 .   ? -0.064  4.545   -12.165 1.00 69.54  ? 200 PBO Y C16   1 
HETATM 1425 C C17   . PBO D 4 .   ? -0.640  3.713   -13.127 1.00 68.24  ? 200 PBO Y C17   1 
HETATM 1426 N "N1'" . PBO D 4 .   ? -0.178  2.461   -13.314 1.00 65.90  ? 200 PBO Y "N1'" 1 
HETATM 1427 C C18   . PBO D 4 .   ? 0.838   1.978   -12.589 1.00 64.49  ? 200 PBO Y C18   1 
HETATM 1428 O O13   . PBO D 4 .   ? 3.250   1.309   -11.349 1.00 67.66  ? 200 PBO Y O13   1 
HETATM 1429 O O     . HOH E 5 .   ? 18.847  -11.388 9.135   1.00 87.99  ? 301 HOH X O     1 
HETATM 1430 O O     . HOH E 5 .   ? -14.894 10.694  -5.893  1.00 82.88  ? 302 HOH X O     1 
# 
